data_6Z7W
#
_entry.id   6Z7W
#
_cell.length_a   50.230
_cell.length_b   216.610
_cell.length_c   101.090
_cell.angle_alpha   90.000
_cell.angle_beta   103.840
_cell.angle_gamma   90.000
#
_symmetry.space_group_name_H-M   'P 1 21 1'
#
loop_
_entity.id
_entity.type
_entity.pdbx_description
1 polymer 'MAb 6H10 light chain'
2 polymer 'HUI-018 Fab Heavy Chain'
3 polymer Insulin
4 polymer Insulin
5 water water
#
loop_
_entity_poly.entity_id
_entity_poly.type
_entity_poly.pdbx_seq_one_letter_code
_entity_poly.pdbx_strand_id
1 'polypeptide(L)'
;DIVMTQSQKFMSTSVGDRVSITCKASQNVRTAVAWYQQRPGQSPKALIYLASNRHTGVPDRFTGSGSGTDFTLTITNVQS
EDLADYFCLQHWNYPLTFGSGTKLEIKRADAAPTVSIFPPSSEQLTSGGASVVCFLNNFYPKDINVKWKIDGSERQNGVL
NSWTDQDSKDSTYSMSSTLTLTKDEYERHNSYTCEATHKTSTSPIVKSFNRNEC
;
A,C,E,G
2 'polypeptide(L)'
;QVQLQQSGAELVRPGTSVKVSCKASGYAFTNHLIEWVNQRPGQGLEWIGVINPGSGGTKYNEKFKGKATLTADKSSSTAY
MQLSRLTSDDSAVYFCARSSEFITTVAADYWGQGTTLTVSSAKTTPPSVYPLAPGSAAQTNSMVTLGCLVKGYFPEPVTV
TWNSGSLSSGVHTFPAVLQSDLYTLSSSVTVPSSTWPSETVTCNVAHPASSTKVDKKIVPRDCG
;
B,D,F,H
3 'polypeptide(L)' GIVEQCCTSICSLYQLENYCN I,K,M,O
4 'polypeptide(L)' FVNQHLCGSHLVEALYLVCGERGFFYTPKT J,L,N,P
#
# COMPACT_ATOMS: atom_id res chain seq x y z
N ASP A 1 30.74 -4.53 -4.60
CA ASP A 1 29.80 -5.59 -4.30
C ASP A 1 28.65 -5.00 -3.50
N ILE A 2 27.42 -5.38 -3.85
CA ILE A 2 26.23 -4.91 -3.15
C ILE A 2 26.09 -5.68 -1.84
N VAL A 3 25.80 -4.99 -0.76
CA VAL A 3 25.55 -5.65 0.51
C VAL A 3 24.05 -5.67 0.73
N MET A 4 23.52 -6.83 1.08
CA MET A 4 22.11 -6.98 1.39
C MET A 4 22.01 -7.15 2.90
N THR A 5 21.49 -6.13 3.57
CA THR A 5 21.47 -6.08 5.03
C THR A 5 20.12 -6.53 5.61
N GLN A 6 20.13 -7.66 6.32
CA GLN A 6 18.97 -8.07 7.11
C GLN A 6 19.25 -7.68 8.57
N SER A 7 18.73 -6.53 8.97
CA SER A 7 19.10 -5.91 10.24
C SER A 7 18.77 -6.78 11.44
N GLN A 8 17.91 -7.78 11.28
CA GLN A 8 17.44 -8.58 12.40
C GLN A 8 17.89 -10.01 12.17
N LYS A 9 18.89 -10.45 12.93
CA LYS A 9 19.43 -11.80 12.77
C LYS A 9 18.52 -12.86 13.43
N PHE A 10 17.70 -12.46 14.40
CA PHE A 10 16.72 -13.34 15.02
C PHE A 10 15.39 -12.62 15.18
N MET A 11 14.32 -13.38 15.04
CA MET A 11 12.96 -12.86 15.17
C MET A 11 12.09 -13.91 15.85
N SER A 12 11.55 -13.56 17.02
CA SER A 12 10.61 -14.39 17.76
C SER A 12 9.16 -14.04 17.39
N THR A 13 8.31 -15.04 17.42
CA THR A 13 6.92 -14.88 17.05
C THR A 13 6.12 -16.02 17.66
N SER A 14 4.79 -15.88 17.64
CA SER A 14 3.90 -16.97 18.04
C SER A 14 3.09 -17.40 16.83
N VAL A 15 2.76 -18.71 16.76
CA VAL A 15 2.03 -19.22 15.62
C VAL A 15 0.72 -18.46 15.44
N GLY A 16 0.50 -17.91 14.24
CA GLY A 16 -0.70 -17.15 13.97
C GLY A 16 -0.55 -15.65 13.98
N ASP A 17 0.57 -15.13 14.51
CA ASP A 17 0.87 -13.70 14.49
C ASP A 17 1.42 -13.29 13.11
N ARG A 18 1.74 -12.00 12.97
CA ARG A 18 2.27 -11.44 11.73
C ARG A 18 3.72 -11.01 11.95
N VAL A 19 4.60 -11.38 11.02
CA VAL A 19 6.01 -11.02 11.08
C VAL A 19 6.40 -10.31 9.79
N SER A 20 7.35 -9.40 9.90
CA SER A 20 7.84 -8.62 8.76
C SER A 20 9.37 -8.59 8.80
N ILE A 21 10.00 -9.26 7.85
CA ILE A 21 11.47 -9.36 7.76
C ILE A 21 11.99 -8.35 6.74
N THR A 22 12.88 -7.45 7.17
CA THR A 22 13.39 -6.41 6.27
C THR A 22 14.70 -6.87 5.61
N CYS A 23 15.05 -6.17 4.53
CA CYS A 23 16.27 -6.37 3.76
C CYS A 23 16.52 -5.07 3.00
N LYS A 24 17.61 -4.39 3.30
CA LYS A 24 17.96 -3.14 2.63
C LYS A 24 19.18 -3.37 1.76
N ALA A 25 19.10 -2.96 0.51
CA ALA A 25 20.23 -3.02 -0.37
C ALA A 25 21.14 -1.82 -0.13
N SER A 26 22.44 -2.02 -0.39
CA SER A 26 23.41 -0.94 -0.26
C SER A 26 23.29 0.06 -1.40
N GLN A 27 22.78 -0.37 -2.55
CA GLN A 27 22.52 0.52 -3.68
C GLN A 27 21.22 0.10 -4.33
N ASN A 28 20.82 0.81 -5.37
CA ASN A 28 19.55 0.53 -6.03
C ASN A 28 19.60 -0.79 -6.81
N VAL A 29 18.69 -1.71 -6.49
CA VAL A 29 18.67 -3.00 -7.17
C VAL A 29 17.35 -3.26 -7.90
N ARG A 30 16.52 -2.22 -8.13
CA ARG A 30 15.26 -2.31 -8.89
C ARG A 30 14.33 -3.31 -8.21
N THR A 31 13.91 -4.38 -8.90
CA THR A 31 13.14 -5.44 -8.27
C THR A 31 13.79 -6.80 -8.43
N ALA A 32 15.09 -6.81 -8.75
CA ALA A 32 15.83 -8.07 -8.86
C ALA A 32 16.29 -8.56 -7.48
N VAL A 33 15.31 -8.91 -6.64
CA VAL A 33 15.59 -9.50 -5.33
C VAL A 33 14.78 -10.77 -5.18
N ALA A 34 15.35 -11.75 -4.48
CA ALA A 34 14.75 -13.05 -4.27
C ALA A 34 14.74 -13.36 -2.78
N TRP A 35 13.81 -14.23 -2.37
CA TRP A 35 13.69 -14.66 -0.98
C TRP A 35 13.72 -16.19 -0.93
N TYR A 36 14.49 -16.75 -0.01
CA TYR A 36 14.61 -18.18 0.10
C TYR A 36 14.29 -18.60 1.52
N GLN A 37 13.83 -19.84 1.64
CA GLN A 37 13.59 -20.44 2.93
C GLN A 37 14.55 -21.62 3.08
N GLN A 38 15.11 -21.79 4.28
CA GLN A 38 15.99 -22.92 4.54
C GLN A 38 15.59 -23.52 5.88
N ARG A 39 15.03 -24.71 5.86
CA ARG A 39 14.81 -25.46 7.09
C ARG A 39 16.10 -26.20 7.49
N PRO A 40 16.27 -26.48 8.78
CA PRO A 40 17.51 -27.12 9.25
C PRO A 40 17.74 -28.47 8.59
N GLY A 41 18.95 -28.67 8.09
CA GLY A 41 19.30 -29.90 7.40
C GLY A 41 18.75 -30.02 6.00
N GLN A 42 18.27 -28.92 5.40
CA GLN A 42 17.67 -28.95 4.07
C GLN A 42 18.36 -27.94 3.18
N SER A 43 18.18 -28.12 1.87
CA SER A 43 18.59 -27.09 0.95
C SER A 43 17.67 -25.89 1.07
N PRO A 44 18.12 -24.71 0.67
CA PRO A 44 17.20 -23.59 0.53
C PRO A 44 16.08 -23.92 -0.46
N LYS A 45 14.95 -23.25 -0.29
CA LYS A 45 13.84 -23.35 -1.22
C LYS A 45 13.36 -21.95 -1.56
N ALA A 46 13.10 -21.72 -2.85
CA ALA A 46 12.73 -20.40 -3.35
C ALA A 46 11.29 -20.06 -3.01
N LEU A 47 11.05 -18.79 -2.66
CA LEU A 47 9.76 -18.27 -2.20
C LEU A 47 9.25 -17.13 -3.06
N ILE A 48 10.01 -16.06 -3.18
CA ILE A 48 9.60 -14.84 -3.86
C ILE A 48 10.63 -14.58 -4.95
N TYR A 49 10.16 -14.16 -6.13
CA TYR A 49 11.04 -13.78 -7.23
C TYR A 49 10.61 -12.43 -7.75
N LEU A 50 11.56 -11.70 -8.31
CA LEU A 50 11.35 -10.32 -8.73
C LEU A 50 10.57 -9.49 -7.69
N ALA A 51 11.06 -9.55 -6.44
CA ALA A 51 10.59 -8.70 -5.32
C ALA A 51 9.21 -9.05 -4.75
N SER A 52 8.22 -9.39 -5.61
CA SER A 52 6.86 -9.51 -5.11
C SER A 52 6.07 -10.71 -5.62
N ASN A 53 6.67 -11.61 -6.40
CA ASN A 53 5.93 -12.70 -7.01
C ASN A 53 6.18 -14.01 -6.26
N ARG A 54 5.09 -14.70 -5.93
CA ARG A 54 5.16 -16.00 -5.27
C ARG A 54 5.55 -17.06 -6.31
N HIS A 55 6.48 -17.94 -5.95
CA HIS A 55 6.80 -19.10 -6.78
C HIS A 55 5.67 -20.10 -6.72
N THR A 56 5.55 -20.92 -7.76
CA THR A 56 4.39 -21.81 -7.80
C THR A 56 4.47 -22.84 -6.67
N GLY A 57 3.35 -23.01 -5.94
CA GLY A 57 3.24 -23.93 -4.81
C GLY A 57 3.48 -23.34 -3.44
N VAL A 58 4.08 -22.15 -3.35
CA VAL A 58 4.37 -21.54 -2.04
C VAL A 58 3.10 -20.91 -1.49
N PRO A 59 2.77 -21.18 -0.22
CA PRO A 59 1.51 -20.67 0.35
C PRO A 59 1.37 -19.15 0.26
N ASP A 60 0.10 -18.71 0.21
CA ASP A 60 -0.27 -17.31 0.03
C ASP A 60 -0.03 -16.45 1.27
N ARG A 61 0.23 -17.03 2.44
CA ARG A 61 0.54 -16.20 3.61
C ARG A 61 1.87 -15.46 3.41
N PHE A 62 2.77 -15.99 2.58
CA PHE A 62 4.05 -15.35 2.25
C PHE A 62 3.82 -14.23 1.24
N THR A 63 4.34 -13.03 1.51
CA THR A 63 4.18 -11.90 0.59
C THR A 63 5.44 -11.03 0.53
N GLY A 64 5.99 -10.86 -0.67
CA GLY A 64 7.18 -10.05 -0.87
C GLY A 64 6.83 -8.71 -1.49
N SER A 65 7.49 -7.66 -1.02
CA SER A 65 7.21 -6.32 -1.50
C SER A 65 8.49 -5.51 -1.48
N GLY A 66 8.47 -4.41 -2.22
CA GLY A 66 9.55 -3.45 -2.19
C GLY A 66 10.09 -3.12 -3.56
N SER A 67 10.78 -1.99 -3.63
CA SER A 67 11.40 -1.53 -4.87
C SER A 67 12.38 -0.43 -4.53
N GLY A 68 13.57 -0.53 -5.13
CA GLY A 68 14.64 0.42 -4.86
C GLY A 68 15.65 -0.24 -3.94
N THR A 69 15.49 -0.01 -2.63
CA THR A 69 16.41 -0.52 -1.62
C THR A 69 15.71 -1.27 -0.51
N ASP A 70 14.53 -0.84 -0.08
CA ASP A 70 13.91 -1.43 1.10
C ASP A 70 12.98 -2.53 0.64
N PHE A 71 13.36 -3.78 0.91
CA PHE A 71 12.57 -4.93 0.53
C PHE A 71 12.05 -5.65 1.77
N THR A 72 10.93 -6.35 1.60
CA THR A 72 10.24 -6.91 2.74
C THR A 72 9.60 -8.24 2.37
N LEU A 73 9.69 -9.21 3.27
CA LEU A 73 8.95 -10.46 3.21
C LEU A 73 8.02 -10.53 4.43
N THR A 74 6.71 -10.45 4.19
CA THR A 74 5.71 -10.45 5.27
C THR A 74 4.99 -11.79 5.27
N ILE A 75 4.98 -12.44 6.43
CA ILE A 75 4.26 -13.68 6.67
C ILE A 75 3.08 -13.36 7.59
N THR A 76 1.86 -13.52 7.08
CA THR A 76 0.65 -13.40 7.90
C THR A 76 0.31 -14.78 8.44
N ASN A 77 -0.14 -14.81 9.70
CA ASN A 77 -0.61 -16.04 10.33
C ASN A 77 0.49 -17.11 10.28
N VAL A 78 1.63 -16.76 10.88
CA VAL A 78 2.81 -17.64 10.81
C VAL A 78 2.44 -19.00 11.35
N GLN A 79 2.82 -20.04 10.61
CA GLN A 79 2.63 -21.41 11.04
C GLN A 79 3.95 -22.03 11.52
N SER A 80 3.81 -23.21 12.14
CA SER A 80 4.97 -23.89 12.72
C SER A 80 5.96 -24.35 11.67
N GLU A 81 5.48 -24.72 10.48
CA GLU A 81 6.37 -25.14 9.40
C GLU A 81 7.13 -23.95 8.79
N ASP A 82 6.83 -22.72 9.22
CA ASP A 82 7.53 -21.52 8.78
C ASP A 82 8.74 -21.19 9.65
N LEU A 83 9.01 -21.97 10.71
CA LEU A 83 10.15 -21.71 11.58
C LEU A 83 11.43 -22.15 10.89
N ALA A 84 12.25 -21.17 10.48
CA ALA A 84 13.34 -21.45 9.56
C ALA A 84 14.19 -20.22 9.32
N ASP A 85 15.19 -20.33 8.45
CA ASP A 85 15.99 -19.19 8.06
C ASP A 85 15.42 -18.59 6.77
N TYR A 86 15.46 -17.27 6.68
CA TYR A 86 15.04 -16.55 5.49
C TYR A 86 16.20 -15.66 5.04
N PHE A 87 16.57 -15.78 3.77
CA PHE A 87 17.64 -15.03 3.16
C PHE A 87 17.04 -14.23 2.01
N CYS A 88 17.37 -12.94 1.92
CA CYS A 88 17.16 -12.23 0.66
C CYS A 88 18.42 -12.39 -0.18
N LEU A 89 18.32 -11.96 -1.45
CA LEU A 89 19.42 -11.98 -2.42
C LEU A 89 19.13 -10.94 -3.50
N GLN A 90 20.19 -10.30 -4.00
CA GLN A 90 20.04 -9.42 -5.15
C GLN A 90 20.74 -10.06 -6.36
N HIS A 91 20.09 -9.95 -7.53
CA HIS A 91 20.70 -10.43 -8.78
C HIS A 91 20.67 -9.32 -9.83
N TRP A 92 20.67 -8.06 -9.38
CA TRP A 92 20.74 -6.94 -10.30
C TRP A 92 22.11 -6.85 -10.97
N ASN A 93 23.18 -7.11 -10.23
CA ASN A 93 24.50 -7.06 -10.81
C ASN A 93 25.43 -8.01 -10.05
N TYR A 94 26.47 -8.49 -10.76
CA TYR A 94 27.36 -9.49 -10.21
C TYR A 94 28.40 -8.84 -9.29
N PRO A 95 28.87 -9.57 -8.27
CA PRO A 95 28.43 -10.93 -7.95
C PRO A 95 27.03 -10.89 -7.31
N LEU A 96 26.21 -11.93 -7.43
CA LEU A 96 24.98 -11.99 -6.65
C LEU A 96 25.32 -12.07 -5.16
N THR A 97 24.58 -11.35 -4.34
CA THR A 97 24.91 -11.36 -2.93
C THR A 97 23.66 -11.64 -2.10
N PHE A 98 23.83 -12.42 -1.04
CA PHE A 98 22.76 -12.76 -0.11
C PHE A 98 22.81 -11.85 1.11
N GLY A 99 21.64 -11.62 1.70
CA GLY A 99 21.61 -11.11 3.05
C GLY A 99 22.13 -12.15 4.00
N SER A 100 22.48 -11.72 5.21
CA SER A 100 23.11 -12.68 6.10
C SER A 100 22.09 -13.42 6.94
N GLY A 101 20.80 -13.23 6.69
CA GLY A 101 19.79 -14.19 7.13
C GLY A 101 19.05 -13.79 8.40
N THR A 102 17.79 -14.20 8.48
CA THR A 102 16.95 -13.99 9.66
C THR A 102 16.37 -15.34 10.11
N LYS A 103 16.67 -15.74 11.33
CA LYS A 103 16.16 -16.98 11.89
C LYS A 103 14.86 -16.69 12.64
N LEU A 104 13.80 -17.37 12.24
CA LEU A 104 12.46 -17.17 12.79
C LEU A 104 12.24 -18.22 13.86
N GLU A 105 11.97 -17.77 15.08
CA GLU A 105 11.91 -18.66 16.23
C GLU A 105 10.61 -18.48 17.01
N ILE A 106 10.22 -19.56 17.71
CA ILE A 106 9.00 -19.53 18.51
C ILE A 106 9.27 -18.83 19.84
N LYS A 107 8.34 -17.97 20.23
CA LYS A 107 8.44 -17.21 21.47
C LYS A 107 7.83 -18.01 22.62
N ARG A 108 8.30 -17.73 23.84
CA ARG A 108 7.87 -18.48 25.03
C ARG A 108 8.27 -17.71 26.27
N ALA A 109 7.83 -18.22 27.42
CA ALA A 109 8.13 -17.63 28.71
C ALA A 109 9.61 -17.80 29.07
N ASP A 110 10.17 -16.77 29.72
CA ASP A 110 11.56 -16.76 30.15
C ASP A 110 11.88 -17.94 31.06
N ALA A 111 13.08 -18.51 30.88
CA ALA A 111 13.50 -19.65 31.68
C ALA A 111 14.95 -19.45 32.12
N ALA A 112 15.21 -19.63 33.39
CA ALA A 112 16.57 -19.44 33.82
C ALA A 112 17.38 -20.70 33.51
N PRO A 113 18.70 -20.58 33.33
CA PRO A 113 19.50 -21.76 33.02
C PRO A 113 19.71 -22.64 34.25
N THR A 114 19.63 -23.96 34.05
CA THR A 114 20.10 -24.93 35.03
C THR A 114 21.59 -25.17 34.80
N VAL A 115 22.42 -24.75 35.76
CA VAL A 115 23.87 -24.75 35.61
C VAL A 115 24.49 -25.92 36.34
N SER A 116 25.34 -26.68 35.65
CA SER A 116 26.00 -27.86 36.20
C SER A 116 27.50 -27.79 35.93
N ILE A 117 28.33 -27.98 36.96
CA ILE A 117 29.77 -28.05 36.77
C ILE A 117 30.23 -29.48 37.01
N PHE A 118 31.23 -29.91 36.23
CA PHE A 118 31.80 -31.27 36.34
C PHE A 118 33.33 -31.21 36.31
N PRO A 119 34.00 -31.77 37.32
CA PRO A 119 35.46 -31.84 37.30
C PRO A 119 35.95 -32.76 36.21
N PRO A 120 37.20 -32.61 35.77
CA PRO A 120 37.75 -33.56 34.80
C PRO A 120 37.84 -34.94 35.43
N SER A 121 37.65 -35.95 34.60
CA SER A 121 37.67 -37.31 35.12
C SER A 121 39.11 -37.78 35.30
N SER A 122 39.25 -38.80 36.17
CA SER A 122 40.55 -39.41 36.37
C SER A 122 40.97 -40.19 35.13
N GLU A 123 40.00 -40.67 34.36
CA GLU A 123 40.31 -41.23 33.04
C GLU A 123 41.12 -40.23 32.22
N GLN A 124 40.65 -38.97 32.17
CA GLN A 124 41.33 -37.98 31.34
C GLN A 124 42.62 -37.51 31.97
N LEU A 125 42.64 -37.38 33.31
CA LEU A 125 43.83 -36.88 33.99
C LEU A 125 45.04 -37.75 33.69
N THR A 126 44.85 -39.08 33.60
CA THR A 126 45.94 -39.99 33.28
C THR A 126 46.47 -39.80 31.86
N SER A 127 45.80 -39.01 31.02
CA SER A 127 46.30 -38.69 29.70
C SER A 127 46.96 -37.31 29.63
N GLY A 128 47.17 -36.65 30.77
CA GLY A 128 47.93 -35.43 30.75
C GLY A 128 47.10 -34.19 30.49
N GLY A 129 45.79 -34.34 30.28
CA GLY A 129 44.85 -33.25 30.05
C GLY A 129 43.75 -33.19 31.11
N ALA A 130 43.08 -32.05 31.21
CA ALA A 130 42.05 -31.84 32.20
C ALA A 130 40.98 -30.90 31.63
N SER A 131 39.83 -31.45 31.27
CA SER A 131 38.72 -30.66 30.74
C SER A 131 37.71 -30.46 31.86
N VAL A 132 37.47 -29.20 32.23
CA VAL A 132 36.40 -28.83 33.14
C VAL A 132 35.19 -28.40 32.30
N VAL A 133 34.02 -29.00 32.57
CA VAL A 133 32.83 -28.78 31.76
C VAL A 133 31.72 -28.14 32.58
N CYS A 134 31.04 -27.19 31.95
CA CYS A 134 29.88 -26.56 32.54
C CYS A 134 28.69 -26.61 31.56
N PHE A 135 27.56 -27.14 32.01
CA PHE A 135 26.34 -27.10 31.20
C PHE A 135 25.48 -25.93 31.66
N LEU A 136 24.91 -25.21 30.69
CA LEU A 136 23.93 -24.15 30.95
C LEU A 136 22.69 -24.56 30.15
N ASN A 137 21.72 -25.15 30.83
CA ASN A 137 20.69 -25.92 30.16
C ASN A 137 19.32 -25.29 30.30
N ASN A 138 18.58 -25.32 29.19
CA ASN A 138 17.12 -25.12 29.14
C ASN A 138 16.68 -23.73 29.61
N PHE A 139 17.34 -22.71 29.06
CA PHE A 139 17.00 -21.33 29.35
C PHE A 139 16.40 -20.65 28.12
N TYR A 140 15.80 -19.47 28.37
CA TYR A 140 15.12 -18.66 27.37
C TYR A 140 15.01 -17.25 27.94
N PRO A 141 15.28 -16.19 27.15
CA PRO A 141 15.74 -16.09 25.75
C PRO A 141 17.21 -16.55 25.50
N LYS A 142 17.70 -16.45 24.25
CA LYS A 142 18.96 -17.11 23.91
C LYS A 142 20.21 -16.45 24.54
N ASP A 143 20.15 -15.17 24.89
CA ASP A 143 21.36 -14.44 25.31
C ASP A 143 21.82 -14.85 26.70
N ILE A 144 23.13 -15.04 26.85
CA ILE A 144 23.69 -15.55 28.09
C ILE A 144 25.18 -15.27 28.10
N ASN A 145 25.71 -14.95 29.27
CA ASN A 145 27.15 -14.78 29.48
C ASN A 145 27.66 -15.91 30.36
N VAL A 146 28.85 -16.43 30.05
CA VAL A 146 29.49 -17.42 30.88
C VAL A 146 30.87 -16.89 31.29
N LYS A 147 31.21 -17.09 32.55
CA LYS A 147 32.48 -16.60 33.06
C LYS A 147 33.07 -17.68 33.94
N TRP A 148 34.34 -18.01 33.70
CA TRP A 148 35.08 -18.95 34.53
C TRP A 148 36.03 -18.18 35.44
N LYS A 149 36.15 -18.64 36.68
CA LYS A 149 37.11 -18.10 37.64
C LYS A 149 37.89 -19.25 38.26
N ILE A 150 39.21 -19.21 38.14
CA ILE A 150 40.09 -20.17 38.79
C ILE A 150 40.83 -19.45 39.93
N ASP A 151 40.58 -19.89 41.16
CA ASP A 151 41.13 -19.26 42.38
C ASP A 151 40.85 -17.76 42.40
N GLY A 152 39.63 -17.38 41.98
CA GLY A 152 39.17 -16.02 41.93
C GLY A 152 39.58 -15.15 40.74
N SER A 153 40.46 -15.59 39.84
CA SER A 153 40.81 -14.76 38.70
C SER A 153 40.05 -15.19 37.46
N GLU A 154 39.48 -14.21 36.76
CA GLU A 154 38.78 -14.49 35.53
C GLU A 154 39.72 -15.19 34.56
N ARG A 155 39.32 -16.39 34.12
CA ARG A 155 40.06 -17.22 33.19
C ARG A 155 39.34 -17.31 31.86
N GLN A 156 39.98 -16.83 30.80
CA GLN A 156 39.40 -16.78 29.47
C GLN A 156 40.11 -17.68 28.46
N ASN A 157 41.29 -18.19 28.84
CA ASN A 157 42.16 -18.93 27.94
C ASN A 157 41.90 -20.41 28.16
N GLY A 158 41.65 -21.12 27.06
CA GLY A 158 41.22 -22.51 27.12
C GLY A 158 39.72 -22.73 27.18
N VAL A 159 38.90 -21.69 26.99
CA VAL A 159 37.45 -21.81 27.11
C VAL A 159 36.84 -21.89 25.72
N LEU A 160 36.09 -22.96 25.47
CA LEU A 160 35.40 -23.20 24.21
C LEU A 160 33.91 -23.37 24.47
N ASN A 161 33.08 -22.57 23.82
CA ASN A 161 31.65 -22.61 24.04
C ASN A 161 30.92 -23.27 22.88
N SER A 162 29.76 -23.85 23.19
CA SER A 162 28.95 -24.52 22.19
C SER A 162 27.48 -24.29 22.52
N TRP A 163 26.72 -23.85 21.51
CA TRP A 163 25.31 -23.51 21.64
C TRP A 163 24.44 -24.44 20.81
N THR A 164 23.31 -24.88 21.36
CA THR A 164 22.28 -25.55 20.58
C THR A 164 21.29 -24.51 19.99
N ASP A 165 20.58 -24.93 18.96
CA ASP A 165 19.45 -24.16 18.46
C ASP A 165 18.24 -24.39 19.37
N GLN A 166 17.13 -23.70 19.08
CA GLN A 166 15.94 -23.79 19.91
C GLN A 166 15.39 -25.21 19.92
N ASP A 167 15.01 -25.69 21.13
CA ASP A 167 14.64 -27.10 21.33
C ASP A 167 13.33 -27.42 20.61
N SER A 168 13.36 -28.47 19.79
CA SER A 168 12.16 -28.93 19.07
C SER A 168 10.97 -29.11 20.00
N LYS A 169 11.21 -29.49 21.25
CA LYS A 169 10.10 -29.87 22.12
C LYS A 169 9.72 -28.84 23.18
N ASP A 170 10.66 -28.11 23.78
CA ASP A 170 10.25 -27.18 24.83
C ASP A 170 10.72 -25.75 24.59
N SER A 171 11.34 -25.49 23.44
CA SER A 171 11.55 -24.15 22.93
C SER A 171 12.66 -23.40 23.65
N THR A 172 13.44 -24.08 24.50
CA THR A 172 14.52 -23.42 25.23
C THR A 172 15.86 -23.56 24.49
N TYR A 173 16.89 -22.96 25.07
CA TYR A 173 18.25 -23.03 24.55
C TYR A 173 19.12 -23.73 25.57
N SER A 174 20.29 -24.17 25.12
CA SER A 174 21.29 -24.80 25.99
C SER A 174 22.68 -24.39 25.51
N MET A 175 23.66 -24.64 26.38
CA MET A 175 25.03 -24.18 26.16
C MET A 175 25.99 -24.98 27.05
N SER A 176 27.09 -25.43 26.46
CA SER A 176 28.19 -26.00 27.23
C SER A 176 29.39 -25.08 27.08
N SER A 177 30.11 -24.93 28.17
CA SER A 177 31.33 -24.13 28.24
C SER A 177 32.40 -25.07 28.79
N THR A 178 33.54 -25.17 28.11
CA THR A 178 34.53 -26.17 28.50
C THR A 178 35.91 -25.55 28.58
N LEU A 179 36.51 -25.61 29.76
CA LEU A 179 37.85 -25.13 30.01
C LEU A 179 38.80 -26.30 29.89
N THR A 180 39.74 -26.25 28.93
CA THR A 180 40.64 -27.38 28.72
C THR A 180 42.05 -26.97 29.12
N LEU A 181 42.61 -27.69 30.10
CA LEU A 181 43.93 -27.44 30.66
C LEU A 181 44.82 -28.67 30.58
N THR A 182 46.13 -28.44 30.68
CA THR A 182 47.03 -29.54 30.99
C THR A 182 46.80 -29.99 32.43
N LYS A 183 47.12 -31.25 32.71
CA LYS A 183 46.98 -31.75 34.07
C LYS A 183 47.76 -30.87 35.06
N ASP A 184 49.00 -30.49 34.71
CA ASP A 184 49.83 -29.74 35.66
C ASP A 184 49.23 -28.38 36.00
N GLU A 185 48.65 -27.69 35.01
CA GLU A 185 48.00 -26.42 35.34
C GLU A 185 46.75 -26.65 36.17
N TYR A 186 46.05 -27.74 35.90
CA TYR A 186 44.82 -28.02 36.63
C TYR A 186 45.14 -28.32 38.10
N GLU A 187 46.17 -29.12 38.35
CA GLU A 187 46.56 -29.45 39.72
C GLU A 187 47.32 -28.32 40.38
N ARG A 188 47.51 -27.21 39.69
CA ARG A 188 48.15 -26.04 40.30
C ARG A 188 47.15 -25.15 41.01
N HIS A 189 45.85 -25.44 40.89
CA HIS A 189 44.81 -24.57 41.44
C HIS A 189 43.79 -25.39 42.22
N ASN A 190 42.98 -24.71 43.03
CA ASN A 190 42.05 -25.41 43.90
C ASN A 190 40.59 -25.16 43.55
N SER A 191 40.16 -23.89 43.51
CA SER A 191 38.77 -23.51 43.35
C SER A 191 38.43 -23.21 41.89
N TYR A 192 37.46 -23.95 41.32
CA TYR A 192 36.99 -23.75 39.94
C TYR A 192 35.51 -23.38 39.91
N THR A 193 35.20 -22.29 39.23
CA THR A 193 33.90 -21.63 39.31
C THR A 193 33.38 -21.33 37.91
N CYS A 194 32.12 -21.67 37.68
CA CYS A 194 31.38 -21.36 36.46
C CYS A 194 30.27 -20.38 36.83
N GLU A 195 30.19 -19.25 36.13
CA GLU A 195 29.26 -18.18 36.47
C GLU A 195 28.39 -17.83 35.26
N ALA A 196 27.07 -17.91 35.43
CA ALA A 196 26.14 -17.57 34.36
C ALA A 196 25.34 -16.32 34.70
N THR A 197 25.28 -15.39 33.77
CA THR A 197 24.43 -14.21 33.89
C THR A 197 23.39 -14.23 32.77
N HIS A 198 22.11 -14.32 33.14
CA HIS A 198 20.97 -14.38 32.22
C HIS A 198 19.93 -13.36 32.65
N LYS A 199 19.06 -12.95 31.73
CA LYS A 199 18.17 -11.84 32.08
C LYS A 199 17.17 -12.21 33.18
N THR A 200 16.90 -13.51 33.41
CA THR A 200 15.94 -13.91 34.43
C THR A 200 16.35 -13.53 35.85
N SER A 201 17.59 -13.08 36.08
CA SER A 201 17.92 -12.58 37.42
C SER A 201 19.14 -11.66 37.44
N THR A 202 19.09 -10.64 38.30
CA THR A 202 20.26 -9.82 38.60
C THR A 202 21.36 -10.63 39.27
N SER A 203 21.03 -11.81 39.82
CA SER A 203 22.20 -12.47 40.39
C SER A 203 22.71 -13.57 39.48
N PRO A 204 24.02 -13.68 39.40
CA PRO A 204 24.62 -14.77 38.64
C PRO A 204 24.34 -16.09 39.32
N ILE A 205 24.16 -17.13 38.51
CA ILE A 205 24.15 -18.48 39.06
C ILE A 205 25.58 -18.97 39.18
N VAL A 206 25.98 -19.38 40.37
CA VAL A 206 27.38 -19.70 40.63
C VAL A 206 27.49 -21.15 41.03
N LYS A 207 28.24 -21.92 40.24
CA LYS A 207 28.54 -23.31 40.55
C LYS A 207 30.05 -23.49 40.60
N SER A 208 30.53 -24.19 41.64
CA SER A 208 31.96 -24.32 41.90
C SER A 208 32.27 -25.65 42.55
N PHE A 209 33.54 -26.05 42.50
CA PHE A 209 34.04 -27.17 43.28
C PHE A 209 35.47 -26.86 43.66
N ASN A 210 35.96 -27.47 44.74
CA ASN A 210 37.35 -27.35 45.12
C ASN A 210 38.05 -28.66 44.78
N ARG A 211 39.19 -28.55 44.10
CA ARG A 211 39.89 -29.75 43.62
C ARG A 211 40.37 -30.61 44.77
N ASN A 212 40.75 -30.00 45.90
CA ASN A 212 41.21 -30.76 47.06
C ASN A 212 40.06 -31.40 47.83
N GLU A 213 38.84 -31.36 47.29
CA GLU A 213 37.70 -32.03 47.87
C GLU A 213 37.12 -33.05 46.92
N CYS A 214 37.84 -33.34 45.84
CA CYS A 214 37.56 -34.46 44.93
C CYS A 214 38.60 -35.55 45.08
N GLN B 1 10.00 -32.75 -13.42
CA GLN B 1 9.64 -32.26 -12.10
C GLN B 1 11.02 -31.57 -12.19
N VAL B 2 11.33 -30.46 -11.58
CA VAL B 2 12.72 -30.07 -11.68
C VAL B 2 13.53 -30.76 -10.58
N GLN B 3 14.69 -31.31 -10.92
CA GLN B 3 15.44 -32.10 -9.95
C GLN B 3 16.94 -32.06 -10.24
N LEU B 4 17.74 -31.78 -9.20
CA LEU B 4 19.20 -31.73 -9.30
C LEU B 4 19.84 -32.64 -8.26
N GLN B 5 20.54 -33.69 -8.71
CA GLN B 5 21.14 -34.69 -7.84
C GLN B 5 22.66 -34.50 -7.83
N GLN B 6 23.22 -34.17 -6.67
CA GLN B 6 24.63 -33.84 -6.54
C GLN B 6 25.43 -35.06 -6.12
N SER B 7 26.74 -34.98 -6.35
CA SER B 7 27.63 -36.10 -6.03
C SER B 7 27.83 -36.21 -4.52
N GLY B 8 28.48 -37.29 -4.12
CA GLY B 8 28.62 -37.57 -2.70
C GLY B 8 29.66 -36.70 -1.98
N ALA B 9 29.66 -36.83 -0.65
CA ALA B 9 30.50 -35.98 0.18
C ALA B 9 31.99 -36.22 -0.11
N GLU B 10 32.80 -35.24 0.25
CA GLU B 10 34.21 -35.28 -0.09
C GLU B 10 35.04 -34.92 1.13
N LEU B 11 35.99 -35.78 1.45
CA LEU B 11 36.86 -35.62 2.61
C LEU B 11 38.31 -35.79 2.14
N VAL B 12 39.01 -34.68 1.93
CA VAL B 12 40.33 -34.72 1.31
C VAL B 12 41.28 -33.82 2.09
N ARG B 13 42.58 -33.84 1.67
CA ARG B 13 43.63 -33.11 2.37
C ARG B 13 43.89 -31.77 1.70
N PRO B 14 44.45 -30.81 2.44
CA PRO B 14 44.70 -29.49 1.85
C PRO B 14 45.70 -29.59 0.70
N GLY B 15 45.59 -28.63 -0.20
CA GLY B 15 46.37 -28.59 -1.41
C GLY B 15 45.83 -29.42 -2.56
N THR B 16 44.93 -30.38 -2.31
CA THR B 16 44.43 -31.24 -3.38
C THR B 16 43.38 -30.50 -4.20
N SER B 17 42.73 -31.22 -5.11
CA SER B 17 41.67 -30.67 -5.95
C SER B 17 40.47 -31.60 -5.91
N VAL B 18 39.27 -31.06 -6.11
CA VAL B 18 38.06 -31.86 -6.10
C VAL B 18 37.12 -31.42 -7.21
N LYS B 19 36.28 -32.35 -7.68
CA LYS B 19 35.35 -32.15 -8.79
C LYS B 19 33.97 -32.65 -8.38
N VAL B 20 33.03 -31.72 -8.20
CA VAL B 20 31.68 -32.06 -7.74
C VAL B 20 30.72 -32.06 -8.92
N SER B 21 29.80 -33.04 -8.96
CA SER B 21 28.86 -33.22 -10.05
C SER B 21 27.46 -32.74 -9.66
N CYS B 22 26.70 -32.32 -10.67
CA CYS B 22 25.33 -31.87 -10.44
C CYS B 22 24.54 -32.26 -11.69
N LYS B 23 23.69 -33.28 -11.56
CA LYS B 23 22.95 -33.88 -12.67
C LYS B 23 21.52 -33.34 -12.72
N ALA B 24 21.18 -32.67 -13.83
CA ALA B 24 19.86 -32.09 -13.96
C ALA B 24 18.89 -33.07 -14.63
N SER B 25 17.62 -32.95 -14.28
CA SER B 25 16.57 -33.73 -14.90
C SER B 25 15.23 -33.01 -14.77
N GLY B 26 14.37 -33.20 -15.76
CA GLY B 26 13.04 -32.65 -15.76
C GLY B 26 12.83 -31.35 -16.48
N TYR B 27 13.80 -30.89 -17.28
CA TYR B 27 13.62 -29.66 -18.03
C TYR B 27 14.61 -29.61 -19.19
N ALA B 28 14.47 -28.58 -20.01
CA ALA B 28 15.44 -28.34 -21.08
C ALA B 28 16.75 -27.84 -20.46
N PHE B 29 17.74 -28.72 -20.39
CA PHE B 29 18.96 -28.46 -19.64
C PHE B 29 19.81 -27.34 -20.24
N THR B 30 19.82 -27.19 -21.57
CA THR B 30 20.95 -26.53 -22.22
C THR B 30 21.03 -25.03 -21.94
N ASN B 31 19.90 -24.34 -21.79
CA ASN B 31 19.93 -22.87 -21.72
C ASN B 31 19.63 -22.27 -20.35
N HIS B 32 19.22 -23.07 -19.38
CA HIS B 32 18.99 -22.57 -18.03
C HIS B 32 20.34 -22.39 -17.34
N LEU B 33 20.62 -21.17 -16.84
CA LEU B 33 21.88 -20.93 -16.13
C LEU B 33 21.91 -21.73 -14.84
N ILE B 34 23.07 -22.28 -14.53
CA ILE B 34 23.30 -23.01 -13.29
C ILE B 34 24.26 -22.22 -12.41
N GLU B 35 23.79 -21.80 -11.24
CA GLU B 35 24.58 -21.13 -10.23
C GLU B 35 25.21 -22.15 -9.30
N TRP B 36 26.27 -21.71 -8.60
CA TRP B 36 26.89 -22.51 -7.53
C TRP B 36 27.04 -21.61 -6.32
N VAL B 37 26.70 -22.14 -5.14
CA VAL B 37 26.60 -21.41 -3.88
C VAL B 37 27.18 -22.29 -2.79
N ASN B 38 27.97 -21.71 -1.87
CA ASN B 38 28.47 -22.50 -0.75
C ASN B 38 27.88 -22.06 0.60
N GLN B 39 27.93 -22.95 1.58
CA GLN B 39 27.46 -22.62 2.94
C GLN B 39 28.42 -23.20 3.96
N ARG B 40 29.14 -22.32 4.68
CA ARG B 40 30.08 -22.79 5.70
C ARG B 40 29.31 -23.07 6.99
N PRO B 41 29.82 -24.01 7.83
CA PRO B 41 29.05 -24.45 9.01
C PRO B 41 28.54 -23.27 9.83
N GLY B 42 27.22 -23.21 10.00
CA GLY B 42 26.55 -22.14 10.72
C GLY B 42 26.43 -20.83 9.99
N GLN B 43 26.94 -20.72 8.79
CA GLN B 43 26.91 -19.42 8.18
C GLN B 43 25.81 -19.28 7.12
N GLY B 44 25.80 -18.15 6.46
CA GLY B 44 24.89 -17.93 5.38
C GLY B 44 25.47 -18.48 4.12
N LEU B 45 25.08 -17.88 3.01
CA LEU B 45 25.35 -18.41 1.68
C LEU B 45 26.18 -17.43 0.90
N GLU B 46 27.11 -17.96 0.11
CA GLU B 46 27.95 -17.15 -0.74
C GLU B 46 27.87 -17.65 -2.17
N TRP B 47 27.76 -16.71 -3.11
CA TRP B 47 27.66 -17.05 -4.52
C TRP B 47 29.06 -17.23 -5.10
N ILE B 48 29.27 -18.33 -5.81
CA ILE B 48 30.58 -18.68 -6.40
C ILE B 48 30.66 -18.25 -7.86
N GLY B 49 29.65 -18.61 -8.64
CA GLY B 49 29.69 -18.36 -10.08
C GLY B 49 28.50 -19.00 -10.79
N VAL B 50 28.40 -18.71 -12.08
CA VAL B 50 27.28 -19.18 -12.89
C VAL B 50 27.80 -19.67 -14.24
N ILE B 51 27.15 -20.68 -14.80
CA ILE B 51 27.53 -21.22 -16.10
C ILE B 51 26.29 -21.30 -16.98
N ASN B 52 26.42 -20.86 -18.24
CA ASN B 52 25.46 -21.12 -19.31
C ASN B 52 25.82 -22.47 -19.95
N PRO B 53 25.08 -23.54 -19.63
CA PRO B 53 25.54 -24.89 -20.04
C PRO B 53 25.58 -25.12 -21.55
N GLY B 54 24.68 -24.52 -22.32
CA GLY B 54 24.68 -24.75 -23.75
C GLY B 54 25.86 -24.06 -24.41
N SER B 55 26.02 -22.77 -24.13
CA SER B 55 27.11 -21.97 -24.66
C SER B 55 28.45 -22.19 -23.97
N GLY B 56 28.46 -22.71 -22.75
CA GLY B 56 29.71 -22.81 -22.01
C GLY B 56 30.22 -21.52 -21.38
N GLY B 57 29.49 -20.41 -21.51
CA GLY B 57 29.93 -19.17 -20.87
C GLY B 57 29.86 -19.22 -19.35
N THR B 58 30.74 -18.45 -18.73
CA THR B 58 30.84 -18.41 -17.27
C THR B 58 31.03 -16.97 -16.80
N LYS B 59 30.68 -16.73 -15.53
CA LYS B 59 31.03 -15.52 -14.79
C LYS B 59 31.28 -15.91 -13.35
N TYR B 60 32.38 -15.44 -12.77
CA TYR B 60 32.83 -15.89 -11.44
C TYR B 60 32.74 -14.77 -10.41
N ASN B 61 32.39 -15.14 -9.18
CA ASN B 61 32.70 -14.26 -8.06
C ASN B 61 34.19 -13.98 -8.05
N GLU B 62 34.57 -12.71 -7.92
CA GLU B 62 35.99 -12.40 -7.98
C GLU B 62 36.79 -13.18 -6.95
N LYS B 63 36.23 -13.45 -5.76
CA LYS B 63 36.91 -14.24 -4.74
C LYS B 63 37.14 -15.67 -5.18
N PHE B 64 36.45 -16.16 -6.19
CA PHE B 64 36.61 -17.55 -6.58
C PHE B 64 37.29 -17.72 -7.92
N LYS B 65 37.67 -16.64 -8.60
CA LYS B 65 38.40 -16.72 -9.86
C LYS B 65 39.73 -17.44 -9.67
N GLY B 66 39.97 -18.48 -10.48
CA GLY B 66 41.16 -19.28 -10.33
C GLY B 66 41.13 -20.31 -9.22
N LYS B 67 40.13 -20.30 -8.34
CA LYS B 67 39.88 -21.39 -7.41
C LYS B 67 38.83 -22.35 -7.94
N ALA B 68 37.76 -21.80 -8.50
CA ALA B 68 36.64 -22.56 -9.03
C ALA B 68 36.68 -22.57 -10.55
N THR B 69 36.37 -23.70 -11.14
CA THR B 69 36.28 -23.81 -12.56
C THR B 69 34.96 -24.49 -12.85
N LEU B 70 34.08 -23.81 -13.56
CA LEU B 70 32.79 -24.39 -13.87
C LEU B 70 32.67 -24.89 -15.29
N THR B 71 32.15 -26.10 -15.46
CA THR B 71 31.98 -26.70 -16.78
C THR B 71 30.60 -27.34 -16.95
N ALA B 72 30.30 -27.77 -18.18
CA ALA B 72 29.01 -28.41 -18.41
C ALA B 72 29.19 -29.50 -19.46
N ASP B 73 28.47 -30.59 -19.27
CA ASP B 73 28.47 -31.72 -20.21
C ASP B 73 27.03 -31.86 -20.71
N LYS B 74 26.78 -31.35 -21.92
CA LYS B 74 25.42 -31.32 -22.43
C LYS B 74 24.92 -32.73 -22.71
N SER B 75 25.83 -33.64 -23.11
CA SER B 75 25.49 -35.04 -23.33
C SER B 75 24.75 -35.66 -22.15
N SER B 76 25.36 -35.62 -20.97
CA SER B 76 24.80 -36.23 -19.78
C SER B 76 23.84 -35.31 -19.03
N SER B 77 23.80 -34.03 -19.42
CA SER B 77 22.99 -33.01 -18.74
C SER B 77 23.51 -32.75 -17.32
N THR B 78 24.84 -32.63 -17.20
CA THR B 78 25.54 -32.56 -15.93
C THR B 78 26.35 -31.27 -15.86
N ALA B 79 26.26 -30.56 -14.72
CA ALA B 79 27.13 -29.43 -14.43
C ALA B 79 28.26 -29.85 -13.50
N TYR B 80 29.45 -29.26 -13.68
CA TYR B 80 30.62 -29.60 -12.87
C TYR B 80 31.20 -28.34 -12.23
N MET B 81 31.71 -28.49 -11.00
CA MET B 81 32.49 -27.46 -10.33
C MET B 81 33.75 -28.09 -9.77
N GLN B 82 34.90 -27.60 -10.19
CA GLN B 82 36.20 -28.04 -9.68
C GLN B 82 36.81 -26.96 -8.77
N LEU B 83 37.29 -27.38 -7.60
CA LEU B 83 37.93 -26.48 -6.62
C LEU B 83 39.37 -26.91 -6.34
N SER B 84 40.32 -26.01 -6.62
CA SER B 84 41.73 -26.27 -6.46
C SER B 84 42.28 -25.60 -5.20
N ARG B 85 43.54 -25.92 -4.88
CA ARG B 85 44.28 -25.29 -3.79
C ARG B 85 43.50 -25.37 -2.50
N LEU B 86 42.95 -26.54 -2.20
CA LEU B 86 41.98 -26.60 -1.13
C LEU B 86 42.66 -26.35 0.22
N THR B 87 42.06 -25.48 1.01
CA THR B 87 42.47 -25.21 2.38
C THR B 87 41.31 -25.55 3.29
N SER B 88 41.56 -25.55 4.60
CA SER B 88 40.46 -25.92 5.48
C SER B 88 39.37 -24.86 5.50
N ASP B 89 39.68 -23.63 5.08
CA ASP B 89 38.66 -22.60 4.99
C ASP B 89 37.60 -22.94 3.94
N ASP B 90 37.89 -23.86 3.03
CA ASP B 90 36.95 -24.28 2.00
C ASP B 90 35.99 -25.38 2.47
N SER B 91 36.12 -25.87 3.70
CA SER B 91 35.16 -26.85 4.18
C SER B 91 33.79 -26.21 4.26
N ALA B 92 32.81 -26.83 3.62
CA ALA B 92 31.53 -26.18 3.41
C ALA B 92 30.61 -27.15 2.70
N VAL B 93 29.35 -26.75 2.61
CA VAL B 93 28.36 -27.42 1.80
C VAL B 93 28.21 -26.63 0.51
N TYR B 94 28.32 -27.30 -0.64
CA TYR B 94 28.24 -26.62 -1.93
C TYR B 94 26.95 -27.01 -2.62
N PHE B 95 26.19 -26.00 -3.07
CA PHE B 95 24.92 -26.19 -3.74
C PHE B 95 25.05 -25.77 -5.19
N CYS B 96 24.42 -26.53 -6.08
CA CYS B 96 24.07 -26.04 -7.41
C CYS B 96 22.60 -25.65 -7.43
N ALA B 97 22.25 -24.67 -8.25
CA ALA B 97 20.87 -24.24 -8.31
C ALA B 97 20.58 -23.78 -9.74
N ARG B 98 19.32 -23.92 -10.15
CA ARG B 98 18.91 -23.55 -11.50
C ARG B 98 18.35 -22.13 -11.50
N SER B 99 18.69 -21.36 -12.51
CA SER B 99 18.11 -20.04 -12.69
C SER B 99 17.49 -19.99 -14.08
N SER B 100 17.03 -18.81 -14.48
CA SER B 100 16.30 -18.66 -15.73
C SER B 100 17.23 -18.83 -16.94
N GLU B 101 16.69 -18.60 -18.13
CA GLU B 101 17.36 -18.97 -19.37
C GLU B 101 18.27 -17.83 -19.83
N PHE B 102 19.50 -18.18 -20.21
CA PHE B 102 20.49 -17.28 -20.80
C PHE B 102 20.96 -16.19 -19.84
N ILE B 103 20.02 -15.55 -19.15
CA ILE B 103 20.32 -14.45 -18.25
C ILE B 103 19.42 -14.57 -17.03
N THR B 104 19.89 -14.09 -15.87
CA THR B 104 19.22 -14.31 -14.59
C THR B 104 18.17 -13.25 -14.32
N THR B 105 16.94 -13.49 -14.80
CA THR B 105 15.79 -12.71 -14.34
C THR B 105 15.09 -13.37 -13.17
N VAL B 106 15.28 -14.67 -12.99
CA VAL B 106 14.86 -15.40 -11.82
C VAL B 106 16.04 -16.25 -11.37
N ALA B 107 16.43 -16.14 -10.10
CA ALA B 107 17.65 -16.79 -9.61
C ALA B 107 17.32 -17.95 -8.68
N ALA B 108 17.90 -19.12 -8.97
CA ALA B 108 17.91 -20.29 -8.07
C ALA B 108 16.50 -20.75 -7.68
N ASP B 109 15.69 -21.11 -8.70
CA ASP B 109 14.34 -21.59 -8.43
C ASP B 109 14.32 -23.06 -8.05
N TYR B 110 15.31 -23.85 -8.45
CA TYR B 110 15.46 -25.19 -7.92
C TYR B 110 16.90 -25.43 -7.48
N TRP B 111 17.05 -26.03 -6.31
CA TRP B 111 18.35 -26.26 -5.70
C TRP B 111 18.62 -27.75 -5.62
N GLY B 112 19.86 -28.13 -5.93
CA GLY B 112 20.32 -29.47 -5.65
C GLY B 112 20.40 -29.68 -4.14
N GLN B 113 20.74 -30.92 -3.76
CA GLN B 113 20.70 -31.28 -2.34
C GLN B 113 21.95 -30.88 -1.57
N GLY B 114 23.00 -30.43 -2.24
CA GLY B 114 24.19 -29.99 -1.55
C GLY B 114 25.23 -31.09 -1.47
N THR B 115 26.50 -30.68 -1.45
CA THR B 115 27.64 -31.58 -1.33
C THR B 115 28.54 -31.06 -0.22
N THR B 116 28.76 -31.90 0.79
CA THR B 116 29.63 -31.57 1.89
C THR B 116 31.08 -31.78 1.49
N LEU B 117 31.90 -30.74 1.70
CA LEU B 117 33.34 -30.85 1.48
C LEU B 117 34.04 -30.61 2.80
N THR B 118 34.90 -31.54 3.18
CA THR B 118 35.71 -31.41 4.39
C THR B 118 37.17 -31.44 3.98
N VAL B 119 37.92 -30.40 4.34
CA VAL B 119 39.32 -30.28 3.99
C VAL B 119 40.12 -30.31 5.28
N SER B 120 40.95 -31.34 5.41
CA SER B 120 41.67 -31.60 6.65
C SER B 120 42.93 -32.38 6.35
N SER B 121 43.98 -32.11 7.13
CA SER B 121 45.15 -32.95 7.12
C SER B 121 45.07 -34.05 8.16
N ALA B 122 44.10 -34.01 9.06
CA ALA B 122 44.03 -34.97 10.16
C ALA B 122 43.67 -36.36 9.63
N LYS B 123 44.05 -37.36 10.41
CA LYS B 123 43.73 -38.76 10.13
C LYS B 123 42.66 -39.28 11.08
N THR B 124 41.99 -40.33 10.63
CA THR B 124 40.91 -40.95 11.40
C THR B 124 41.38 -41.24 12.81
N THR B 125 40.69 -40.66 13.79
CA THR B 125 41.05 -40.82 15.20
C THR B 125 39.80 -41.14 16.02
N PRO B 126 39.82 -42.19 16.83
CA PRO B 126 38.65 -42.49 17.68
C PRO B 126 38.53 -41.50 18.82
N PRO B 127 37.34 -41.32 19.36
CA PRO B 127 37.17 -40.38 20.45
C PRO B 127 37.59 -40.97 21.77
N SER B 128 38.16 -40.15 22.63
CA SER B 128 38.27 -40.48 24.03
C SER B 128 36.97 -40.06 24.72
N VAL B 129 36.40 -40.98 25.49
CA VAL B 129 35.09 -40.77 26.10
C VAL B 129 35.28 -40.76 27.60
N TYR B 130 34.98 -39.62 28.22
CA TYR B 130 35.14 -39.43 29.65
C TYR B 130 33.78 -39.18 30.34
N PRO B 131 33.55 -39.77 31.52
CA PRO B 131 32.30 -39.53 32.22
C PRO B 131 32.28 -38.20 32.94
N LEU B 132 31.11 -37.58 32.96
CA LEU B 132 30.87 -36.32 33.65
C LEU B 132 29.84 -36.62 34.73
N ALA B 133 30.31 -36.80 35.97
CA ALA B 133 29.49 -37.12 37.12
C ALA B 133 29.46 -35.95 38.08
N PRO B 134 28.39 -35.78 38.81
CA PRO B 134 28.29 -34.61 39.69
C PRO B 134 28.31 -34.92 41.18
N GLY B 135 28.36 -36.20 41.54
CA GLY B 135 28.03 -36.61 42.89
C GLY B 135 26.52 -36.62 43.07
N SER B 136 26.09 -36.87 44.31
CA SER B 136 24.65 -36.86 44.60
C SER B 136 24.11 -35.44 44.80
N ASN B 141 15.50 -32.74 46.37
CA ASN B 141 14.78 -33.91 45.85
C ASN B 141 14.18 -33.66 44.45
N SER B 142 15.02 -33.30 43.50
CA SER B 142 14.51 -33.05 42.16
C SER B 142 15.34 -33.78 41.13
N MET B 143 16.15 -33.08 40.36
CA MET B 143 16.71 -33.70 39.17
C MET B 143 18.22 -33.43 38.99
N VAL B 144 18.95 -34.52 38.70
CA VAL B 144 20.41 -34.54 38.61
C VAL B 144 20.88 -34.63 37.16
N THR B 145 21.94 -33.88 36.82
CA THR B 145 22.49 -33.86 35.46
C THR B 145 23.79 -34.62 35.37
N LEU B 146 23.89 -35.49 34.35
CA LEU B 146 25.04 -36.28 34.01
C LEU B 146 25.53 -35.85 32.62
N GLY B 147 26.75 -36.27 32.26
CA GLY B 147 27.30 -35.89 30.98
C GLY B 147 28.32 -36.90 30.48
N CYS B 148 28.61 -36.77 29.19
CA CYS B 148 29.55 -37.64 28.48
C CYS B 148 30.41 -36.72 27.61
N LEU B 149 31.72 -36.73 27.81
CA LEU B 149 32.64 -35.87 27.04
C LEU B 149 33.32 -36.71 25.97
N VAL B 150 33.23 -36.26 24.73
CA VAL B 150 33.63 -37.02 23.55
C VAL B 150 34.69 -36.18 22.82
N LYS B 151 35.97 -36.53 23.04
CA LYS B 151 37.09 -35.63 22.83
C LYS B 151 38.12 -36.20 21.85
N GLY B 152 38.58 -35.35 20.95
CA GLY B 152 39.73 -35.68 20.13
C GLY B 152 39.52 -36.70 19.03
N TYR B 153 38.40 -36.65 18.32
CA TYR B 153 38.10 -37.57 17.23
C TYR B 153 38.06 -36.81 15.91
N PHE B 154 38.17 -37.57 14.82
CA PHE B 154 38.06 -37.11 13.45
C PHE B 154 37.66 -38.29 12.58
N PRO B 155 36.79 -38.13 11.58
CA PRO B 155 36.04 -36.92 11.25
C PRO B 155 34.68 -36.98 11.89
N GLU B 156 33.87 -35.97 11.64
CA GLU B 156 32.48 -36.05 12.04
C GLU B 156 31.78 -37.14 11.24
N PRO B 157 30.72 -37.76 11.81
CA PRO B 157 30.09 -37.50 13.11
C PRO B 157 30.29 -38.58 14.17
N VAL B 158 29.89 -38.25 15.40
CA VAL B 158 29.63 -39.24 16.42
C VAL B 158 28.15 -39.13 16.79
N THR B 159 27.61 -40.22 17.34
CA THR B 159 26.26 -40.20 17.88
C THR B 159 26.34 -40.58 19.34
N VAL B 160 25.63 -39.85 20.18
CA VAL B 160 25.49 -40.18 21.58
C VAL B 160 24.04 -40.55 21.81
N THR B 161 23.83 -41.74 22.41
CA THR B 161 22.55 -42.14 22.99
C THR B 161 22.81 -42.48 24.44
N TRP B 162 21.73 -42.52 25.22
CA TRP B 162 21.82 -42.78 26.65
C TRP B 162 21.03 -44.02 27.03
N ASN B 163 21.67 -44.95 27.75
CA ASN B 163 21.10 -46.24 28.16
C ASN B 163 20.58 -47.04 26.95
N SER B 164 21.44 -47.17 25.93
CA SER B 164 21.08 -47.84 24.67
C SER B 164 19.68 -47.44 24.24
N GLY B 165 19.46 -46.12 24.13
CA GLY B 165 18.20 -45.60 23.68
C GLY B 165 17.19 -45.34 24.80
N SER B 166 17.34 -46.02 25.95
CA SER B 166 16.33 -45.98 27.01
C SER B 166 16.02 -44.56 27.46
N LEU B 167 17.04 -43.70 27.50
CA LEU B 167 16.83 -42.29 27.77
C LEU B 167 16.98 -41.54 26.46
N SER B 168 16.10 -40.57 26.26
CA SER B 168 15.87 -39.96 24.96
C SER B 168 15.43 -38.55 25.26
N SER B 169 14.70 -38.43 26.37
CA SER B 169 13.87 -37.27 26.65
C SER B 169 14.68 -36.04 27.10
N GLY B 170 15.44 -36.16 28.18
CA GLY B 170 16.19 -35.04 28.70
C GLY B 170 17.63 -35.00 28.20
N VAL B 171 17.82 -35.07 26.88
CA VAL B 171 19.13 -35.22 26.27
C VAL B 171 19.48 -33.99 25.45
N HIS B 172 20.68 -33.46 25.67
CA HIS B 172 21.30 -32.42 24.87
C HIS B 172 22.64 -32.95 24.41
N THR B 173 22.82 -33.07 23.11
CA THR B 173 24.13 -33.34 22.53
C THR B 173 24.56 -32.07 21.81
N PHE B 174 25.63 -31.45 22.28
CA PHE B 174 26.00 -30.13 21.77
C PHE B 174 26.77 -30.22 20.46
N PRO B 175 26.76 -29.18 19.64
CA PRO B 175 27.55 -29.21 18.41
C PRO B 175 29.04 -29.36 18.73
N ALA B 176 29.75 -30.07 17.87
CA ALA B 176 31.19 -30.26 18.04
C ALA B 176 31.94 -28.97 17.71
N VAL B 177 33.11 -28.82 18.29
CA VAL B 177 33.98 -27.71 17.94
C VAL B 177 35.33 -28.26 17.51
N LEU B 178 35.96 -27.56 16.58
CA LEU B 178 37.24 -28.00 16.02
C LEU B 178 38.37 -27.36 16.83
N GLN B 179 39.07 -28.16 17.64
CA GLN B 179 40.25 -27.65 18.34
C GLN B 179 41.49 -28.45 17.93
N SER B 180 42.30 -27.83 17.05
CA SER B 180 43.62 -28.30 16.61
C SER B 180 43.47 -29.48 15.66
N ASP B 181 42.53 -29.37 14.73
CA ASP B 181 42.16 -30.36 13.72
C ASP B 181 41.38 -31.57 14.26
N LEU B 182 41.04 -31.61 15.54
CA LEU B 182 40.24 -32.70 16.07
C LEU B 182 38.95 -32.12 16.64
N TYR B 183 37.90 -32.95 16.66
CA TYR B 183 36.58 -32.53 17.10
C TYR B 183 36.31 -32.94 18.53
N THR B 184 35.54 -32.12 19.22
CA THR B 184 35.12 -32.42 20.58
C THR B 184 33.67 -32.04 20.74
N LEU B 185 32.92 -32.84 21.50
CA LEU B 185 31.58 -32.45 21.93
C LEU B 185 31.26 -33.08 23.27
N SER B 186 30.15 -32.62 23.83
CA SER B 186 29.62 -33.15 25.08
C SER B 186 28.14 -33.37 24.90
N SER B 187 27.62 -34.32 25.69
CA SER B 187 26.20 -34.65 25.68
C SER B 187 25.74 -34.66 27.12
N SER B 188 24.70 -33.88 27.42
CA SER B 188 24.12 -33.85 28.76
C SER B 188 22.87 -34.71 28.81
N VAL B 189 22.57 -35.24 29.99
CA VAL B 189 21.34 -35.98 30.20
C VAL B 189 20.84 -35.72 31.60
N THR B 190 19.53 -35.55 31.74
CA THR B 190 18.89 -35.24 33.02
C THR B 190 17.90 -36.37 33.33
N VAL B 191 18.16 -37.12 34.39
CA VAL B 191 17.30 -38.25 34.73
C VAL B 191 16.81 -38.05 36.15
N PRO B 192 15.70 -38.70 36.51
CA PRO B 192 15.10 -38.45 37.84
C PRO B 192 16.07 -38.74 38.98
N SER B 193 15.87 -37.98 40.07
CA SER B 193 16.73 -38.10 41.24
C SER B 193 16.75 -39.53 41.76
N SER B 194 15.60 -40.20 41.73
CA SER B 194 15.45 -41.58 42.18
C SER B 194 15.81 -42.59 41.10
N THR B 195 16.34 -42.12 39.96
CA THR B 195 16.91 -43.02 38.95
C THR B 195 18.43 -43.13 39.06
N TRP B 196 19.09 -42.09 39.54
CA TRP B 196 20.54 -42.07 39.72
C TRP B 196 20.92 -41.57 41.11
N PRO B 197 21.91 -42.19 41.78
CA PRO B 197 22.76 -43.30 41.35
C PRO B 197 22.07 -44.58 41.68
N SER B 198 20.85 -44.40 42.19
CA SER B 198 19.95 -45.48 42.55
C SER B 198 19.92 -46.57 41.48
N GLU B 199 19.91 -46.21 40.19
CA GLU B 199 19.77 -47.34 39.28
C GLU B 199 21.01 -47.19 38.38
N THR B 200 20.87 -47.02 37.06
CA THR B 200 22.07 -47.00 36.20
C THR B 200 21.89 -46.12 34.97
N VAL B 201 22.83 -45.19 34.76
CA VAL B 201 22.94 -44.37 33.54
C VAL B 201 24.27 -44.62 32.82
N THR B 202 24.21 -45.03 31.56
CA THR B 202 25.39 -45.33 30.74
C THR B 202 25.27 -44.60 29.41
N CYS B 203 26.31 -43.87 29.01
CA CYS B 203 26.30 -43.23 27.70
C CYS B 203 26.95 -44.16 26.66
N ASN B 204 26.31 -44.22 25.49
CA ASN B 204 26.80 -45.00 24.37
C ASN B 204 27.29 -44.02 23.31
N VAL B 205 28.56 -44.15 22.94
CA VAL B 205 29.16 -43.29 21.95
C VAL B 205 29.53 -44.17 20.78
N ALA B 206 29.15 -43.75 19.58
CA ALA B 206 29.50 -44.46 18.37
C ALA B 206 30.18 -43.49 17.43
N HIS B 207 31.37 -43.88 16.96
CA HIS B 207 32.13 -43.10 15.98
C HIS B 207 32.43 -44.03 14.83
N PRO B 208 31.54 -44.11 13.82
CA PRO B 208 31.66 -45.13 12.77
C PRO B 208 32.99 -45.12 12.02
N ALA B 209 33.60 -43.94 11.83
CA ALA B 209 34.80 -43.87 10.99
C ALA B 209 35.96 -44.68 11.57
N SER B 210 36.09 -44.69 12.89
CA SER B 210 37.11 -45.48 13.58
C SER B 210 36.60 -46.84 14.00
N SER B 211 35.35 -47.18 13.69
CA SER B 211 34.75 -48.46 14.06
C SER B 211 34.62 -48.57 15.57
N THR B 212 34.35 -47.46 16.25
CA THR B 212 34.34 -47.43 17.70
C THR B 212 32.91 -47.49 18.24
N LYS B 213 32.78 -48.17 19.38
CA LYS B 213 31.51 -48.25 20.12
C LYS B 213 31.86 -48.41 21.58
N VAL B 214 31.69 -47.36 22.40
CA VAL B 214 32.10 -47.37 23.79
C VAL B 214 30.92 -47.02 24.69
N ASP B 215 30.87 -47.68 25.85
CA ASP B 215 29.88 -47.37 26.87
C ASP B 215 30.61 -46.91 28.12
N LYS B 216 30.17 -45.78 28.69
CA LYS B 216 30.74 -45.26 29.92
C LYS B 216 29.65 -45.17 30.99
N LYS B 217 29.75 -46.00 32.02
CA LYS B 217 28.80 -45.94 33.13
C LYS B 217 29.15 -44.77 34.06
N ILE B 218 28.16 -43.96 34.41
CA ILE B 218 28.38 -42.79 35.24
C ILE B 218 28.35 -43.19 36.72
N VAL B 219 29.48 -43.04 37.39
CA VAL B 219 29.65 -43.44 38.78
C VAL B 219 29.74 -42.16 39.61
N PRO B 220 29.20 -42.14 40.83
CA PRO B 220 29.27 -40.91 41.63
C PRO B 220 30.70 -40.48 41.90
N ARG B 221 30.83 -39.19 42.19
CA ARG B 221 32.09 -38.54 42.50
C ARG B 221 31.76 -37.46 43.53
N ASP B 222 31.60 -37.90 44.77
CA ASP B 222 31.06 -37.03 45.82
C ASP B 222 32.18 -36.10 46.31
N CYS B 223 32.17 -34.88 45.78
CA CYS B 223 33.23 -33.89 45.93
C CYS B 223 32.91 -32.96 47.10
N GLY B 224 33.37 -33.33 48.29
CA GLY B 224 33.12 -32.52 49.47
C GLY B 224 32.45 -33.22 50.64
N ASP C 1 10.73 10.35 47.49
CA ASP C 1 10.86 11.32 46.42
C ASP C 1 11.94 10.86 45.42
N ILE C 2 11.66 10.99 44.13
CA ILE C 2 12.58 10.53 43.10
C ILE C 2 13.73 11.53 42.95
N VAL C 3 14.94 11.03 42.85
CA VAL C 3 16.08 11.91 42.62
C VAL C 3 16.48 11.82 41.15
N MET C 4 16.74 12.97 40.56
CA MET C 4 17.24 13.02 39.20
C MET C 4 18.69 13.48 39.29
N THR C 5 19.62 12.58 39.01
CA THR C 5 21.03 12.86 39.14
C THR C 5 21.58 13.26 37.78
N GLN C 6 21.94 14.52 37.63
CA GLN C 6 22.73 15.01 36.50
C GLN C 6 24.19 15.09 36.97
N SER C 7 24.95 14.01 36.72
CA SER C 7 26.28 13.81 37.32
C SER C 7 27.29 14.89 36.94
N GLN C 8 26.97 15.62 35.90
CA GLN C 8 27.88 16.46 35.15
C GLN C 8 27.46 17.88 35.54
N LYS C 9 28.10 18.52 36.52
CA LYS C 9 27.55 19.84 36.87
C LYS C 9 27.98 20.92 35.90
N PHE C 10 29.12 20.72 35.25
CA PHE C 10 29.61 21.59 34.20
C PHE C 10 30.11 20.73 33.03
N MET C 11 30.02 21.28 31.84
CA MET C 11 30.46 20.60 30.63
C MET C 11 31.07 21.62 29.68
N SER C 12 32.33 21.41 29.30
CA SER C 12 32.99 22.27 28.33
C SER C 12 32.79 21.75 26.92
N THR C 13 32.73 22.67 25.97
CA THR C 13 32.49 22.29 24.58
C THR C 13 32.96 23.41 23.68
N SER C 14 33.07 23.10 22.39
CA SER C 14 33.40 24.07 21.37
C SER C 14 32.24 24.19 20.40
N VAL C 15 32.07 25.38 19.84
CA VAL C 15 30.97 25.61 18.91
C VAL C 15 31.11 24.63 17.75
N GLY C 16 30.05 23.84 17.50
CA GLY C 16 30.01 22.88 16.41
C GLY C 16 30.25 21.44 16.80
N ASP C 17 30.79 21.19 17.99
CA ASP C 17 30.98 19.84 18.47
C ASP C 17 29.66 19.28 18.98
N ARG C 18 29.69 18.07 19.54
CA ARG C 18 28.51 17.40 20.07
C ARG C 18 28.63 17.21 21.59
N VAL C 19 27.52 17.40 22.32
CA VAL C 19 27.48 17.22 23.77
C VAL C 19 26.35 16.26 24.11
N SER C 20 26.55 15.52 25.20
CA SER C 20 25.55 14.57 25.68
C SER C 20 25.35 14.78 27.18
N ILE C 21 24.20 15.31 27.56
CA ILE C 21 23.89 15.59 28.96
C ILE C 21 23.07 14.44 29.50
N THR C 22 23.56 13.77 30.54
CA THR C 22 22.87 12.60 31.07
C THR C 22 22.07 12.92 32.33
N CYS C 23 21.17 11.99 32.66
CA CYS C 23 20.30 12.11 33.82
C CYS C 23 19.72 10.74 34.15
N LYS C 24 20.02 10.24 35.36
CA LYS C 24 19.55 8.99 35.96
C LYS C 24 18.46 9.25 36.98
N ALA C 25 17.32 8.58 36.81
CA ALA C 25 16.29 8.63 37.84
C ALA C 25 16.66 7.61 38.90
N SER C 26 16.28 7.91 40.15
CA SER C 26 16.52 6.97 41.24
C SER C 26 15.62 5.75 41.14
N GLN C 27 14.53 5.85 40.38
CA GLN C 27 13.63 4.73 40.15
C GLN C 27 13.20 4.79 38.69
N ASN C 28 12.46 3.77 38.25
CA ASN C 28 11.98 3.72 36.87
C ASN C 28 10.85 4.73 36.69
N VAL C 29 10.99 5.64 35.71
CA VAL C 29 9.97 6.65 35.47
C VAL C 29 9.36 6.54 34.06
N ARG C 30 9.46 5.37 33.42
CA ARG C 30 8.83 5.10 32.13
C ARG C 30 9.37 6.13 31.15
N THR C 31 8.53 6.97 30.54
CA THR C 31 8.98 8.05 29.68
C THR C 31 8.48 9.41 30.16
N ALA C 32 8.03 9.51 31.42
CA ALA C 32 7.54 10.77 31.98
C ALA C 32 8.72 11.65 32.43
N VAL C 33 9.52 12.06 31.45
CA VAL C 33 10.68 12.92 31.68
C VAL C 33 10.59 14.10 30.73
N ALA C 34 10.98 15.29 31.21
CA ALA C 34 11.01 16.52 30.43
C ALA C 34 12.40 17.14 30.53
N TRP C 35 12.75 17.98 29.55
CA TRP C 35 14.03 18.68 29.55
C TRP C 35 13.86 20.18 29.32
N TYR C 36 14.53 21.00 30.12
CA TYR C 36 14.40 22.44 30.01
C TYR C 36 15.77 23.07 29.84
N GLN C 37 15.78 24.22 29.21
CA GLN C 37 16.97 25.04 29.01
C GLN C 37 16.74 26.38 29.71
N GLN C 38 17.77 26.91 30.36
CA GLN C 38 17.65 28.19 31.04
C GLN C 38 18.88 29.03 30.74
N ARG C 39 18.69 30.06 29.92
CA ARG C 39 19.74 31.03 29.64
C ARG C 39 19.86 32.03 30.78
N PRO C 40 21.04 32.62 30.96
CA PRO C 40 21.27 33.49 32.13
C PRO C 40 20.30 34.66 32.16
N GLY C 41 19.70 34.86 33.34
CA GLY C 41 18.72 35.93 33.48
C GLY C 41 17.37 35.66 32.85
N GLN C 42 17.05 34.42 32.51
CA GLN C 42 15.80 34.10 31.85
C GLN C 42 15.05 32.98 32.56
N SER C 43 13.76 32.87 32.25
CA SER C 43 12.98 31.73 32.68
C SER C 43 13.42 30.48 31.94
N PRO C 44 13.24 29.31 32.54
CA PRO C 44 13.43 28.06 31.80
C PRO C 44 12.54 27.99 30.58
N LYS C 45 12.96 27.18 29.61
CA LYS C 45 12.18 26.99 28.40
C LYS C 45 12.03 25.50 28.13
N ALA C 46 10.82 25.10 27.73
CA ALA C 46 10.56 23.69 27.53
C ALA C 46 11.22 23.23 26.24
N LEU C 47 11.84 22.06 26.31
CA LEU C 47 12.66 21.54 25.22
C LEU C 47 12.15 20.19 24.74
N ILE C 48 12.10 19.20 25.63
CA ILE C 48 11.76 17.81 25.34
C ILE C 48 10.59 17.39 26.22
N TYR C 49 9.63 16.64 25.68
CA TYR C 49 8.57 16.11 26.51
C TYR C 49 8.40 14.62 26.22
N LEU C 50 7.94 13.89 27.22
CA LEU C 50 7.91 12.42 27.24
C LEU C 50 9.21 11.83 26.69
N ALA C 51 10.34 12.34 27.21
CA ALA C 51 11.69 11.82 27.00
C ALA C 51 12.28 12.02 25.60
N SER C 52 11.47 11.92 24.53
CA SER C 52 12.04 11.92 23.19
C SER C 52 11.33 12.83 22.19
N ASN C 53 10.35 13.64 22.62
CA ASN C 53 9.59 14.50 21.71
C ASN C 53 10.01 15.96 21.85
N ARG C 54 10.31 16.59 20.72
CA ARG C 54 10.62 18.00 20.68
C ARG C 54 9.34 18.84 20.74
N HIS C 55 9.36 19.89 21.55
CA HIS C 55 8.32 20.91 21.56
C HIS C 55 8.39 21.73 20.27
N THR C 56 7.27 22.39 19.94
CA THR C 56 7.24 23.15 18.70
C THR C 56 8.29 24.26 18.74
N GLY C 57 9.03 24.42 17.63
CA GLY C 57 10.06 25.44 17.57
C GLY C 57 11.45 25.02 18.01
N VAL C 58 11.60 23.87 18.67
CA VAL C 58 12.91 23.45 19.17
C VAL C 58 13.78 22.96 18.03
N PRO C 59 14.97 23.55 17.84
CA PRO C 59 15.83 23.15 16.72
C PRO C 59 16.09 21.65 16.70
N ASP C 60 16.29 21.10 15.50
CA ASP C 60 16.47 19.66 15.40
C ASP C 60 17.78 19.18 16.00
N ARG C 61 18.68 20.10 16.40
CA ARG C 61 19.91 19.67 17.07
C ARG C 61 19.63 19.00 18.40
N PHE C 62 18.56 19.41 19.08
CA PHE C 62 18.24 18.80 20.37
C PHE C 62 17.49 17.51 20.16
N THR C 63 17.99 16.45 20.78
CA THR C 63 17.34 15.15 20.71
C THR C 63 17.45 14.50 22.08
N GLY C 64 16.29 14.14 22.63
CA GLY C 64 16.20 13.49 23.92
C GLY C 64 15.88 12.01 23.75
N SER C 65 16.49 11.19 24.60
CA SER C 65 16.33 9.75 24.50
C SER C 65 16.34 9.16 25.90
N GLY C 66 15.85 7.94 25.97
CA GLY C 66 15.94 7.19 27.18
C GLY C 66 14.60 6.65 27.59
N SER C 67 14.61 5.62 28.43
CA SER C 67 13.38 5.07 28.98
C SER C 67 13.76 4.17 30.13
N GLY C 68 13.09 4.36 31.28
CA GLY C 68 13.45 3.66 32.49
C GLY C 68 14.20 4.57 33.44
N THR C 69 15.54 4.55 33.40
CA THR C 69 16.32 5.36 34.33
C THR C 69 17.36 6.26 33.67
N ASP C 70 18.05 5.81 32.60
CA ASP C 70 19.13 6.60 32.01
C ASP C 70 18.56 7.37 30.82
N PHE C 71 18.39 8.68 30.98
CA PHE C 71 17.84 9.54 29.93
C PHE C 71 18.94 10.49 29.44
N THR C 72 18.81 10.93 28.19
CA THR C 72 19.91 11.70 27.62
C THR C 72 19.38 12.79 26.72
N LEU C 73 20.01 13.97 26.80
CA LEU C 73 19.75 15.09 25.92
C LEU C 73 21.01 15.34 25.08
N THR C 74 20.91 15.14 23.78
CA THR C 74 22.05 15.27 22.89
C THR C 74 21.90 16.53 22.06
N ILE C 75 22.91 17.39 22.10
CA ILE C 75 22.96 18.60 21.30
C ILE C 75 24.02 18.39 20.23
N THR C 76 23.59 18.33 18.97
CA THR C 76 24.50 18.24 17.84
C THR C 76 24.78 19.64 17.30
N ASN C 77 26.02 19.87 16.87
CA ASN C 77 26.40 21.11 16.21
C ASN C 77 26.15 22.32 17.13
N VAL C 78 26.75 22.26 18.31
CA VAL C 78 26.44 23.22 19.36
C VAL C 78 26.65 24.66 18.88
N GLN C 79 25.64 25.49 19.11
CA GLN C 79 25.72 26.90 18.81
C GLN C 79 25.93 27.70 20.08
N SER C 80 26.31 28.97 19.92
CA SER C 80 26.59 29.81 21.08
C SER C 80 25.32 30.07 21.88
N GLU C 81 24.16 30.11 21.21
CA GLU C 81 22.91 30.27 21.93
C GLU C 81 22.50 29.01 22.70
N ASP C 82 23.22 27.91 22.54
CA ASP C 82 22.98 26.70 23.32
C ASP C 82 23.78 26.65 24.62
N LEU C 83 24.58 27.68 24.92
CA LEU C 83 25.32 27.78 26.17
C LEU C 83 24.35 28.24 27.27
N ALA C 84 24.05 27.34 28.21
CA ALA C 84 22.94 27.53 29.14
C ALA C 84 22.96 26.40 30.16
N ASP C 85 21.98 26.42 31.06
CA ASP C 85 21.76 25.34 32.02
C ASP C 85 20.69 24.42 31.44
N TYR C 86 20.82 23.13 31.68
CA TYR C 86 19.81 22.19 31.24
C TYR C 86 19.33 21.37 32.43
N PHE C 87 18.02 21.29 32.62
CA PHE C 87 17.43 20.56 33.71
C PHE C 87 16.57 19.45 33.16
N CYS C 88 16.76 18.24 33.70
CA CYS C 88 15.75 17.22 33.49
C CYS C 88 14.73 17.33 34.63
N LEU C 89 13.57 16.68 34.43
CA LEU C 89 12.47 16.62 35.38
C LEU C 89 11.67 15.33 35.12
N GLN C 90 11.17 14.73 36.20
CA GLN C 90 10.28 13.57 36.09
C GLN C 90 8.89 13.95 36.59
N HIS C 91 7.85 13.49 35.90
CA HIS C 91 6.49 13.75 36.34
C HIS C 91 5.69 12.47 36.40
N TRP C 92 6.38 11.36 36.68
CA TRP C 92 5.71 10.07 36.84
C TRP C 92 4.88 10.06 38.12
N ASN C 93 5.40 10.65 39.19
CA ASN C 93 4.73 10.65 40.48
C ASN C 93 5.12 11.89 41.27
N TYR C 94 4.21 12.33 42.16
CA TYR C 94 4.40 13.53 42.95
C TYR C 94 5.25 13.22 44.18
N PRO C 95 6.08 14.16 44.64
CA PRO C 95 6.28 15.51 44.09
C PRO C 95 7.09 15.48 42.78
N LEU C 96 6.85 16.42 41.86
CA LEU C 96 7.71 16.51 40.67
C LEU C 96 9.10 16.91 41.14
N THR C 97 10.11 16.32 40.53
CA THR C 97 11.49 16.62 40.93
C THR C 97 12.38 16.91 39.72
N PHE C 98 13.25 17.91 39.87
CA PHE C 98 14.21 18.28 38.85
C PHE C 98 15.59 17.74 39.19
N GLY C 99 16.40 17.52 38.16
CA GLY C 99 17.83 17.37 38.35
C GLY C 99 18.46 18.70 38.70
N SER C 100 19.68 18.64 39.19
CA SER C 100 20.32 19.84 39.69
C SER C 100 21.03 20.61 38.59
N GLY C 101 20.90 20.16 37.36
CA GLY C 101 21.22 21.05 36.27
C GLY C 101 22.64 20.86 35.78
N THR C 102 22.81 21.02 34.48
CA THR C 102 24.11 20.90 33.85
C THR C 102 24.40 22.18 33.08
N LYS C 103 25.50 22.85 33.41
CA LYS C 103 25.88 24.08 32.72
C LYS C 103 26.88 23.79 31.59
N LEU C 104 26.55 24.28 30.39
CA LEU C 104 27.37 24.14 29.20
C LEU C 104 28.22 25.40 29.03
N GLU C 105 29.53 25.22 28.93
CA GLU C 105 30.47 26.34 28.83
C GLU C 105 31.45 26.12 27.69
N ILE C 106 31.98 27.23 27.17
CA ILE C 106 32.93 27.21 26.04
C ILE C 106 34.31 26.80 26.55
N LYS C 107 34.97 25.92 25.81
CA LYS C 107 36.30 25.47 26.19
C LYS C 107 37.36 26.39 25.59
N ARG C 108 38.52 26.44 26.24
CA ARG C 108 39.56 27.38 25.83
C ARG C 108 40.88 26.99 26.49
N ALA C 109 41.93 27.69 26.08
CA ALA C 109 43.26 27.43 26.61
C ALA C 109 43.35 27.82 28.08
N ASP C 110 44.14 27.04 28.82
CA ASP C 110 44.37 27.32 30.24
C ASP C 110 45.01 28.69 30.45
N ALA C 111 44.62 29.36 31.52
CA ALA C 111 45.14 30.69 31.80
C ALA C 111 45.49 30.80 33.27
N ALA C 112 46.64 31.35 33.56
CA ALA C 112 46.94 31.51 34.96
C ALA C 112 46.24 32.76 35.49
N PRO C 113 45.91 32.79 36.77
CA PRO C 113 45.16 33.94 37.30
C PRO C 113 46.08 35.14 37.44
N THR C 114 45.56 36.33 37.13
CA THR C 114 46.22 37.57 37.50
C THR C 114 45.82 37.92 38.93
N VAL C 115 46.79 37.82 39.85
CA VAL C 115 46.54 38.01 41.27
C VAL C 115 46.99 39.39 41.67
N SER C 116 46.11 40.14 42.29
CA SER C 116 46.42 41.49 42.76
C SER C 116 45.94 41.62 44.19
N ILE C 117 46.80 42.17 45.05
CA ILE C 117 46.47 42.39 46.45
C ILE C 117 46.31 43.89 46.68
N PHE C 118 45.38 44.25 47.58
CA PHE C 118 45.07 45.63 47.92
C PHE C 118 44.92 45.85 49.41
N PRO C 119 45.69 46.76 50.00
CA PRO C 119 45.52 47.09 51.42
C PRO C 119 44.22 47.85 51.64
N PRO C 120 43.68 47.84 52.85
CA PRO C 120 42.46 48.60 53.10
C PRO C 120 42.73 50.08 52.89
N SER C 121 41.76 50.77 52.33
CA SER C 121 41.96 52.17 52.00
C SER C 121 41.92 53.01 53.28
N SER C 122 42.46 54.23 53.17
CA SER C 122 42.50 55.14 54.30
C SER C 122 41.12 55.68 54.64
N GLU C 123 40.22 55.79 53.65
CA GLU C 123 38.83 56.13 53.92
C GLU C 123 38.15 55.13 54.85
N GLN C 124 38.34 53.83 54.62
CA GLN C 124 37.61 52.83 55.39
C GLN C 124 38.12 52.77 56.83
N LEU C 125 39.43 52.95 57.00
CA LEU C 125 40.03 52.91 58.32
C LEU C 125 39.45 53.98 59.24
N THR C 126 39.11 55.16 58.70
CA THR C 126 38.63 56.23 59.57
C THR C 126 37.31 55.90 60.27
N SER C 127 36.58 54.90 59.82
CA SER C 127 35.40 54.45 60.56
C SER C 127 35.60 53.10 61.22
N GLY C 128 36.85 52.62 61.33
CA GLY C 128 37.13 51.47 62.16
C GLY C 128 37.19 50.10 61.49
N GLY C 129 37.05 50.01 60.17
CA GLY C 129 37.09 48.72 59.53
C GLY C 129 38.28 48.53 58.62
N ALA C 130 38.61 47.27 58.30
CA ALA C 130 39.78 46.97 57.48
C ALA C 130 39.46 45.80 56.55
N SER C 131 39.24 46.12 55.27
CA SER C 131 38.97 45.12 54.26
C SER C 131 40.22 44.95 53.40
N VAL C 132 40.86 43.79 53.48
CA VAL C 132 41.95 43.46 52.56
C VAL C 132 41.33 42.67 51.43
N VAL C 133 41.53 43.15 50.21
CA VAL C 133 40.86 42.61 49.02
C VAL C 133 41.92 41.94 48.15
N CYS C 134 41.58 40.78 47.62
CA CYS C 134 42.44 40.11 46.66
C CYS C 134 41.63 39.75 45.43
N PHE C 135 42.09 40.20 44.28
CA PHE C 135 41.46 39.88 43.01
C PHE C 135 42.24 38.76 42.32
N LEU C 136 41.51 37.83 41.71
CA LEU C 136 42.07 36.79 40.85
C LEU C 136 41.31 36.84 39.52
N ASN C 137 41.92 37.40 38.48
CA ASN C 137 41.18 37.77 37.28
C ASN C 137 41.60 36.95 36.06
N ASN C 138 40.58 36.51 35.29
CA ASN C 138 40.74 35.99 33.93
C ASN C 138 41.59 34.72 33.86
N PHE C 139 41.20 33.71 34.64
CA PHE C 139 41.87 32.40 34.60
C PHE C 139 40.98 31.36 33.97
N TYR C 140 41.57 30.19 33.70
CA TYR C 140 40.87 29.04 33.13
C TYR C 140 41.70 27.81 33.38
N PRO C 141 41.11 26.70 33.84
CA PRO C 141 39.70 26.41 34.20
C PRO C 141 39.20 27.06 35.50
N LYS C 142 37.93 26.79 35.87
CA LYS C 142 37.23 27.54 36.91
C LYS C 142 37.70 27.22 38.34
N ASP C 143 38.24 26.01 38.58
CA ASP C 143 38.58 25.60 39.94
C ASP C 143 39.82 26.35 40.45
N ILE C 144 39.75 26.83 41.70
CA ILE C 144 40.81 27.70 42.22
C ILE C 144 40.74 27.72 43.76
N ASN C 145 41.92 27.74 44.39
CA ASN C 145 42.08 27.82 45.84
C ASN C 145 42.65 29.18 46.23
N VAL C 146 42.16 29.72 47.34
CA VAL C 146 42.69 30.96 47.90
C VAL C 146 43.08 30.71 49.34
N LYS C 147 44.19 31.30 49.77
CA LYS C 147 44.65 31.21 51.15
C LYS C 147 45.17 32.57 51.60
N TRP C 148 44.72 33.04 52.75
CA TRP C 148 45.21 34.28 53.33
C TRP C 148 46.20 33.97 54.44
N LYS C 149 47.28 34.73 54.50
CA LYS C 149 48.25 34.58 55.58
C LYS C 149 48.55 35.97 56.15
N ILE C 150 48.34 36.13 57.45
CA ILE C 150 48.69 37.35 58.18
C ILE C 150 49.87 37.01 59.07
N ASP C 151 51.02 37.64 58.80
CA ASP C 151 52.27 37.34 59.51
C ASP C 151 52.60 35.85 59.42
N GLY C 152 52.36 35.26 58.24
CA GLY C 152 52.70 33.88 57.97
C GLY C 152 51.79 32.79 58.55
N SER C 153 50.79 33.14 59.35
CA SER C 153 49.87 32.15 59.89
C SER C 153 48.60 32.15 59.04
N GLU C 154 48.17 30.96 58.61
CA GLU C 154 46.99 30.84 57.75
C GLU C 154 45.77 31.41 58.45
N ARG C 155 45.12 32.40 57.84
CA ARG C 155 43.92 33.00 58.38
C ARG C 155 42.75 32.47 57.57
N GLN C 156 41.89 31.68 58.19
CA GLN C 156 40.85 31.06 57.37
C GLN C 156 39.48 31.64 57.64
N ASN C 157 39.27 32.41 58.72
CA ASN C 157 37.90 32.81 59.03
C ASN C 157 37.85 34.34 59.09
N GLY C 158 36.77 34.90 58.55
CA GLY C 158 36.63 36.31 58.22
C GLY C 158 36.84 36.61 56.75
N VAL C 159 36.96 35.57 55.93
CA VAL C 159 37.19 35.64 54.50
C VAL C 159 35.90 35.33 53.75
N LEU C 160 35.50 36.22 52.84
CA LEU C 160 34.32 36.02 52.00
C LEU C 160 34.74 36.03 50.54
N ASN C 161 34.45 34.93 49.82
CA ASN C 161 34.82 34.81 48.42
C ASN C 161 33.60 34.93 47.51
N SER C 162 33.83 35.36 46.27
CA SER C 162 32.74 35.53 45.32
C SER C 162 33.25 35.23 43.92
N TRP C 163 32.49 34.45 43.13
CA TRP C 163 32.93 33.99 41.81
C TRP C 163 32.06 34.57 40.70
N THR C 164 32.70 34.94 39.58
CA THR C 164 32.01 35.33 38.35
C THR C 164 31.73 34.12 37.45
N ASP C 165 30.76 34.29 36.54
CA ASP C 165 30.48 33.31 35.51
C ASP C 165 31.49 33.43 34.37
N GLN C 166 31.39 32.52 33.41
CA GLN C 166 32.31 32.53 32.28
C GLN C 166 32.11 33.80 31.47
N ASP C 167 33.22 34.43 31.08
CA ASP C 167 33.16 35.72 30.41
C ASP C 167 32.55 35.53 29.04
N SER C 168 31.44 36.22 28.78
CA SER C 168 30.75 36.08 27.50
C SER C 168 31.71 36.22 26.32
N LYS C 169 32.75 37.04 26.47
CA LYS C 169 33.59 37.43 25.34
C LYS C 169 34.94 36.71 25.28
N ASP C 170 35.55 36.36 26.42
CA ASP C 170 36.87 35.72 26.40
C ASP C 170 36.97 34.44 27.22
N SER C 171 35.86 33.96 27.78
CA SER C 171 35.72 32.60 28.28
C SER C 171 36.42 32.38 29.61
N THR C 172 37.01 33.43 30.21
CA THR C 172 37.75 33.21 31.44
C THR C 172 36.85 33.41 32.66
N TYR C 173 37.41 33.17 33.83
CA TYR C 173 36.72 33.31 35.10
C TYR C 173 37.40 34.41 35.93
N SER C 174 36.73 34.83 36.99
CA SER C 174 37.29 35.78 37.95
C SER C 174 36.80 35.42 39.35
N MET C 175 37.44 36.01 40.35
CA MET C 175 37.20 35.65 41.74
C MET C 175 37.65 36.78 42.65
N SER C 176 36.82 37.13 43.63
CA SER C 176 37.14 38.13 44.64
C SER C 176 37.29 37.43 45.98
N SER C 177 38.28 37.88 46.74
CA SER C 177 38.51 37.39 48.09
C SER C 177 38.63 38.61 48.98
N THR C 178 37.88 38.64 50.08
CA THR C 178 37.87 39.82 50.93
C THR C 178 38.05 39.39 52.37
N LEU C 179 39.13 39.85 52.99
CA LEU C 179 39.36 39.63 54.42
C LEU C 179 38.99 40.90 55.16
N THR C 180 37.97 40.83 56.03
CA THR C 180 37.49 42.01 56.74
C THR C 180 37.83 41.87 58.21
N LEU C 181 38.67 42.78 58.70
CA LEU C 181 39.10 42.80 60.08
C LEU C 181 38.78 44.16 60.67
N THR C 182 38.78 44.22 62.01
CA THR C 182 38.78 45.52 62.68
C THR C 182 40.11 46.23 62.45
N LYS C 183 40.07 47.56 62.50
CA LYS C 183 41.30 48.35 62.37
C LYS C 183 42.34 47.95 63.41
N ASP C 184 41.92 47.74 64.67
CA ASP C 184 42.91 47.44 65.69
C ASP C 184 43.64 46.12 65.40
N GLU C 185 42.90 45.09 64.99
CA GLU C 185 43.57 43.85 64.65
C GLU C 185 44.45 44.03 63.42
N TYR C 186 44.06 44.92 62.50
CA TYR C 186 44.83 45.11 61.27
C TYR C 186 46.17 45.78 61.53
N GLU C 187 46.18 46.85 62.31
CA GLU C 187 47.44 47.52 62.56
C GLU C 187 48.32 46.77 63.55
N ARG C 188 47.89 45.61 64.03
CA ARG C 188 48.65 44.74 64.90
C ARG C 188 49.58 43.79 64.15
N HIS C 189 49.50 43.74 62.82
CA HIS C 189 50.28 42.80 62.05
C HIS C 189 50.91 43.52 60.85
N ASN C 190 51.92 42.89 60.28
CA ASN C 190 52.73 43.52 59.27
C ASN C 190 52.56 42.93 57.89
N SER C 191 52.73 41.62 57.75
CA SER C 191 52.75 40.95 56.45
C SER C 191 51.36 40.40 56.15
N TYR C 192 50.79 40.81 55.01
CA TYR C 192 49.49 40.33 54.52
C TYR C 192 49.68 39.64 53.18
N THR C 193 49.25 38.39 53.08
CA THR C 193 49.59 37.53 51.96
C THR C 193 48.33 36.87 51.40
N CYS C 194 48.17 36.93 50.08
CA CYS C 194 47.09 36.26 49.36
C CYS C 194 47.71 35.25 48.40
N GLU C 195 47.33 33.98 48.54
CA GLU C 195 47.98 32.85 47.85
C GLU C 195 46.96 32.07 47.03
N ALA C 196 47.16 32.02 45.72
CA ALA C 196 46.24 31.31 44.84
C ALA C 196 46.92 30.07 44.26
N THR C 197 46.22 28.93 44.36
CA THR C 197 46.66 27.67 43.77
C THR C 197 45.68 27.26 42.69
N HIS C 198 46.18 27.17 41.47
CA HIS C 198 45.44 26.84 40.25
C HIS C 198 46.21 25.77 39.50
N LYS C 199 45.53 25.03 38.63
CA LYS C 199 46.19 23.89 37.99
C LYS C 199 47.26 24.33 36.98
N THR C 200 47.24 25.58 36.53
CA THR C 200 48.21 26.02 35.55
C THR C 200 49.65 25.98 36.07
N SER C 201 49.86 25.84 37.37
CA SER C 201 51.23 25.74 37.86
C SER C 201 51.28 25.16 39.26
N THR C 202 52.20 24.21 39.45
CA THR C 202 52.35 23.64 40.77
C THR C 202 52.91 24.62 41.76
N SER C 203 53.40 25.76 41.30
CA SER C 203 53.79 26.57 42.43
C SER C 203 52.72 27.62 42.68
N PRO C 204 52.42 27.90 43.93
CA PRO C 204 51.39 28.91 44.23
C PRO C 204 51.82 30.29 43.76
N ILE C 205 50.85 31.07 43.27
CA ILE C 205 51.03 32.48 43.00
C ILE C 205 50.86 33.26 44.30
N VAL C 206 51.86 34.04 44.69
CA VAL C 206 51.85 34.67 46.00
C VAL C 206 51.94 36.18 45.85
N LYS C 207 50.93 36.90 46.33
CA LYS C 207 50.94 38.36 46.33
C LYS C 207 50.81 38.87 47.75
N SER C 208 51.68 39.81 48.12
CA SER C 208 51.76 40.22 49.51
C SER C 208 52.16 41.69 49.59
N PHE C 209 51.96 42.26 50.77
CA PHE C 209 52.45 43.61 51.06
C PHE C 209 52.81 43.66 52.53
N ASN C 210 53.68 44.61 52.86
CA ASN C 210 54.02 44.89 54.24
C ASN C 210 53.34 46.17 54.68
N ARG C 211 52.73 46.14 55.86
CA ARG C 211 51.94 47.27 56.33
C ARG C 211 52.80 48.51 56.58
N ASN C 212 54.07 48.34 56.93
CA ASN C 212 54.97 49.48 57.18
C ASN C 212 55.45 50.18 55.90
N GLU C 213 54.75 50.02 54.76
CA GLU C 213 55.03 50.78 53.54
C GLU C 213 53.83 51.65 53.18
N GLN D 1 -0.18 32.98 20.80
CA GLN D 1 0.94 33.13 21.70
C GLN D 1 0.47 32.94 23.17
N VAL D 2 0.93 31.84 23.77
CA VAL D 2 0.65 31.51 25.16
C VAL D 2 1.54 32.35 26.06
N GLN D 3 0.96 32.95 27.09
CA GLN D 3 1.70 33.93 27.87
C GLN D 3 1.23 33.89 29.32
N LEU D 4 2.20 33.92 30.23
CA LEU D 4 1.90 33.91 31.64
C LEU D 4 2.57 35.14 32.21
N GLN D 5 1.77 36.08 32.68
CA GLN D 5 2.25 37.32 33.27
C GLN D 5 2.12 37.31 34.80
N GLN D 6 3.28 37.38 35.48
CA GLN D 6 3.40 37.33 36.93
C GLN D 6 3.55 38.72 37.54
N SER D 7 3.17 38.84 38.81
CA SER D 7 3.23 40.12 39.50
C SER D 7 4.66 40.52 39.79
N GLY D 8 4.80 41.78 40.21
CA GLY D 8 6.09 42.39 40.33
C GLY D 8 6.88 41.92 41.51
N ALA D 9 8.14 42.36 41.54
CA ALA D 9 9.08 41.91 42.55
C ALA D 9 8.57 42.28 43.94
N GLU D 10 9.06 41.56 44.94
CA GLU D 10 8.49 41.67 46.27
C GLU D 10 9.61 41.74 47.29
N LEU D 11 9.55 42.76 48.15
CA LEU D 11 10.54 43.01 49.20
C LEU D 11 9.81 43.28 50.51
N VAL D 12 9.83 42.31 51.45
CA VAL D 12 8.99 42.31 52.65
C VAL D 12 9.78 41.89 53.88
N ARG D 13 9.10 41.90 55.03
CA ARG D 13 9.68 41.61 56.33
C ARG D 13 9.40 40.17 56.72
N PRO D 14 10.22 39.59 57.60
CA PRO D 14 9.95 38.21 58.05
C PRO D 14 8.65 38.19 58.80
N GLY D 15 7.99 37.02 58.76
CA GLY D 15 6.69 36.86 59.37
C GLY D 15 5.53 37.33 58.53
N THR D 16 5.76 38.09 57.47
CA THR D 16 4.64 38.59 56.67
C THR D 16 4.12 37.51 55.72
N SER D 17 3.17 37.88 54.88
CA SER D 17 2.63 36.99 53.88
C SER D 17 2.59 37.72 52.54
N VAL D 18 2.73 36.97 51.44
CA VAL D 18 2.66 37.55 50.10
C VAL D 18 1.83 36.64 49.21
N LYS D 19 1.22 37.27 48.19
CA LYS D 19 0.33 36.62 47.25
C LYS D 19 0.81 37.03 45.86
N VAL D 20 1.38 36.07 45.14
CA VAL D 20 1.93 36.33 43.81
C VAL D 20 0.91 35.89 42.76
N SER D 21 0.71 36.73 41.75
CA SER D 21 -0.30 36.42 40.73
C SER D 21 0.39 36.02 39.43
N CYS D 22 -0.36 35.28 38.61
CA CYS D 22 0.11 34.75 37.34
C CYS D 22 -1.10 34.77 36.41
N LYS D 23 -1.10 35.71 35.47
CA LYS D 23 -2.25 35.96 34.61
C LYS D 23 -1.99 35.27 33.28
N ALA D 24 -2.88 34.36 32.90
CA ALA D 24 -2.75 33.61 31.66
C ALA D 24 -3.48 34.32 30.52
N SER D 25 -2.96 34.17 29.33
CA SER D 25 -3.53 34.71 28.13
C SER D 25 -3.11 33.83 26.96
N GLY D 26 -3.90 33.75 25.91
CA GLY D 26 -3.55 32.96 24.76
C GLY D 26 -3.99 31.51 24.64
N TYR D 27 -4.85 31.06 25.55
CA TYR D 27 -5.41 29.70 25.58
C TYR D 27 -6.56 29.62 26.55
N ALA D 28 -7.31 28.53 26.52
CA ALA D 28 -8.44 28.29 27.42
C ALA D 28 -7.99 27.92 28.83
N PHE D 29 -8.15 28.87 29.74
CA PHE D 29 -7.55 28.79 31.07
C PHE D 29 -8.05 27.61 31.91
N THR D 30 -9.29 27.15 31.69
CA THR D 30 -10.04 26.46 32.75
C THR D 30 -9.39 25.14 33.19
N ASN D 31 -8.87 24.35 32.25
CA ASN D 31 -8.47 22.98 32.54
C ASN D 31 -6.98 22.71 32.52
N HIS D 32 -6.16 23.64 32.04
CA HIS D 32 -4.71 23.43 32.04
C HIS D 32 -4.14 23.56 33.45
N LEU D 33 -3.43 22.54 33.93
CA LEU D 33 -2.82 22.62 35.25
C LEU D 33 -1.74 23.71 35.28
N ILE D 34 -1.69 24.44 36.39
CA ILE D 34 -0.68 25.48 36.63
C ILE D 34 0.25 25.00 37.74
N GLU D 35 1.54 24.84 37.42
CA GLU D 35 2.57 24.48 38.39
C GLU D 35 3.21 25.72 38.99
N TRP D 36 3.83 25.56 40.16
CA TRP D 36 4.63 26.63 40.77
C TRP D 36 5.97 26.06 41.20
N VAL D 37 7.06 26.79 40.90
CA VAL D 37 8.40 26.28 41.14
C VAL D 37 9.26 27.40 41.71
N ASN D 38 10.22 26.99 42.55
CA ASN D 38 11.22 27.78 43.25
C ASN D 38 12.56 27.74 42.52
N GLN D 39 13.34 28.82 42.63
CA GLN D 39 14.74 28.81 42.21
C GLN D 39 15.49 29.86 43.02
N ARG D 40 16.40 29.41 43.94
CA ARG D 40 17.20 30.37 44.66
C ARG D 40 18.48 30.69 43.88
N PRO D 41 19.04 31.88 44.08
CA PRO D 41 20.21 32.31 43.28
C PRO D 41 21.29 31.23 43.24
N GLY D 42 21.70 30.87 42.02
CA GLY D 42 22.71 29.87 41.78
C GLY D 42 22.26 28.43 41.98
N GLN D 43 21.07 28.19 42.46
CA GLN D 43 20.64 26.81 42.65
C GLN D 43 19.78 26.39 41.46
N GLY D 44 19.22 25.20 41.54
CA GLY D 44 18.30 24.68 40.55
C GLY D 44 16.84 25.00 40.85
N LEU D 45 15.96 24.08 40.43
CA LEU D 45 14.52 24.26 40.51
C LEU D 45 13.91 23.25 41.47
N GLU D 46 12.95 23.70 42.27
CA GLU D 46 12.20 22.84 43.18
C GLU D 46 10.71 23.08 42.95
N TRP D 47 9.93 22.00 42.88
CA TRP D 47 8.49 22.08 42.59
C TRP D 47 7.69 22.31 43.87
N ILE D 48 6.79 23.29 43.87
CA ILE D 48 5.99 23.64 45.06
C ILE D 48 4.63 22.97 45.07
N GLY D 49 3.93 22.96 43.94
CA GLY D 49 2.57 22.45 43.93
C GLY D 49 1.88 22.74 42.62
N VAL D 50 0.68 22.19 42.48
CA VAL D 50 -0.09 22.34 41.26
C VAL D 50 -1.56 22.54 41.59
N ILE D 51 -2.26 23.30 40.74
CA ILE D 51 -3.68 23.54 40.89
C ILE D 51 -4.39 23.24 39.58
N ASN D 52 -5.57 22.63 39.68
CA ASN D 52 -6.47 22.56 38.53
C ASN D 52 -7.38 23.78 38.61
N PRO D 53 -7.17 24.79 37.76
CA PRO D 53 -7.92 26.04 37.90
C PRO D 53 -9.42 25.87 37.80
N GLY D 54 -9.89 24.87 37.06
CA GLY D 54 -11.33 24.69 36.90
C GLY D 54 -12.02 24.14 38.14
N SER D 55 -11.53 23.01 38.66
CA SER D 55 -12.09 22.45 39.89
C SER D 55 -11.51 23.06 41.17
N GLY D 56 -10.36 23.73 41.12
CA GLY D 56 -9.69 24.16 42.34
C GLY D 56 -8.89 23.08 43.04
N GLY D 57 -8.81 21.87 42.51
CA GLY D 57 -8.01 20.85 43.14
C GLY D 57 -6.53 21.17 43.08
N THR D 58 -5.84 20.77 44.13
CA THR D 58 -4.44 21.09 44.30
C THR D 58 -3.70 19.84 44.73
N LYS D 59 -2.39 19.84 44.51
CA LYS D 59 -1.52 18.85 45.11
C LYS D 59 -0.23 19.56 45.48
N TYR D 60 0.25 19.35 46.69
CA TYR D 60 1.36 20.11 47.25
C TYR D 60 2.56 19.22 47.45
N ASN D 61 3.74 19.77 47.17
CA ASN D 61 4.96 19.20 47.70
C ASN D 61 4.84 19.19 49.21
N GLU D 62 5.10 18.03 49.82
CA GLU D 62 4.92 17.95 51.27
C GLU D 62 5.74 19.00 52.01
N LYS D 63 6.93 19.35 51.50
CA LYS D 63 7.75 20.39 52.11
C LYS D 63 7.07 21.75 52.17
N PHE D 64 6.05 21.99 51.34
CA PHE D 64 5.39 23.30 51.28
C PHE D 64 3.98 23.29 51.84
N LYS D 65 3.52 22.17 52.39
CA LYS D 65 2.20 22.14 53.03
C LYS D 65 2.17 23.15 54.19
N GLY D 66 1.17 24.05 54.15
CA GLY D 66 1.05 25.11 55.12
C GLY D 66 1.93 26.31 54.88
N LYS D 67 2.87 26.23 53.94
CA LYS D 67 3.65 27.39 53.50
C LYS D 67 3.03 28.06 52.27
N ALA D 68 2.69 27.30 51.24
CA ALA D 68 2.11 27.87 50.01
C ALA D 68 0.63 27.53 49.90
N THR D 69 -0.18 28.48 49.49
CA THR D 69 -1.56 28.21 49.25
C THR D 69 -1.88 28.59 47.82
N LEU D 70 -2.38 27.66 47.05
CA LEU D 70 -2.73 27.85 45.66
C LEU D 70 -4.21 28.05 45.48
N THR D 71 -4.56 29.06 44.71
CA THR D 71 -5.94 29.39 44.35
C THR D 71 -5.98 29.80 42.90
N ALA D 72 -7.17 29.84 42.32
CA ALA D 72 -7.29 30.23 40.92
C ALA D 72 -8.61 30.96 40.80
N ASP D 73 -8.63 31.97 39.95
CA ASP D 73 -9.82 32.76 39.68
C ASP D 73 -10.09 32.66 38.18
N LYS D 74 -10.97 31.71 37.80
CA LYS D 74 -11.13 31.41 36.38
C LYS D 74 -11.76 32.58 35.65
N SER D 75 -12.57 33.38 36.35
CA SER D 75 -13.12 34.63 35.81
C SER D 75 -12.04 35.54 35.22
N SER D 76 -11.00 35.84 36.00
CA SER D 76 -9.96 36.74 35.53
C SER D 76 -8.84 36.02 34.79
N SER D 77 -8.84 34.68 34.77
CA SER D 77 -7.80 33.85 34.14
C SER D 77 -6.46 33.96 34.88
N THR D 78 -6.52 33.97 36.22
CA THR D 78 -5.36 34.24 37.06
C THR D 78 -5.16 33.12 38.06
N ALA D 79 -3.91 32.64 38.19
CA ALA D 79 -3.54 31.76 39.30
C ALA D 79 -2.84 32.56 40.38
N TYR D 80 -3.05 32.18 41.64
CA TYR D 80 -2.41 32.86 42.77
C TYR D 80 -1.67 31.85 43.62
N MET D 81 -0.52 32.27 44.12
CA MET D 81 0.23 31.53 45.11
C MET D 81 0.46 32.48 46.25
N GLN D 82 -0.07 32.16 47.41
CA GLN D 82 0.17 32.89 48.64
C GLN D 82 1.20 32.12 49.45
N LEU D 83 2.22 32.81 49.94
CA LEU D 83 3.26 32.21 50.77
C LEU D 83 3.20 32.90 52.12
N SER D 84 2.88 32.15 53.16
CA SER D 84 2.72 32.76 54.47
C SER D 84 3.94 32.51 55.35
N ARG D 85 4.00 33.27 56.45
CA ARG D 85 5.00 33.13 57.50
C ARG D 85 6.42 33.19 56.94
N LEU D 86 6.71 34.27 56.23
CA LEU D 86 7.93 34.34 55.45
C LEU D 86 9.17 34.42 56.33
N THR D 87 10.18 33.65 55.98
CA THR D 87 11.48 33.77 56.59
C THR D 87 12.47 34.10 55.48
N SER D 88 13.71 34.41 55.88
CA SER D 88 14.68 34.81 54.87
C SER D 88 15.05 33.66 53.95
N ASP D 89 14.84 32.41 54.39
CA ASP D 89 15.06 31.25 53.55
C ASP D 89 14.08 31.16 52.39
N ASP D 90 12.96 31.90 52.42
CA ASP D 90 12.00 31.89 51.31
C ASP D 90 12.39 32.86 50.19
N SER D 91 13.50 33.60 50.34
CA SER D 91 13.96 34.51 49.29
C SER D 91 14.38 33.70 48.09
N ALA D 92 13.84 34.02 46.92
CA ALA D 92 13.94 33.14 45.76
C ALA D 92 13.23 33.81 44.61
N VAL D 93 13.34 33.21 43.43
CA VAL D 93 12.53 33.55 42.27
C VAL D 93 11.47 32.48 42.11
N TYR D 94 10.21 32.90 42.02
CA TYR D 94 9.09 31.97 41.90
C TYR D 94 8.48 32.03 40.51
N PHE D 95 8.30 30.86 39.91
CA PHE D 95 7.76 30.74 38.57
C PHE D 95 6.40 30.09 38.65
N CYS D 96 5.47 30.56 37.83
CA CYS D 96 4.31 29.76 37.48
C CYS D 96 4.58 29.17 36.10
N ALA D 97 3.97 28.02 35.83
CA ALA D 97 4.16 27.37 34.55
C ALA D 97 2.91 26.58 34.23
N ARG D 98 2.60 26.48 32.93
CA ARG D 98 1.42 25.77 32.51
C ARG D 98 1.75 24.32 32.14
N SER D 99 0.87 23.40 32.53
CA SER D 99 1.00 22.01 32.14
C SER D 99 -0.24 21.60 31.38
N SER D 100 -0.33 20.32 31.01
CA SER D 100 -1.44 19.85 30.22
C SER D 100 -2.73 19.78 31.07
N GLU D 101 -3.80 19.26 30.49
CA GLU D 101 -5.12 19.39 31.07
C GLU D 101 -5.48 18.22 31.97
N PHE D 102 -6.07 18.56 33.12
CA PHE D 102 -6.59 17.61 34.10
C PHE D 102 -5.50 16.79 34.78
N ILE D 103 -4.52 16.33 34.01
CA ILE D 103 -3.47 15.45 34.48
C ILE D 103 -2.17 15.81 33.75
N THR D 104 -1.03 15.60 34.41
CA THR D 104 0.25 16.08 33.88
C THR D 104 0.89 15.03 32.97
N THR D 105 0.48 15.02 31.69
CA THR D 105 1.20 14.20 30.72
C THR D 105 2.27 15.00 29.99
N VAL D 106 2.14 16.31 29.99
CA VAL D 106 3.20 17.22 29.57
C VAL D 106 3.34 18.26 30.67
N ALA D 107 4.56 18.47 31.16
CA ALA D 107 4.80 19.31 32.32
C ALA D 107 5.44 20.62 31.91
N ALA D 108 4.84 21.73 32.32
CA ALA D 108 5.49 23.05 32.27
C ALA D 108 6.01 23.41 30.86
N ASP D 109 5.08 23.46 29.89
CA ASP D 109 5.47 23.80 28.51
C ASP D 109 5.61 25.30 28.28
N TYR D 110 4.96 26.13 29.08
CA TYR D 110 5.18 27.58 29.09
C TYR D 110 5.41 28.07 30.51
N TRP D 111 6.38 28.96 30.67
CA TRP D 111 6.76 29.49 31.97
C TRP D 111 6.48 30.97 32.06
N GLY D 112 6.04 31.42 33.24
CA GLY D 112 5.97 32.84 33.52
C GLY D 112 7.37 33.42 33.63
N GLN D 113 7.44 34.73 33.75
CA GLN D 113 8.74 35.40 33.71
C GLN D 113 9.46 35.39 35.06
N GLY D 114 8.79 34.98 36.12
CA GLY D 114 9.37 34.87 37.44
C GLY D 114 9.09 36.07 38.32
N THR D 115 9.03 35.83 39.63
CA THR D 115 8.81 36.87 40.62
C THR D 115 9.88 36.72 41.70
N THR D 116 10.72 37.74 41.86
CA THR D 116 11.75 37.73 42.89
C THR D 116 11.12 38.13 44.21
N LEU D 117 11.29 37.31 45.23
CA LEU D 117 10.81 37.66 46.54
C LEU D 117 12.01 37.80 47.46
N THR D 118 12.12 38.94 48.15
CA THR D 118 13.18 39.17 49.12
C THR D 118 12.58 39.40 50.49
N VAL D 119 12.91 38.53 51.43
CA VAL D 119 12.42 38.60 52.80
C VAL D 119 13.59 38.94 53.69
N SER D 120 13.53 40.10 54.32
CA SER D 120 14.64 40.65 55.07
C SER D 120 14.10 41.64 56.10
N SER D 121 14.76 41.71 57.24
CA SER D 121 14.48 42.75 58.21
C SER D 121 15.26 44.02 57.97
N ALA D 122 16.26 44.00 57.09
CA ALA D 122 17.14 45.15 56.92
C ALA D 122 16.38 46.31 56.30
N LYS D 123 16.85 47.53 56.57
CA LYS D 123 16.27 48.72 55.98
C LYS D 123 17.18 49.30 54.91
N THR D 124 16.61 50.19 54.09
CA THR D 124 17.35 50.85 53.03
C THR D 124 18.61 51.52 53.57
N THR D 125 19.77 51.06 53.09
CA THR D 125 21.03 51.68 53.52
C THR D 125 21.89 51.91 52.29
N PRO D 126 22.43 53.12 52.11
CA PRO D 126 23.30 53.40 50.97
C PRO D 126 24.66 52.72 51.14
N PRO D 127 25.40 52.51 50.05
CA PRO D 127 26.70 51.84 50.15
C PRO D 127 27.83 52.77 50.54
N SER D 128 28.78 52.21 51.28
CA SER D 128 30.11 52.79 51.39
C SER D 128 30.95 52.33 50.20
N VAL D 129 31.62 53.28 49.56
CA VAL D 129 32.41 53.05 48.36
C VAL D 129 33.86 53.35 48.71
N TYR D 130 34.70 52.33 48.71
CA TYR D 130 36.10 52.54 49.06
C TYR D 130 36.98 52.30 47.84
N PRO D 131 38.00 53.13 47.62
CA PRO D 131 38.90 52.93 46.47
C PRO D 131 39.94 51.86 46.73
N LEU D 132 40.29 51.13 45.67
CA LEU D 132 41.32 50.09 45.75
C LEU D 132 42.44 50.38 44.76
N ALA D 133 43.52 50.99 45.24
CA ALA D 133 44.73 51.27 44.46
C ALA D 133 45.91 50.54 45.10
N PRO D 134 46.96 50.23 44.31
CA PRO D 134 48.10 49.47 44.85
C PRO D 134 48.78 50.13 46.04
N SER D 142 53.20 47.19 33.18
CA SER D 142 52.55 47.04 31.89
C SER D 142 51.07 47.36 32.05
N MET D 143 50.39 46.52 32.83
CA MET D 143 48.97 46.61 33.08
C MET D 143 48.75 46.81 34.57
N VAL D 144 47.96 47.82 34.93
CA VAL D 144 47.65 48.12 36.32
C VAL D 144 46.20 47.72 36.56
N THR D 145 45.95 47.08 37.69
CA THR D 145 44.58 46.72 38.08
C THR D 145 44.16 47.59 39.25
N LEU D 146 43.00 48.23 39.10
CA LEU D 146 42.43 49.09 40.12
C LEU D 146 41.09 48.51 40.58
N GLY D 147 40.54 49.05 41.66
CA GLY D 147 39.31 48.49 42.18
C GLY D 147 38.45 49.44 42.96
N CYS D 148 37.19 49.02 43.16
CA CYS D 148 36.21 49.78 43.93
C CYS D 148 35.46 48.82 44.84
N LEU D 149 35.51 49.06 46.14
CA LEU D 149 34.86 48.22 47.13
C LEU D 149 33.55 48.88 47.57
N VAL D 150 32.45 48.14 47.45
CA VAL D 150 31.10 48.69 47.64
C VAL D 150 30.43 47.88 48.74
N LYS D 151 30.41 48.39 49.96
CA LYS D 151 30.21 47.57 51.14
C LYS D 151 28.98 48.04 51.91
N GLY D 152 28.13 47.11 52.30
CA GLY D 152 27.08 47.40 53.24
C GLY D 152 25.87 48.16 52.75
N TYR D 153 25.33 47.80 51.60
CA TYR D 153 24.16 48.45 51.05
C TYR D 153 22.98 47.50 51.07
N PHE D 154 21.77 48.08 51.03
CA PHE D 154 20.53 47.30 50.98
C PHE D 154 19.42 48.14 50.39
N PRO D 155 18.59 47.60 49.51
CA PRO D 155 18.71 46.25 48.95
C PRO D 155 19.47 46.23 47.63
N GLU D 156 19.59 45.07 47.00
CA GLU D 156 20.11 45.02 45.65
C GLU D 156 19.17 45.80 44.74
N PRO D 157 19.68 46.38 43.64
CA PRO D 157 21.06 46.36 43.17
C PRO D 157 21.80 47.71 43.23
N VAL D 158 23.10 47.64 42.94
CA VAL D 158 23.94 48.79 42.61
C VAL D 158 24.44 48.59 41.19
N THR D 159 24.85 49.69 40.55
CA THR D 159 25.54 49.61 39.27
C THR D 159 26.92 50.22 39.41
N VAL D 160 27.92 49.52 38.88
CA VAL D 160 29.29 50.02 38.84
C VAL D 160 29.62 50.29 37.37
N THR D 161 29.99 51.53 37.07
CA THR D 161 30.56 51.91 35.79
C THR D 161 31.89 52.59 36.06
N TRP D 162 32.72 52.66 35.03
CA TRP D 162 34.03 53.29 35.13
C TRP D 162 34.13 54.42 34.10
N ASN D 163 34.54 55.59 34.58
CA ASN D 163 34.67 56.80 33.77
C ASN D 163 33.38 57.10 33.00
N SER D 164 32.26 57.04 33.72
CA SER D 164 30.93 57.21 33.15
C SER D 164 30.76 56.44 31.83
N GLY D 165 31.07 55.14 31.90
CA GLY D 165 30.91 54.22 30.79
C GLY D 165 32.14 54.04 29.93
N SER D 166 33.04 55.03 29.90
CA SER D 166 34.16 55.03 28.96
C SER D 166 35.04 53.80 29.08
N LEU D 167 35.12 53.19 30.26
CA LEU D 167 35.89 51.96 30.44
C LEU D 167 34.97 50.76 30.47
N SER D 168 35.40 49.69 29.79
CA SER D 168 34.52 48.60 29.40
C SER D 168 35.33 47.31 29.22
N SER D 169 36.55 47.43 28.68
CA SER D 169 37.27 46.23 28.30
C SER D 169 37.76 45.47 29.54
N GLY D 170 38.52 46.14 30.41
CA GLY D 170 39.07 45.50 31.60
C GLY D 170 38.30 45.65 32.91
N VAL D 171 36.99 45.44 32.89
CA VAL D 171 36.14 45.66 34.06
C VAL D 171 35.54 44.34 34.50
N HIS D 172 35.65 44.04 35.79
CA HIS D 172 34.97 42.92 36.42
C HIS D 172 34.21 43.42 37.63
N THR D 173 32.89 43.31 37.57
CA THR D 173 32.02 43.60 38.70
C THR D 173 31.49 42.27 39.25
N PHE D 174 31.87 41.94 40.46
CA PHE D 174 31.59 40.64 41.00
C PHE D 174 30.18 40.61 41.61
N PRO D 175 29.60 39.41 41.75
CA PRO D 175 28.26 39.32 42.36
C PRO D 175 28.30 39.78 43.81
N ALA D 176 27.18 40.31 44.29
CA ALA D 176 27.07 40.74 45.69
C ALA D 176 27.00 39.53 46.61
N VAL D 177 27.50 39.70 47.82
CA VAL D 177 27.47 38.67 48.84
C VAL D 177 26.82 39.22 50.11
N LEU D 178 26.07 38.37 50.81
CA LEU D 178 25.33 38.77 52.01
C LEU D 178 26.20 38.51 53.22
N GLN D 179 26.70 39.59 53.84
CA GLN D 179 27.36 39.53 55.14
C GLN D 179 26.57 40.42 56.10
N SER D 180 25.82 39.80 57.01
CA SER D 180 25.20 40.49 58.13
C SER D 180 23.98 41.31 57.72
N ASP D 181 23.10 40.73 56.91
CA ASP D 181 21.88 41.36 56.42
C ASP D 181 22.16 42.46 55.41
N LEU D 182 23.41 42.80 55.16
CA LEU D 182 23.78 43.82 54.20
C LEU D 182 24.63 43.19 53.13
N TYR D 183 24.60 43.80 51.95
CA TYR D 183 25.31 43.30 50.79
C TYR D 183 26.64 44.02 50.61
N THR D 184 27.61 43.31 50.03
CA THR D 184 28.92 43.87 49.66
C THR D 184 29.35 43.31 48.30
N LEU D 185 30.06 44.14 47.53
CA LEU D 185 30.67 43.66 46.29
C LEU D 185 31.94 44.44 46.00
N SER D 186 32.67 43.97 44.99
CA SER D 186 33.88 44.62 44.51
C SER D 186 33.89 44.68 42.99
N SER D 187 34.64 45.64 42.45
CA SER D 187 34.80 45.85 41.02
C SER D 187 36.28 46.03 40.70
N SER D 188 36.78 45.25 39.73
CA SER D 188 38.15 45.39 39.24
C SER D 188 38.17 46.12 37.90
N VAL D 189 39.26 46.84 37.64
CA VAL D 189 39.45 47.51 36.35
C VAL D 189 40.94 47.48 35.99
N THR D 190 41.24 47.23 34.71
CA THR D 190 42.62 47.12 34.21
C THR D 190 42.87 48.08 33.04
N VAL D 191 43.78 49.03 33.25
CA VAL D 191 44.20 50.05 32.26
C VAL D 191 45.72 50.00 32.13
N PRO D 192 46.33 50.58 31.08
CA PRO D 192 47.79 50.49 30.94
C PRO D 192 48.56 51.13 32.11
N SER D 193 49.65 50.46 32.51
CA SER D 193 50.43 50.94 33.66
C SER D 193 51.03 52.31 33.42
N SER D 194 51.52 52.57 32.21
CA SER D 194 52.18 53.84 31.92
C SER D 194 51.17 54.94 31.63
N THR D 195 49.89 54.65 31.85
CA THR D 195 48.89 55.70 31.86
C THR D 195 48.46 56.09 33.28
N TRP D 196 48.50 55.16 34.30
CA TRP D 196 48.13 55.48 35.69
C TRP D 196 49.39 55.74 36.53
N PRO D 197 49.43 56.79 37.39
CA PRO D 197 48.37 57.73 37.77
C PRO D 197 48.20 58.93 36.85
N SER D 198 48.90 58.97 35.72
CA SER D 198 48.74 60.05 34.74
C SER D 198 47.28 60.39 34.41
N GLU D 199 46.31 59.44 34.26
CA GLU D 199 44.98 59.97 33.95
C GLU D 199 44.21 60.03 35.28
N THR D 200 42.90 59.95 35.15
CA THR D 200 41.91 59.87 36.21
C THR D 200 41.10 58.61 35.92
N VAL D 201 41.08 57.71 36.88
CA VAL D 201 40.19 56.57 36.88
C VAL D 201 39.18 56.82 37.99
N THR D 202 37.90 56.90 37.61
CA THR D 202 36.82 57.24 38.51
C THR D 202 35.75 56.17 38.37
N CYS D 203 35.40 55.50 39.47
CA CYS D 203 34.33 54.51 39.45
C CYS D 203 33.04 55.20 39.90
N ASN D 204 31.96 54.96 39.17
CA ASN D 204 30.66 55.56 39.45
C ASN D 204 29.75 54.46 39.98
N VAL D 205 29.29 54.62 41.21
CA VAL D 205 28.44 53.65 41.89
C VAL D 205 27.12 54.36 42.13
N ALA D 206 26.03 53.71 41.74
CA ALA D 206 24.70 54.25 41.92
C ALA D 206 23.87 53.23 42.69
N HIS D 207 23.16 53.70 43.72
CA HIS D 207 22.25 52.85 44.50
C HIS D 207 20.87 53.48 44.47
N PRO D 208 20.03 53.14 43.48
CA PRO D 208 18.76 53.86 43.32
C PRO D 208 17.86 53.81 44.54
N ALA D 209 17.88 52.71 45.32
CA ALA D 209 16.94 52.60 46.42
C ALA D 209 17.14 53.72 47.43
N SER D 210 18.37 54.13 47.67
CA SER D 210 18.62 55.29 48.50
C SER D 210 18.73 56.59 47.70
N SER D 211 18.63 56.52 46.36
CA SER D 211 18.77 57.68 45.47
C SER D 211 20.17 58.29 45.54
N THR D 212 21.17 57.47 45.83
CA THR D 212 22.54 57.93 46.02
C THR D 212 23.39 57.67 44.79
N LYS D 213 24.40 58.53 44.60
CA LYS D 213 25.29 58.48 43.44
C LYS D 213 26.68 58.92 43.86
N VAL D 214 27.65 58.00 43.78
CA VAL D 214 29.00 58.25 44.30
C VAL D 214 30.03 58.06 43.18
N ASP D 215 31.00 58.97 43.12
CA ASP D 215 32.14 58.87 42.20
C ASP D 215 33.41 58.77 43.02
N LYS D 216 34.23 57.76 42.72
CA LYS D 216 35.47 57.56 43.47
C LYS D 216 36.67 57.62 42.52
N LYS D 217 37.48 58.67 42.67
CA LYS D 217 38.72 58.84 41.93
C LYS D 217 39.80 57.98 42.56
N ILE D 218 40.49 57.18 41.75
CA ILE D 218 41.51 56.25 42.27
C ILE D 218 42.86 56.97 42.35
N VAL D 219 43.32 57.22 43.57
CA VAL D 219 44.56 57.92 43.83
C VAL D 219 45.53 57.00 44.56
N PRO D 220 46.82 56.98 44.20
CA PRO D 220 47.79 56.17 44.95
C PRO D 220 47.96 56.69 46.38
N ASP E 1 -27.01 1.62 2.12
CA ASP E 1 -26.58 3.00 2.07
C ASP E 1 -27.48 3.95 2.86
N ILE E 2 -26.86 4.83 3.61
CA ILE E 2 -27.59 5.84 4.38
C ILE E 2 -27.92 7.01 3.47
N VAL E 3 -29.14 7.52 3.55
CA VAL E 3 -29.52 8.70 2.77
C VAL E 3 -29.49 9.91 3.68
N MET E 4 -28.89 10.99 3.21
CA MET E 4 -28.87 12.25 3.92
C MET E 4 -29.76 13.19 3.15
N THR E 5 -30.95 13.45 3.68
CA THR E 5 -31.96 14.24 2.98
C THR E 5 -32.02 15.65 3.56
N GLN E 6 -31.67 16.64 2.73
CA GLN E 6 -31.89 18.05 3.05
C GLN E 6 -33.19 18.46 2.37
N SER E 7 -34.29 18.46 3.12
CA SER E 7 -35.61 18.60 2.51
C SER E 7 -35.79 19.92 1.78
N GLN E 8 -34.96 20.91 2.04
CA GLN E 8 -35.23 22.27 1.60
C GLN E 8 -34.14 22.60 0.60
N LYS E 9 -34.44 22.57 -0.69
CA LYS E 9 -33.27 22.85 -1.50
C LYS E 9 -33.07 24.32 -1.72
N PHE E 10 -34.10 25.14 -1.55
CA PHE E 10 -33.85 26.55 -1.71
C PHE E 10 -34.32 27.25 -0.46
N MET E 11 -33.60 28.31 -0.14
CA MET E 11 -33.85 29.10 1.06
C MET E 11 -33.55 30.55 0.74
N SER E 12 -34.59 31.38 0.80
CA SER E 12 -34.44 32.81 0.62
C SER E 12 -34.25 33.48 1.97
N THR E 13 -33.41 34.52 2.01
CA THR E 13 -33.10 35.20 3.25
C THR E 13 -32.47 36.56 2.92
N SER E 14 -32.48 37.46 3.91
CA SER E 14 -31.87 38.77 3.77
C SER E 14 -30.74 38.94 4.77
N VAL E 15 -29.82 39.86 4.45
CA VAL E 15 -28.69 40.15 5.33
C VAL E 15 -29.20 40.55 6.70
N GLY E 16 -28.76 39.83 7.75
CA GLY E 16 -29.17 40.08 9.12
C GLY E 16 -30.20 39.12 9.70
N ASP E 17 -30.83 38.29 8.88
CA ASP E 17 -31.80 37.32 9.37
C ASP E 17 -31.12 36.07 9.94
N ARG E 18 -31.96 35.13 10.36
CA ARG E 18 -31.55 33.83 10.89
C ARG E 18 -32.01 32.74 9.93
N VAL E 19 -31.12 31.77 9.63
CA VAL E 19 -31.41 30.69 8.69
C VAL E 19 -31.19 29.35 9.37
N SER E 20 -32.04 28.37 9.04
CA SER E 20 -31.97 27.02 9.61
C SER E 20 -32.10 25.96 8.51
N ILE E 21 -31.00 25.29 8.21
CA ILE E 21 -30.89 24.31 7.13
C ILE E 21 -30.97 22.91 7.73
N THR E 22 -31.96 22.12 7.31
CA THR E 22 -32.19 20.80 7.91
C THR E 22 -31.50 19.68 7.13
N CYS E 23 -31.38 18.53 7.80
CA CYS E 23 -30.76 17.34 7.25
C CYS E 23 -31.25 16.13 8.03
N LYS E 24 -31.96 15.22 7.37
CA LYS E 24 -32.48 14.01 8.01
C LYS E 24 -31.75 12.78 7.47
N ALA E 25 -31.28 11.93 8.38
CA ALA E 25 -30.62 10.67 8.07
C ALA E 25 -31.59 9.51 7.89
N SER E 26 -31.18 8.54 7.07
CA SER E 26 -31.91 7.29 6.88
C SER E 26 -31.76 6.30 8.04
N GLN E 27 -30.69 6.40 8.81
CA GLN E 27 -30.46 5.55 9.99
C GLN E 27 -29.81 6.39 11.07
N ASN E 28 -29.59 5.78 12.23
CA ASN E 28 -28.92 6.47 13.33
C ASN E 28 -27.44 6.66 13.00
N VAL E 29 -26.95 7.89 13.07
CA VAL E 29 -25.55 8.15 12.76
C VAL E 29 -24.81 8.81 13.92
N ARG E 30 -25.33 8.68 15.14
CA ARG E 30 -24.69 9.20 16.36
C ARG E 30 -24.50 10.69 16.15
N THR E 31 -23.28 11.22 16.21
CA THR E 31 -23.03 12.61 15.89
C THR E 31 -21.96 12.73 14.81
N ALA E 32 -21.76 11.66 14.04
CA ALA E 32 -20.77 11.62 12.96
C ALA E 32 -21.32 12.29 11.69
N VAL E 33 -21.55 13.60 11.80
CA VAL E 33 -22.08 14.41 10.71
C VAL E 33 -21.18 15.61 10.51
N ALA E 34 -21.02 16.03 9.25
CA ALA E 34 -20.23 17.21 8.90
C ALA E 34 -21.09 18.10 8.01
N TRP E 35 -20.76 19.39 8.00
CA TRP E 35 -21.42 20.38 7.16
C TRP E 35 -20.36 21.11 6.38
N TYR E 36 -20.57 21.27 5.08
CA TYR E 36 -19.64 21.94 4.19
C TYR E 36 -20.36 23.06 3.48
N GLN E 37 -19.60 24.08 3.09
CA GLN E 37 -20.10 25.22 2.34
C GLN E 37 -19.40 25.28 0.98
N GLN E 38 -20.16 25.56 -0.07
CA GLN E 38 -19.58 25.64 -1.41
C GLN E 38 -20.10 26.86 -2.15
N ARG E 39 -19.22 27.81 -2.38
CA ARG E 39 -19.49 28.95 -3.24
C ARG E 39 -19.28 28.55 -4.70
N PRO E 40 -19.98 29.22 -5.63
CA PRO E 40 -19.88 28.82 -7.03
C PRO E 40 -18.45 28.91 -7.55
N GLY E 41 -18.02 27.84 -8.21
CA GLY E 41 -16.68 27.75 -8.75
C GLY E 41 -15.58 27.48 -7.75
N GLN E 42 -15.89 27.04 -6.53
CA GLN E 42 -14.89 26.79 -5.51
C GLN E 42 -15.05 25.38 -4.96
N SER E 43 -13.99 24.89 -4.33
CA SER E 43 -14.11 23.64 -3.60
C SER E 43 -14.97 23.85 -2.36
N PRO E 44 -15.63 22.80 -1.87
CA PRO E 44 -16.33 22.92 -0.59
C PRO E 44 -15.32 23.33 0.48
N LYS E 45 -15.83 23.96 1.53
CA LYS E 45 -15.01 24.38 2.65
C LYS E 45 -15.63 23.82 3.92
N ALA E 46 -14.78 23.27 4.79
CA ALA E 46 -15.25 22.58 5.99
C ALA E 46 -15.72 23.58 7.03
N LEU E 47 -16.88 23.29 7.65
CA LEU E 47 -17.49 24.20 8.61
C LEU E 47 -17.69 23.54 9.96
N ILE E 48 -18.48 22.48 10.04
CA ILE E 48 -18.82 21.84 11.30
C ILE E 48 -18.44 20.37 11.21
N TYR E 49 -17.82 19.86 12.27
CA TYR E 49 -17.45 18.46 12.39
C TYR E 49 -18.01 17.90 13.69
N LEU E 50 -18.21 16.59 13.71
CA LEU E 50 -18.90 15.91 14.80
C LEU E 50 -20.14 16.68 15.21
N ALA E 51 -20.92 17.06 14.20
CA ALA E 51 -22.27 17.63 14.28
C ALA E 51 -22.34 19.06 14.81
N SER E 52 -21.55 19.39 15.84
CA SER E 52 -21.77 20.65 16.54
C SER E 52 -20.50 21.44 16.83
N ASN E 53 -19.34 21.03 16.34
CA ASN E 53 -18.11 21.72 16.64
C ASN E 53 -17.62 22.47 15.41
N ARG E 54 -17.37 23.75 15.54
CA ARG E 54 -16.91 24.55 14.42
C ARG E 54 -15.41 24.36 14.16
N HIS E 55 -15.06 24.28 12.88
CA HIS E 55 -13.65 24.33 12.51
C HIS E 55 -13.09 25.72 12.80
N THR E 56 -11.77 25.78 12.97
CA THR E 56 -11.16 27.05 13.34
C THR E 56 -11.22 28.04 12.17
N GLY E 57 -11.58 29.29 12.49
CA GLY E 57 -11.75 30.34 11.52
C GLY E 57 -13.17 30.56 11.05
N VAL E 58 -14.06 29.60 11.30
CA VAL E 58 -15.44 29.69 10.88
C VAL E 58 -16.16 30.67 11.81
N PRO E 59 -16.80 31.72 11.29
CA PRO E 59 -17.44 32.69 12.17
C PRO E 59 -18.44 32.06 13.12
N ASP E 60 -18.65 32.73 14.27
CA ASP E 60 -19.54 32.23 15.31
C ASP E 60 -21.01 32.25 14.91
N ARG E 61 -21.38 32.85 13.78
CA ARG E 61 -22.77 32.81 13.35
C ARG E 61 -23.22 31.39 13.02
N PHE E 62 -22.31 30.56 12.51
CA PHE E 62 -22.63 29.20 12.12
C PHE E 62 -22.67 28.32 13.36
N THR E 63 -23.74 27.55 13.52
CA THR E 63 -23.83 26.68 14.70
C THR E 63 -24.45 25.36 14.26
N GLY E 64 -23.79 24.25 14.56
CA GLY E 64 -24.27 22.94 14.18
C GLY E 64 -24.93 22.25 15.36
N SER E 65 -26.02 21.55 15.08
CA SER E 65 -26.83 20.93 16.12
C SER E 65 -27.32 19.57 15.65
N GLY E 66 -27.63 18.70 16.61
CA GLY E 66 -28.25 17.43 16.26
C GLY E 66 -27.61 16.17 16.80
N SER E 67 -28.43 15.11 16.84
CA SER E 67 -28.02 13.76 17.21
C SER E 67 -29.14 12.77 16.88
N GLY E 68 -28.81 11.67 16.21
CA GLY E 68 -29.81 10.71 15.77
C GLY E 68 -30.10 10.72 14.29
N THR E 69 -31.11 11.48 13.92
CA THR E 69 -31.62 11.60 12.57
C THR E 69 -31.72 13.05 12.13
N ASP E 70 -32.13 13.96 13.02
CA ASP E 70 -32.39 15.35 12.67
C ASP E 70 -31.19 16.21 13.08
N PHE E 71 -30.44 16.68 12.09
CA PHE E 71 -29.28 17.55 12.25
C PHE E 71 -29.61 18.91 11.64
N THR E 72 -28.92 19.94 12.13
CA THR E 72 -29.25 21.30 11.73
C THR E 72 -27.99 22.17 11.67
N LEU E 73 -27.90 22.98 10.62
CA LEU E 73 -26.88 24.01 10.49
C LEU E 73 -27.61 25.34 10.51
N THR E 74 -27.38 26.14 11.54
CA THR E 74 -28.08 27.40 11.75
C THR E 74 -27.15 28.57 11.50
N ILE E 75 -27.60 29.53 10.67
CA ILE E 75 -26.87 30.78 10.45
C ILE E 75 -27.69 31.91 11.08
N THR E 76 -27.12 32.55 12.09
CA THR E 76 -27.68 33.77 12.65
C THR E 76 -27.00 34.98 11.98
N ASN E 77 -27.78 36.01 11.70
CA ASN E 77 -27.25 37.26 11.15
C ASN E 77 -26.52 37.04 9.82
N VAL E 78 -27.28 36.54 8.84
CA VAL E 78 -26.72 36.12 7.54
C VAL E 78 -25.94 37.24 6.88
N GLN E 79 -24.76 36.92 6.37
CA GLN E 79 -23.93 37.83 5.60
C GLN E 79 -23.95 37.52 4.11
N SER E 80 -23.29 38.38 3.34
CA SER E 80 -23.25 38.22 1.89
C SER E 80 -22.48 36.98 1.46
N GLU E 81 -21.37 36.67 2.14
CA GLU E 81 -20.60 35.48 1.81
C GLU E 81 -21.24 34.18 2.30
N ASP E 82 -22.36 34.25 3.00
CA ASP E 82 -23.09 33.05 3.42
C ASP E 82 -24.08 32.57 2.36
N LEU E 83 -24.19 33.29 1.24
CA LEU E 83 -24.98 32.86 0.08
C LEU E 83 -24.18 31.84 -0.73
N ALA E 84 -24.58 30.57 -0.66
CA ALA E 84 -23.79 29.47 -1.21
C ALA E 84 -24.54 28.16 -1.01
N ASP E 85 -23.94 27.03 -1.34
CA ASP E 85 -24.55 25.73 -1.10
C ASP E 85 -24.01 25.12 0.19
N TYR E 86 -24.86 24.35 0.87
CA TYR E 86 -24.46 23.64 2.09
C TYR E 86 -24.82 22.16 1.99
N PHE E 87 -23.85 21.30 2.27
CA PHE E 87 -24.01 19.84 2.23
C PHE E 87 -23.76 19.26 3.61
N CYS E 88 -24.63 18.37 4.07
CA CYS E 88 -24.25 17.54 5.19
C CYS E 88 -23.58 16.25 4.70
N LEU E 89 -23.00 15.52 5.65
CA LEU E 89 -22.28 14.30 5.37
C LEU E 89 -22.41 13.41 6.60
N GLN E 90 -22.52 12.11 6.38
CA GLN E 90 -22.44 11.14 7.46
C GLN E 90 -21.18 10.33 7.25
N HIS E 91 -20.44 10.09 8.34
CA HIS E 91 -19.26 9.23 8.29
C HIS E 91 -19.33 8.18 9.39
N TRP E 92 -20.54 7.83 9.79
CA TRP E 92 -20.75 6.76 10.76
C TRP E 92 -20.39 5.41 10.16
N ASN E 93 -20.77 5.17 8.90
CA ASN E 93 -20.56 3.89 8.24
C ASN E 93 -20.41 4.10 6.75
N TYR E 94 -19.71 3.16 6.12
CA TYR E 94 -19.46 3.20 4.69
C TYR E 94 -20.65 2.61 3.94
N PRO E 95 -20.96 3.13 2.73
CA PRO E 95 -20.23 4.22 2.09
C PRO E 95 -20.50 5.60 2.72
N LEU E 96 -19.54 6.52 2.67
CA LEU E 96 -19.85 7.88 3.09
C LEU E 96 -20.85 8.47 2.10
N THR E 97 -21.87 9.14 2.61
CA THR E 97 -22.88 9.71 1.75
C THR E 97 -23.15 11.13 2.18
N PHE E 98 -23.31 12.02 1.20
CA PHE E 98 -23.60 13.42 1.41
C PHE E 98 -25.10 13.64 1.27
N GLY E 99 -25.57 14.73 1.88
CA GLY E 99 -26.84 15.29 1.47
C GLY E 99 -26.72 15.92 0.10
N SER E 100 -27.87 16.18 -0.51
CA SER E 100 -27.89 16.68 -1.88
C SER E 100 -27.98 18.21 -1.95
N GLY E 101 -27.85 18.89 -0.83
CA GLY E 101 -27.49 20.30 -0.86
C GLY E 101 -28.68 21.23 -0.70
N THR E 102 -28.39 22.39 -0.09
CA THR E 102 -29.33 23.50 0.10
C THR E 102 -28.67 24.77 -0.42
N LYS E 103 -29.30 25.44 -1.37
CA LYS E 103 -28.77 26.68 -1.90
C LYS E 103 -29.41 27.86 -1.17
N LEU E 104 -28.58 28.75 -0.65
CA LEU E 104 -29.02 29.93 0.08
C LEU E 104 -29.00 31.14 -0.85
N GLU E 105 -30.14 31.79 -1.01
CA GLU E 105 -30.29 32.89 -1.96
C GLU E 105 -30.85 34.10 -1.23
N ILE E 106 -30.46 35.30 -1.70
CA ILE E 106 -30.91 36.54 -1.08
C ILE E 106 -32.29 36.92 -1.62
N LYS E 107 -33.19 37.32 -0.73
CA LYS E 107 -34.55 37.70 -1.10
C LYS E 107 -34.59 39.18 -1.45
N ARG E 108 -35.58 39.55 -2.27
CA ARG E 108 -35.41 40.81 -2.98
C ARG E 108 -36.74 41.31 -3.54
N ALA E 109 -36.73 42.55 -4.04
CA ALA E 109 -37.93 43.15 -4.65
C ALA E 109 -38.26 42.51 -6.00
N ASP E 110 -39.53 42.17 -6.20
CA ASP E 110 -39.95 41.57 -7.46
C ASP E 110 -39.75 42.51 -8.65
N ALA E 111 -39.28 41.93 -9.76
CA ALA E 111 -39.03 42.61 -11.03
C ALA E 111 -39.53 41.69 -12.13
N ALA E 112 -40.31 42.24 -13.10
CA ALA E 112 -40.90 41.42 -14.16
C ALA E 112 -39.89 41.10 -15.25
N PRO E 113 -40.06 39.96 -15.93
CA PRO E 113 -39.10 39.59 -16.99
C PRO E 113 -39.33 40.39 -18.26
N THR E 114 -38.24 40.85 -18.85
CA THR E 114 -38.27 41.42 -20.20
C THR E 114 -38.13 40.28 -21.20
N VAL E 115 -39.18 40.02 -21.96
CA VAL E 115 -39.22 38.88 -22.86
C VAL E 115 -38.86 39.34 -24.26
N SER E 116 -37.96 38.60 -24.89
CA SER E 116 -37.53 38.85 -26.26
C SER E 116 -37.59 37.55 -27.03
N ILE E 117 -38.18 37.59 -28.22
CA ILE E 117 -38.16 36.46 -29.14
C ILE E 117 -37.35 36.89 -30.35
N PHE E 118 -36.62 35.93 -30.94
CA PHE E 118 -35.78 36.20 -32.11
C PHE E 118 -35.95 35.12 -33.17
N PRO E 119 -36.32 35.48 -34.40
CA PRO E 119 -36.35 34.49 -35.49
C PRO E 119 -34.93 34.06 -35.83
N PRO E 120 -34.77 32.92 -36.50
CA PRO E 120 -33.42 32.49 -36.88
C PRO E 120 -32.77 33.49 -37.84
N SER E 121 -31.46 33.63 -37.73
CA SER E 121 -30.79 34.54 -38.64
C SER E 121 -30.67 33.88 -40.00
N SER E 122 -30.45 34.71 -41.00
CA SER E 122 -30.27 34.16 -42.34
C SER E 122 -28.95 33.43 -42.45
N GLU E 123 -27.94 33.86 -41.67
CA GLU E 123 -26.70 33.10 -41.58
C GLU E 123 -26.94 31.66 -41.19
N GLN E 124 -27.85 31.42 -40.25
CA GLN E 124 -28.10 30.04 -39.88
C GLN E 124 -28.96 29.34 -40.92
N LEU E 125 -29.95 30.03 -41.48
CA LEU E 125 -30.86 29.38 -42.44
C LEU E 125 -30.11 28.88 -43.67
N THR E 126 -29.11 29.63 -44.12
CA THR E 126 -28.35 29.13 -45.26
C THR E 126 -27.53 27.89 -44.94
N SER E 127 -27.39 27.50 -43.67
CA SER E 127 -26.69 26.25 -43.35
C SER E 127 -27.63 25.12 -42.99
N GLY E 128 -28.93 25.30 -43.16
CA GLY E 128 -29.90 24.23 -42.96
C GLY E 128 -30.55 24.19 -41.60
N GLY E 129 -30.20 25.10 -40.69
CA GLY E 129 -30.80 25.11 -39.37
C GLY E 129 -31.62 26.34 -39.06
N ALA E 130 -32.48 26.22 -38.05
CA ALA E 130 -33.36 27.33 -37.68
C ALA E 130 -33.53 27.25 -36.16
N SER E 131 -32.83 28.13 -35.44
CA SER E 131 -32.95 28.22 -34.00
C SER E 131 -33.74 29.48 -33.64
N VAL E 132 -34.90 29.28 -33.02
CA VAL E 132 -35.69 30.38 -32.44
C VAL E 132 -35.37 30.50 -30.96
N VAL E 133 -34.99 31.71 -30.53
CA VAL E 133 -34.50 31.98 -29.19
C VAL E 133 -35.47 32.90 -28.48
N CYS E 134 -35.71 32.61 -27.21
CA CYS E 134 -36.51 33.47 -26.35
C CYS E 134 -35.76 33.75 -25.05
N PHE E 135 -35.54 35.03 -24.77
CA PHE E 135 -34.89 35.47 -23.54
C PHE E 135 -35.93 35.90 -22.51
N LEU E 136 -35.69 35.54 -21.26
CA LEU E 136 -36.50 36.00 -20.14
C LEU E 136 -35.55 36.61 -19.09
N ASN E 137 -35.47 37.93 -19.05
CA ASN E 137 -34.38 38.63 -18.37
C ASN E 137 -34.86 39.45 -17.16
N ASN E 138 -34.07 39.38 -16.08
CA ASN E 138 -34.22 40.24 -14.90
C ASN E 138 -35.52 39.96 -14.17
N PHE E 139 -35.80 38.70 -13.89
CA PHE E 139 -36.96 38.34 -13.09
C PHE E 139 -36.55 37.80 -11.71
N TYR E 140 -37.54 37.77 -10.79
CA TYR E 140 -37.45 37.25 -9.43
C TYR E 140 -38.87 37.09 -8.91
N PRO E 141 -39.26 35.94 -8.32
CA PRO E 141 -38.59 34.67 -8.01
C PRO E 141 -38.17 33.78 -9.18
N LYS E 142 -37.58 32.63 -8.84
CA LYS E 142 -36.94 31.77 -9.82
C LYS E 142 -37.91 30.92 -10.62
N ASP E 143 -39.02 30.51 -10.04
CA ASP E 143 -39.85 29.50 -10.68
C ASP E 143 -40.58 30.11 -11.88
N ILE E 144 -40.57 29.40 -13.01
CA ILE E 144 -41.11 29.93 -14.26
C ILE E 144 -41.32 28.79 -15.23
N ASN E 145 -42.40 28.87 -15.99
CA ASN E 145 -42.64 27.96 -17.09
C ASN E 145 -42.59 28.73 -18.39
N VAL E 146 -41.98 28.13 -19.42
CA VAL E 146 -41.91 28.71 -20.75
C VAL E 146 -42.49 27.71 -21.73
N LYS E 147 -43.30 28.21 -22.69
CA LYS E 147 -43.94 27.36 -23.67
C LYS E 147 -43.89 28.00 -25.05
N TRP E 148 -43.63 27.17 -26.06
CA TRP E 148 -43.58 27.60 -27.44
C TRP E 148 -44.86 27.21 -28.17
N LYS E 149 -45.33 28.09 -29.04
CA LYS E 149 -46.49 27.82 -29.89
C LYS E 149 -46.07 28.09 -31.32
N ILE E 150 -46.22 27.08 -32.19
CA ILE E 150 -45.99 27.23 -33.63
C ILE E 150 -47.35 27.14 -34.32
N ASP E 151 -47.78 28.26 -34.92
CA ASP E 151 -49.10 28.36 -35.54
C ASP E 151 -50.19 27.97 -34.54
N GLY E 152 -50.01 28.45 -33.30
CA GLY E 152 -50.96 28.22 -32.24
C GLY E 152 -50.95 26.82 -31.66
N SER E 153 -50.22 25.89 -32.27
CA SER E 153 -50.08 24.56 -31.71
C SER E 153 -48.76 24.56 -30.97
N GLU E 154 -48.83 24.21 -29.70
CA GLU E 154 -47.65 24.15 -28.85
C GLU E 154 -46.70 23.04 -29.31
N ARG E 155 -45.48 23.41 -29.74
CA ARG E 155 -44.48 22.43 -30.15
C ARG E 155 -43.49 22.36 -29.01
N GLN E 156 -43.42 21.26 -28.30
CA GLN E 156 -42.51 21.43 -27.19
C GLN E 156 -41.45 20.37 -27.08
N ASN E 157 -41.19 19.69 -28.15
CA ASN E 157 -40.12 18.74 -28.25
C ASN E 157 -39.08 19.42 -29.14
N GLY E 158 -37.82 19.35 -28.76
CA GLY E 158 -36.80 20.13 -29.44
C GLY E 158 -36.41 21.42 -28.78
N VAL E 159 -36.82 21.65 -27.53
CA VAL E 159 -36.56 22.88 -26.79
C VAL E 159 -35.44 22.64 -25.77
N LEU E 160 -34.46 23.54 -25.71
CA LEU E 160 -33.39 23.48 -24.72
C LEU E 160 -33.39 24.77 -23.90
N ASN E 161 -33.49 24.63 -22.58
CA ASN E 161 -33.52 25.76 -21.66
C ASN E 161 -32.22 25.88 -20.86
N SER E 162 -31.93 27.10 -20.42
CA SER E 162 -30.78 27.37 -19.57
C SER E 162 -31.01 28.63 -18.74
N TRP E 163 -30.68 28.59 -17.43
CA TRP E 163 -30.81 29.74 -16.53
C TRP E 163 -29.48 30.19 -15.97
N THR E 164 -29.40 31.48 -15.71
CA THR E 164 -28.33 32.03 -14.91
C THR E 164 -28.65 31.89 -13.41
N ASP E 165 -27.61 31.96 -12.59
CA ASP E 165 -27.80 32.04 -11.16
C ASP E 165 -28.12 33.47 -10.74
N GLN E 166 -28.38 33.66 -9.45
CA GLN E 166 -28.76 34.96 -8.91
C GLN E 166 -27.64 35.97 -9.16
N ASP E 167 -28.02 37.16 -9.61
CA ASP E 167 -27.05 38.12 -10.11
C ASP E 167 -26.13 38.70 -9.03
N SER E 168 -24.82 38.71 -9.36
CA SER E 168 -23.78 39.29 -8.51
C SER E 168 -24.08 40.71 -8.04
N LYS E 169 -24.54 41.59 -8.94
CA LYS E 169 -24.60 43.03 -8.66
C LYS E 169 -26.02 43.53 -8.39
N ASP E 170 -27.03 42.95 -9.05
CA ASP E 170 -28.42 43.36 -8.83
C ASP E 170 -29.33 42.17 -8.52
N SER E 171 -28.78 40.98 -8.36
CA SER E 171 -29.46 39.92 -7.60
C SER E 171 -30.64 39.28 -8.32
N THR E 172 -30.84 39.54 -9.61
CA THR E 172 -31.99 39.03 -10.35
C THR E 172 -31.67 37.67 -11.00
N TYR E 173 -32.67 37.08 -11.65
CA TYR E 173 -32.53 35.83 -12.40
C TYR E 173 -32.77 36.06 -13.89
N SER E 174 -32.33 35.09 -14.71
CA SER E 174 -32.59 35.14 -16.16
C SER E 174 -32.68 33.72 -16.71
N MET E 175 -33.23 33.60 -17.92
CA MET E 175 -33.48 32.29 -18.54
C MET E 175 -33.63 32.42 -20.05
N SER E 176 -32.99 31.52 -20.78
CA SER E 176 -33.14 31.42 -22.23
C SER E 176 -33.80 30.11 -22.61
N SER E 177 -34.62 30.16 -23.65
CA SER E 177 -35.26 28.99 -24.23
C SER E 177 -34.98 28.99 -25.72
N THR E 178 -34.49 27.88 -26.24
CA THR E 178 -34.07 27.81 -27.64
C THR E 178 -34.75 26.64 -28.31
N LEU E 179 -35.61 26.93 -29.30
CA LEU E 179 -36.32 25.92 -30.08
C LEU E 179 -35.57 25.68 -31.39
N THR E 180 -35.15 24.44 -31.61
CA THR E 180 -34.30 24.13 -32.76
C THR E 180 -35.07 23.28 -33.77
N LEU E 181 -35.18 23.79 -34.99
CA LEU E 181 -35.81 23.09 -36.10
C LEU E 181 -34.88 23.11 -37.32
N THR E 182 -35.14 22.19 -38.26
CA THR E 182 -34.54 22.30 -39.59
C THR E 182 -35.14 23.46 -40.36
N LYS E 183 -34.36 23.99 -41.32
CA LYS E 183 -34.85 25.09 -42.15
C LYS E 183 -36.18 24.72 -42.80
N ASP E 184 -36.27 23.51 -43.35
CA ASP E 184 -37.49 23.13 -44.06
C ASP E 184 -38.69 23.05 -43.13
N GLU E 185 -38.52 22.53 -41.91
CA GLU E 185 -39.66 22.55 -40.99
C GLU E 185 -40.00 23.98 -40.58
N TYR E 186 -38.99 24.84 -40.45
CA TYR E 186 -39.26 26.22 -40.04
C TYR E 186 -40.01 26.98 -41.12
N GLU E 187 -39.62 26.83 -42.38
CA GLU E 187 -40.28 27.59 -43.44
C GLU E 187 -41.64 27.02 -43.78
N ARG E 188 -42.08 25.99 -43.08
CA ARG E 188 -43.40 25.41 -43.22
C ARG E 188 -44.44 26.06 -42.32
N HIS E 189 -44.08 26.99 -41.46
CA HIS E 189 -45.04 27.57 -40.53
C HIS E 189 -44.87 29.08 -40.54
N ASN E 190 -45.84 29.78 -39.95
CA ASN E 190 -45.91 31.23 -40.01
C ASN E 190 -45.66 31.90 -38.67
N SER E 191 -46.46 31.58 -37.64
CA SER E 191 -46.44 32.27 -36.35
C SER E 191 -45.61 31.48 -35.32
N TYR E 192 -44.61 32.13 -34.73
CA TYR E 192 -43.79 31.55 -33.68
C TYR E 192 -43.93 32.38 -32.41
N THR E 193 -44.35 31.74 -31.32
CA THR E 193 -44.76 32.45 -30.12
C THR E 193 -44.06 31.84 -28.92
N CYS E 194 -43.56 32.72 -28.06
CA CYS E 194 -42.91 32.36 -26.81
C CYS E 194 -43.75 32.82 -25.63
N GLU E 195 -44.14 31.88 -24.76
CA GLU E 195 -45.13 32.10 -23.71
C GLU E 195 -44.54 31.76 -22.33
N ALA E 196 -44.56 32.74 -21.43
CA ALA E 196 -44.06 32.60 -20.07
C ALA E 196 -45.24 32.60 -19.09
N THR E 197 -45.24 31.64 -18.16
CA THR E 197 -46.26 31.57 -17.12
C THR E 197 -45.58 31.90 -15.79
N HIS E 198 -45.49 33.19 -15.48
CA HIS E 198 -44.88 33.64 -14.24
C HIS E 198 -45.76 34.69 -13.57
N LYS E 199 -45.60 34.79 -12.24
CA LYS E 199 -46.44 35.59 -11.34
C LYS E 199 -46.28 37.10 -11.53
N THR E 200 -45.21 37.55 -12.17
CA THR E 200 -44.99 38.98 -12.41
C THR E 200 -46.13 39.60 -13.22
N SER E 201 -47.05 38.78 -13.74
CA SER E 201 -48.20 39.20 -14.54
C SER E 201 -49.30 38.17 -14.33
N THR E 202 -50.54 38.65 -14.30
CA THR E 202 -51.69 37.77 -14.03
C THR E 202 -51.82 36.65 -15.08
N SER E 203 -52.06 36.99 -16.33
CA SER E 203 -52.01 35.86 -17.26
C SER E 203 -50.81 35.98 -18.24
N PRO E 204 -50.43 34.95 -19.03
CA PRO E 204 -49.05 34.87 -19.57
C PRO E 204 -48.53 36.05 -20.40
N ILE E 205 -47.21 36.28 -20.28
CA ILE E 205 -46.49 37.21 -21.15
C ILE E 205 -46.17 36.53 -22.48
N VAL E 206 -46.55 37.18 -23.58
CA VAL E 206 -46.44 36.61 -24.91
C VAL E 206 -45.63 37.55 -25.80
N LYS E 207 -44.55 37.03 -26.39
CA LYS E 207 -43.77 37.77 -27.40
C LYS E 207 -43.78 36.94 -28.68
N SER E 208 -43.97 37.59 -29.83
CA SER E 208 -44.28 36.83 -31.03
C SER E 208 -43.71 37.47 -32.29
N PHE E 209 -43.68 36.66 -33.35
CA PHE E 209 -43.41 37.15 -34.70
C PHE E 209 -44.13 36.26 -35.73
N ASN E 210 -44.39 36.84 -36.89
CA ASN E 210 -44.88 36.11 -38.05
C ASN E 210 -43.76 36.02 -39.07
N ARG E 211 -43.55 34.83 -39.64
CA ARG E 211 -42.50 34.65 -40.65
C ARG E 211 -42.80 35.47 -41.90
N ASN E 212 -44.08 35.55 -42.27
CA ASN E 212 -44.51 36.32 -43.44
C ASN E 212 -44.58 37.82 -43.18
N GLU E 213 -44.00 38.28 -42.06
CA GLU E 213 -43.84 39.70 -41.76
C GLU E 213 -42.36 40.08 -41.66
N CYS E 214 -41.49 39.25 -42.24
CA CYS E 214 -40.21 39.66 -42.82
C CYS E 214 -39.83 38.59 -43.85
N GLN F 1 -0.31 26.96 5.90
CA GLN F 1 -1.18 25.88 5.46
C GLN F 1 -0.79 24.43 5.14
N VAL F 2 -1.74 23.59 5.58
CA VAL F 2 -1.99 22.30 4.96
C VAL F 2 -2.72 22.52 3.64
N GLN F 3 -2.19 21.95 2.57
CA GLN F 3 -2.67 22.36 1.26
C GLN F 3 -2.56 21.17 0.32
N LEU F 4 -3.60 20.98 -0.51
CA LEU F 4 -3.72 19.85 -1.44
C LEU F 4 -3.84 20.35 -2.87
N GLN F 5 -2.84 20.04 -3.71
CA GLN F 5 -2.82 20.44 -5.11
C GLN F 5 -3.07 19.23 -6.02
N GLN F 6 -4.11 19.32 -6.85
CA GLN F 6 -4.48 18.25 -7.77
C GLN F 6 -3.96 18.54 -9.17
N SER F 7 -3.91 17.49 -9.98
CA SER F 7 -3.42 17.61 -11.35
C SER F 7 -4.42 18.39 -12.22
N GLY F 8 -3.96 18.79 -13.42
CA GLY F 8 -4.74 19.65 -14.27
C GLY F 8 -5.90 18.92 -14.96
N ALA F 9 -6.76 19.70 -15.61
CA ALA F 9 -7.96 19.14 -16.21
C ALA F 9 -7.60 18.13 -17.30
N GLU F 10 -8.52 17.21 -17.56
CA GLU F 10 -8.21 16.18 -18.52
C GLU F 10 -9.40 15.76 -19.36
N LEU F 11 -9.15 15.68 -20.66
CA LEU F 11 -10.17 15.44 -21.67
C LEU F 11 -9.77 14.20 -22.47
N VAL F 12 -10.52 13.13 -22.23
CA VAL F 12 -10.17 11.80 -22.68
C VAL F 12 -11.38 11.22 -23.38
N ARG F 13 -11.21 10.13 -23.89
CA ARG F 13 -11.82 9.21 -24.80
C ARG F 13 -12.54 8.08 -24.08
N PRO F 14 -13.75 7.72 -24.51
CA PRO F 14 -14.47 6.66 -23.79
C PRO F 14 -13.71 5.35 -23.90
N GLY F 15 -13.87 4.49 -22.89
CA GLY F 15 -13.13 3.25 -22.84
C GLY F 15 -11.72 3.34 -22.29
N THR F 16 -11.15 4.54 -22.13
CA THR F 16 -9.79 4.72 -21.61
C THR F 16 -9.78 4.63 -20.08
N SER F 17 -8.60 4.89 -19.50
CA SER F 17 -8.38 4.99 -18.07
C SER F 17 -7.60 6.27 -17.83
N VAL F 18 -7.78 6.86 -16.65
CA VAL F 18 -7.10 8.09 -16.31
C VAL F 18 -6.60 7.97 -14.87
N LYS F 19 -5.56 8.75 -14.56
CA LYS F 19 -4.89 8.71 -13.26
C LYS F 19 -4.74 10.14 -12.72
N VAL F 20 -5.45 10.45 -11.64
CA VAL F 20 -5.40 11.77 -11.04
C VAL F 20 -4.51 11.71 -9.80
N SER F 21 -3.67 12.72 -9.64
CA SER F 21 -2.71 12.81 -8.55
C SER F 21 -3.16 13.91 -7.60
N CYS F 22 -2.69 13.82 -6.35
CA CYS F 22 -3.04 14.81 -5.32
C CYS F 22 -1.84 14.96 -4.39
N LYS F 23 -1.18 16.12 -4.44
CA LYS F 23 0.09 16.36 -3.74
C LYS F 23 -0.15 17.13 -2.45
N ALA F 24 0.14 16.50 -1.31
CA ALA F 24 -0.10 17.14 -0.02
C ALA F 24 1.15 17.87 0.47
N SER F 25 0.92 18.91 1.27
CA SER F 25 1.98 19.65 1.94
C SER F 25 1.39 20.37 3.14
N GLY F 26 2.23 20.60 4.16
CA GLY F 26 1.82 21.34 5.33
C GLY F 26 1.33 20.48 6.48
N TYR F 27 1.44 19.16 6.38
CA TYR F 27 0.98 18.28 7.44
C TYR F 27 1.72 16.96 7.33
N ALA F 28 1.61 16.16 8.39
CA ALA F 28 2.20 14.83 8.40
C ALA F 28 1.38 13.90 7.50
N PHE F 29 1.94 13.58 6.33
CA PHE F 29 1.20 12.90 5.27
C PHE F 29 0.78 11.48 5.65
N THR F 30 1.56 10.80 6.49
CA THR F 30 1.61 9.34 6.48
C THR F 30 0.30 8.70 6.93
N ASN F 31 -0.40 9.30 7.90
CA ASN F 31 -1.57 8.65 8.50
C ASN F 31 -2.90 9.32 8.21
N HIS F 32 -2.91 10.51 7.62
CA HIS F 32 -4.20 11.15 7.36
C HIS F 32 -4.86 10.46 6.19
N LEU F 33 -6.08 9.99 6.41
CA LEU F 33 -6.80 9.34 5.33
C LEU F 33 -7.06 10.37 4.23
N ILE F 34 -7.01 9.90 3.00
CA ILE F 34 -7.36 10.72 1.85
C ILE F 34 -8.65 10.17 1.25
N GLU F 35 -9.70 11.00 1.22
CA GLU F 35 -10.94 10.71 0.53
C GLU F 35 -10.91 11.23 -0.91
N TRP F 36 -11.73 10.64 -1.76
CA TRP F 36 -11.93 11.15 -3.11
C TRP F 36 -13.42 11.27 -3.37
N VAL F 37 -13.84 12.39 -3.94
CA VAL F 37 -15.25 12.69 -4.09
C VAL F 37 -15.47 13.22 -5.49
N ASN F 38 -16.55 12.82 -6.15
CA ASN F 38 -16.87 13.38 -7.45
C ASN F 38 -18.06 14.33 -7.32
N GLN F 39 -18.14 15.26 -8.26
CA GLN F 39 -19.28 16.18 -8.37
C GLN F 39 -19.60 16.37 -9.85
N ARG F 40 -20.74 15.87 -10.27
CA ARG F 40 -21.12 16.02 -11.67
C ARG F 40 -21.74 17.40 -11.88
N PRO F 41 -21.62 17.98 -13.11
CA PRO F 41 -22.05 19.37 -13.32
C PRO F 41 -23.44 19.63 -12.77
N GLY F 42 -23.55 20.61 -11.88
CA GLY F 42 -24.84 20.95 -11.29
C GLY F 42 -25.40 19.98 -10.27
N GLN F 43 -24.75 18.86 -10.01
CA GLN F 43 -25.26 17.91 -9.04
C GLN F 43 -24.51 18.06 -7.70
N GLY F 44 -24.81 17.18 -6.75
CA GLY F 44 -24.15 17.20 -5.45
C GLY F 44 -22.89 16.36 -5.40
N LEU F 45 -22.56 15.85 -4.22
CA LEU F 45 -21.28 15.20 -4.00
C LEU F 45 -21.46 13.71 -3.74
N GLU F 46 -20.57 12.91 -4.32
CA GLU F 46 -20.60 11.46 -4.19
C GLU F 46 -19.24 10.96 -3.73
N TRP F 47 -19.25 10.04 -2.76
CA TRP F 47 -18.02 9.52 -2.21
C TRP F 47 -17.52 8.30 -3.01
N ILE F 48 -16.25 8.32 -3.38
CA ILE F 48 -15.68 7.26 -4.22
C ILE F 48 -14.99 6.20 -3.38
N GLY F 49 -14.16 6.63 -2.44
CA GLY F 49 -13.33 5.72 -1.67
C GLY F 49 -12.36 6.47 -0.79
N VAL F 50 -11.63 5.71 0.02
CA VAL F 50 -10.67 6.28 0.97
C VAL F 50 -9.44 5.38 1.02
N ILE F 51 -8.28 6.00 1.24
CA ILE F 51 -7.05 5.25 1.43
C ILE F 51 -6.29 5.78 2.64
N ASN F 52 -5.75 4.87 3.46
CA ASN F 52 -4.77 5.23 4.48
C ASN F 52 -3.40 5.19 3.81
N PRO F 53 -2.82 6.35 3.49
CA PRO F 53 -1.61 6.35 2.66
C PRO F 53 -0.44 5.61 3.29
N GLY F 54 -0.34 5.61 4.62
CA GLY F 54 0.77 4.92 5.26
C GLY F 54 0.62 3.41 5.14
N SER F 55 -0.54 2.90 5.52
CA SER F 55 -0.83 1.47 5.46
C SER F 55 -1.10 0.98 4.05
N GLY F 56 -1.54 1.87 3.16
CA GLY F 56 -2.01 1.47 1.86
C GLY F 56 -3.39 0.86 1.86
N GLY F 57 -4.03 0.72 3.03
CA GLY F 57 -5.36 0.16 3.08
C GLY F 57 -6.39 1.08 2.46
N THR F 58 -7.44 0.46 1.91
CA THR F 58 -8.47 1.19 1.18
C THR F 58 -9.86 0.71 1.59
N LYS F 59 -10.83 1.57 1.34
CA LYS F 59 -12.23 1.20 1.39
C LYS F 59 -12.91 1.91 0.23
N TYR F 60 -13.78 1.19 -0.48
CA TYR F 60 -14.45 1.66 -1.68
C TYR F 60 -15.97 1.71 -1.49
N ASN F 61 -16.57 2.76 -2.03
CA ASN F 61 -17.99 2.73 -2.38
C ASN F 61 -18.26 1.57 -3.35
N GLU F 62 -19.27 0.75 -3.04
CA GLU F 62 -19.59 -0.42 -3.87
C GLU F 62 -19.84 -0.03 -5.32
N LYS F 63 -20.40 1.16 -5.55
CA LYS F 63 -20.61 1.65 -6.91
C LYS F 63 -19.31 1.81 -7.68
N PHE F 64 -18.16 1.92 -7.02
CA PHE F 64 -16.90 2.15 -7.71
C PHE F 64 -15.92 1.00 -7.61
N LYS F 65 -16.28 -0.10 -6.95
CA LYS F 65 -15.40 -1.25 -6.88
C LYS F 65 -15.09 -1.77 -8.29
N GLY F 66 -13.80 -1.96 -8.57
CA GLY F 66 -13.33 -2.40 -9.87
C GLY F 66 -13.26 -1.32 -10.91
N LYS F 67 -13.86 -0.16 -10.67
CA LYS F 67 -13.69 1.02 -11.52
C LYS F 67 -12.62 1.96 -10.97
N ALA F 68 -12.61 2.18 -9.65
CA ALA F 68 -11.63 3.05 -9.00
C ALA F 68 -10.62 2.23 -8.21
N THR F 69 -9.38 2.69 -8.27
CA THR F 69 -8.27 2.12 -7.55
C THR F 69 -7.46 3.27 -6.97
N LEU F 70 -7.18 3.21 -5.68
CA LEU F 70 -6.42 4.26 -5.05
C LEU F 70 -5.12 3.82 -4.42
N THR F 71 -4.05 4.48 -4.81
CA THR F 71 -2.73 4.22 -4.32
C THR F 71 -2.12 5.47 -3.70
N ALA F 72 -0.96 5.36 -3.04
CA ALA F 72 -0.27 6.53 -2.46
C ALA F 72 1.24 6.30 -2.49
N ASP F 73 1.98 7.39 -2.65
CA ASP F 73 3.44 7.38 -2.63
C ASP F 73 3.90 8.27 -1.47
N LYS F 74 4.30 7.63 -0.36
CA LYS F 74 4.59 8.36 0.87
C LYS F 74 5.84 9.22 0.74
N SER F 75 6.82 8.77 -0.05
CA SER F 75 7.98 9.60 -0.35
C SER F 75 7.58 10.98 -0.86
N SER F 76 6.70 11.02 -1.87
CA SER F 76 6.30 12.25 -2.55
C SER F 76 5.12 12.99 -1.91
N SER F 77 4.41 12.39 -0.94
CA SER F 77 3.20 12.98 -0.33
C SER F 77 2.04 13.08 -1.32
N THR F 78 1.88 12.05 -2.17
CA THR F 78 0.92 12.06 -3.28
C THR F 78 0.00 10.85 -3.22
N ALA F 79 -1.30 11.09 -3.33
CA ALA F 79 -2.35 10.09 -3.51
C ALA F 79 -2.78 10.05 -4.98
N TYR F 80 -3.18 8.87 -5.44
CA TYR F 80 -3.46 8.68 -6.86
C TYR F 80 -4.86 8.16 -7.10
N MET F 81 -5.50 8.59 -8.18
CA MET F 81 -6.75 7.97 -8.50
C MET F 81 -6.71 7.45 -9.92
N GLN F 82 -6.90 6.15 -10.07
CA GLN F 82 -7.07 5.54 -11.36
C GLN F 82 -8.54 5.18 -11.52
N LEU F 83 -9.10 5.58 -12.65
CA LEU F 83 -10.48 5.31 -13.02
C LEU F 83 -10.44 4.58 -14.34
N SER F 84 -11.00 3.38 -14.39
CA SER F 84 -10.96 2.53 -15.57
C SER F 84 -12.32 2.53 -16.28
N ARG F 85 -12.31 2.01 -17.51
CA ARG F 85 -13.53 1.72 -18.29
C ARG F 85 -14.46 2.91 -18.36
N LEU F 86 -13.90 4.06 -18.74
CA LEU F 86 -14.62 5.32 -18.61
C LEU F 86 -15.79 5.41 -19.59
N THR F 87 -16.91 5.92 -19.10
CA THR F 87 -18.09 6.22 -19.89
C THR F 87 -18.39 7.71 -19.78
N SER F 88 -19.37 8.16 -20.55
CA SER F 88 -19.70 9.58 -20.53
C SER F 88 -20.29 10.03 -19.19
N ASP F 89 -20.87 9.11 -18.42
CA ASP F 89 -21.36 9.40 -17.07
C ASP F 89 -20.24 9.70 -16.07
N ASP F 90 -18.98 9.41 -16.41
CA ASP F 90 -17.88 9.68 -15.50
C ASP F 90 -17.39 11.11 -15.58
N SER F 91 -17.94 11.92 -16.48
CA SER F 91 -17.55 13.32 -16.54
C SER F 91 -18.08 14.02 -15.31
N ALA F 92 -17.21 14.79 -14.65
CA ALA F 92 -17.48 15.34 -13.34
C ALA F 92 -16.26 16.08 -12.88
N VAL F 93 -16.34 16.75 -11.74
CA VAL F 93 -15.16 17.26 -11.05
C VAL F 93 -14.81 16.26 -9.97
N TYR F 94 -13.55 15.85 -9.91
CA TYR F 94 -13.07 14.92 -8.90
C TYR F 94 -12.17 15.64 -7.91
N PHE F 95 -12.45 15.46 -6.61
CA PHE F 95 -11.75 16.09 -5.51
C PHE F 95 -11.03 15.03 -4.70
N CYS F 96 -9.83 15.38 -4.19
CA CYS F 96 -9.21 14.66 -3.08
C CYS F 96 -9.39 15.50 -1.83
N ALA F 97 -9.49 14.84 -0.68
CA ALA F 97 -9.67 15.57 0.56
C ALA F 97 -9.02 14.81 1.71
N ARG F 98 -8.52 15.56 2.67
CA ARG F 98 -7.86 15.00 3.83
C ARG F 98 -8.88 14.79 4.94
N SER F 99 -8.75 13.67 5.63
CA SER F 99 -9.54 13.36 6.82
C SER F 99 -8.58 13.12 7.98
N SER F 100 -9.14 12.69 9.11
CA SER F 100 -8.37 12.51 10.33
C SER F 100 -7.46 11.28 10.13
N GLU F 101 -6.75 10.90 11.18
CA GLU F 101 -5.70 9.89 11.07
C GLU F 101 -6.25 8.50 11.37
N PHE F 102 -5.89 7.53 10.52
CA PHE F 102 -6.21 6.11 10.68
C PHE F 102 -7.71 5.81 10.57
N ILE F 103 -8.55 6.65 11.16
CA ILE F 103 -10.00 6.45 11.19
C ILE F 103 -10.70 7.80 11.03
N THR F 104 -11.89 7.79 10.42
CA THR F 104 -12.56 9.04 10.08
C THR F 104 -13.45 9.50 11.24
N THR F 105 -12.88 10.26 12.16
CA THR F 105 -13.65 10.96 13.16
C THR F 105 -13.93 12.42 12.77
N VAL F 106 -13.10 12.99 11.92
CA VAL F 106 -13.37 14.27 11.29
C VAL F 106 -13.21 14.03 9.80
N ALA F 107 -14.21 14.42 9.02
CA ALA F 107 -14.22 14.05 7.62
C ALA F 107 -13.90 15.26 6.74
N ALA F 108 -12.91 15.09 5.87
CA ALA F 108 -12.61 16.00 4.75
C ALA F 108 -12.49 17.45 5.20
N ASP F 109 -11.54 17.70 6.10
CA ASP F 109 -11.34 19.05 6.61
C ASP F 109 -10.56 19.94 5.65
N TYR F 110 -9.82 19.39 4.72
CA TYR F 110 -9.22 20.20 3.69
C TYR F 110 -9.46 19.57 2.33
N TRP F 111 -9.82 20.40 1.35
CA TRP F 111 -10.16 19.94 0.01
C TRP F 111 -9.14 20.43 -1.00
N GLY F 112 -8.83 19.58 -1.98
CA GLY F 112 -8.07 20.00 -3.14
C GLY F 112 -8.88 20.94 -4.01
N GLN F 113 -8.23 21.46 -5.06
CA GLN F 113 -8.91 22.44 -5.90
C GLN F 113 -9.80 21.78 -6.95
N GLY F 114 -9.67 20.48 -7.15
CA GLY F 114 -10.50 19.76 -8.09
C GLY F 114 -9.82 19.56 -9.44
N THR F 115 -10.19 18.46 -10.10
CA THR F 115 -9.72 18.11 -11.43
C THR F 115 -10.95 17.78 -12.29
N THR F 116 -11.18 18.55 -13.34
CA THR F 116 -12.29 18.26 -14.24
C THR F 116 -11.91 17.13 -15.18
N LEU F 117 -12.77 16.12 -15.29
CA LEU F 117 -12.60 15.04 -16.26
C LEU F 117 -13.78 15.06 -17.22
N THR F 118 -13.50 15.19 -18.52
CA THR F 118 -14.52 15.12 -19.56
C THR F 118 -14.16 13.99 -20.51
N VAL F 119 -15.04 13.02 -20.65
CA VAL F 119 -14.86 11.88 -21.54
C VAL F 119 -15.96 11.92 -22.59
N SER F 120 -15.56 12.03 -23.85
CA SER F 120 -16.50 12.25 -24.96
C SER F 120 -15.90 11.72 -26.25
N SER F 121 -16.77 11.26 -27.15
CA SER F 121 -16.33 10.85 -28.48
C SER F 121 -16.16 12.01 -29.45
N ALA F 122 -16.54 13.21 -29.07
CA ALA F 122 -16.44 14.36 -29.96
C ALA F 122 -14.99 14.80 -30.13
N LYS F 123 -14.70 15.41 -31.29
CA LYS F 123 -13.41 16.03 -31.59
C LYS F 123 -13.58 17.54 -31.53
N THR F 124 -12.46 18.25 -31.39
CA THR F 124 -12.48 19.71 -31.36
C THR F 124 -13.13 20.29 -32.63
N THR F 125 -14.21 21.07 -32.45
CA THR F 125 -14.93 21.75 -33.53
C THR F 125 -15.20 23.19 -33.06
N PRO F 126 -14.94 24.19 -33.89
CA PRO F 126 -15.20 25.60 -33.48
C PRO F 126 -16.70 25.91 -33.44
N PRO F 127 -17.09 27.00 -32.79
CA PRO F 127 -18.51 27.38 -32.74
C PRO F 127 -18.95 28.17 -33.96
N SER F 128 -20.18 27.92 -34.40
CA SER F 128 -20.85 28.87 -35.28
C SER F 128 -21.48 29.97 -34.43
N VAL F 129 -21.27 31.22 -34.80
CA VAL F 129 -21.80 32.34 -34.03
C VAL F 129 -22.83 33.08 -34.89
N TYR F 130 -24.12 33.06 -34.46
CA TYR F 130 -25.15 33.72 -35.27
C TYR F 130 -25.71 34.92 -34.52
N PRO F 131 -25.93 36.05 -35.19
CA PRO F 131 -26.49 37.23 -34.53
C PRO F 131 -28.01 37.14 -34.40
N LEU F 132 -28.52 37.68 -33.30
CA LEU F 132 -29.96 37.67 -33.01
C LEU F 132 -30.46 39.11 -32.91
N ALA F 133 -31.16 39.58 -33.99
CA ALA F 133 -31.78 40.88 -34.13
C ALA F 133 -33.31 40.74 -34.16
N PRO F 134 -34.05 41.77 -33.72
CA PRO F 134 -35.52 41.72 -33.64
C PRO F 134 -36.23 41.51 -34.97
N SER F 142 -39.51 50.74 -26.90
CA SER F 142 -38.72 51.74 -26.19
C SER F 142 -37.29 51.25 -25.95
N MET F 143 -37.15 49.98 -25.52
CA MET F 143 -35.86 49.36 -25.23
C MET F 143 -35.69 48.11 -26.09
N VAL F 144 -34.58 48.02 -26.85
CA VAL F 144 -34.31 46.88 -27.72
C VAL F 144 -33.15 46.06 -27.18
N THR F 145 -33.33 44.74 -27.19
CA THR F 145 -32.35 43.75 -26.79
C THR F 145 -31.82 43.01 -28.00
N LEU F 146 -30.52 42.79 -28.04
CA LEU F 146 -29.88 42.04 -29.11
C LEU F 146 -29.32 40.75 -28.52
N GLY F 147 -28.86 39.87 -29.40
CA GLY F 147 -28.37 38.61 -28.91
C GLY F 147 -27.32 37.99 -29.81
N CYS F 148 -26.64 37.01 -29.25
CA CYS F 148 -25.55 36.32 -29.94
C CYS F 148 -25.72 34.84 -29.65
N LEU F 149 -25.91 34.03 -30.69
CA LEU F 149 -26.11 32.58 -30.55
C LEU F 149 -24.80 31.87 -30.88
N VAL F 150 -24.34 31.02 -29.99
CA VAL F 150 -23.02 30.39 -30.07
C VAL F 150 -23.23 28.88 -30.04
N LYS F 151 -23.21 28.24 -31.19
CA LYS F 151 -23.81 26.92 -31.34
C LYS F 151 -22.82 25.87 -31.81
N GLY F 152 -22.90 24.69 -31.18
CA GLY F 152 -22.24 23.49 -31.69
C GLY F 152 -20.74 23.42 -31.58
N TYR F 153 -20.18 23.80 -30.42
CA TYR F 153 -18.74 23.79 -30.21
C TYR F 153 -18.35 22.69 -29.23
N PHE F 154 -17.06 22.34 -29.29
CA PHE F 154 -16.42 21.36 -28.39
C PHE F 154 -14.93 21.68 -28.33
N PRO F 155 -14.31 21.61 -27.14
CA PRO F 155 -15.00 21.39 -25.86
C PRO F 155 -15.28 22.72 -25.15
N GLU F 156 -15.82 22.70 -23.93
CA GLU F 156 -15.89 23.93 -23.17
C GLU F 156 -14.47 24.41 -22.86
N PRO F 157 -14.27 25.73 -22.70
CA PRO F 157 -15.24 26.81 -22.77
C PRO F 157 -15.10 27.77 -23.95
N VAL F 158 -16.09 28.64 -24.08
CA VAL F 158 -16.01 29.83 -24.92
C VAL F 158 -16.15 31.02 -24.00
N THR F 159 -15.64 32.15 -24.45
CA THR F 159 -15.83 33.42 -23.77
C THR F 159 -16.55 34.36 -24.72
N VAL F 160 -17.61 35.00 -24.24
CA VAL F 160 -18.37 35.94 -25.06
C VAL F 160 -18.21 37.34 -24.47
N THR F 161 -17.79 38.27 -25.31
CA THR F 161 -17.64 39.67 -24.96
C THR F 161 -18.52 40.53 -25.86
N TRP F 162 -18.79 41.74 -25.41
CA TRP F 162 -19.52 42.73 -26.20
C TRP F 162 -18.64 43.96 -26.35
N ASN F 163 -18.33 44.31 -27.60
CA ASN F 163 -17.45 45.42 -27.93
C ASN F 163 -16.13 45.32 -27.15
N SER F 164 -15.55 44.12 -27.17
CA SER F 164 -14.30 43.80 -26.47
C SER F 164 -14.24 44.42 -25.08
N GLY F 165 -15.28 44.11 -24.29
CA GLY F 165 -15.37 44.55 -22.91
C GLY F 165 -16.10 45.86 -22.71
N SER F 166 -16.13 46.72 -23.73
CA SER F 166 -16.66 48.08 -23.60
C SER F 166 -18.09 48.10 -23.09
N LEU F 167 -18.89 47.10 -23.42
CA LEU F 167 -20.26 47.00 -22.94
C LEU F 167 -20.33 45.90 -21.88
N SER F 168 -21.17 46.12 -20.86
CA SER F 168 -21.07 45.35 -19.63
C SER F 168 -22.40 45.21 -18.89
N SER F 169 -23.19 46.30 -18.87
CA SER F 169 -24.28 46.43 -17.91
C SER F 169 -25.46 45.51 -18.21
N GLY F 170 -26.02 45.60 -19.41
CA GLY F 170 -27.21 44.81 -19.68
C GLY F 170 -26.94 43.47 -20.32
N VAL F 171 -25.99 42.70 -19.78
CA VAL F 171 -25.49 41.48 -20.41
C VAL F 171 -25.89 40.27 -19.59
N HIS F 172 -26.42 39.25 -20.26
CA HIS F 172 -26.65 37.94 -19.65
C HIS F 172 -26.02 36.88 -20.56
N THR F 173 -25.02 36.18 -20.05
CA THR F 173 -24.44 35.03 -20.74
C THR F 173 -24.84 33.76 -20.01
N PHE F 174 -25.54 32.88 -20.71
CA PHE F 174 -26.14 31.70 -20.12
C PHE F 174 -25.19 30.50 -20.10
N PRO F 175 -25.41 29.57 -19.16
CA PRO F 175 -24.58 28.36 -19.11
C PRO F 175 -24.76 27.51 -20.35
N ALA F 176 -23.67 26.85 -20.76
CA ALA F 176 -23.73 25.99 -21.93
C ALA F 176 -24.50 24.72 -21.65
N VAL F 177 -25.20 24.21 -22.68
CA VAL F 177 -25.91 22.93 -22.58
C VAL F 177 -25.40 22.03 -23.70
N LEU F 178 -25.39 20.73 -23.42
CA LEU F 178 -24.89 19.71 -24.33
C LEU F 178 -26.01 19.10 -25.15
N GLN F 179 -26.00 19.35 -26.46
CA GLN F 179 -26.85 18.64 -27.40
C GLN F 179 -25.96 17.94 -28.43
N SER F 180 -25.90 16.60 -28.37
CA SER F 180 -25.26 15.75 -29.37
C SER F 180 -23.76 15.61 -29.15
N ASP F 181 -23.26 15.60 -27.92
CA ASP F 181 -21.83 15.67 -27.70
C ASP F 181 -21.29 17.05 -28.03
N LEU F 182 -22.12 17.99 -28.50
CA LEU F 182 -21.63 19.34 -28.77
C LEU F 182 -22.38 20.35 -27.91
N TYR F 183 -21.69 21.44 -27.57
CA TYR F 183 -22.20 22.47 -26.67
C TYR F 183 -22.75 23.66 -27.46
N THR F 184 -23.76 24.31 -26.90
CA THR F 184 -24.27 25.57 -27.43
C THR F 184 -24.66 26.48 -26.26
N LEU F 185 -24.45 27.79 -26.46
CA LEU F 185 -24.93 28.77 -25.50
C LEU F 185 -25.37 30.04 -26.24
N SER F 186 -26.05 30.92 -25.51
CA SER F 186 -26.59 32.17 -26.04
C SER F 186 -26.22 33.33 -25.12
N SER F 187 -26.15 34.53 -25.69
CA SER F 187 -25.83 35.73 -24.94
C SER F 187 -26.78 36.87 -25.29
N SER F 188 -27.34 37.50 -24.26
CA SER F 188 -28.23 38.65 -24.38
C SER F 188 -27.48 39.95 -24.08
N VAL F 189 -27.97 41.04 -24.66
CA VAL F 189 -27.52 42.39 -24.32
C VAL F 189 -28.69 43.34 -24.54
N THR F 190 -28.90 44.26 -23.61
CA THR F 190 -30.03 45.19 -23.68
C THR F 190 -29.55 46.62 -23.66
N VAL F 191 -29.80 47.35 -24.74
CA VAL F 191 -29.41 48.76 -24.82
C VAL F 191 -30.62 49.58 -25.22
N PRO F 192 -30.64 50.88 -24.92
CA PRO F 192 -31.76 51.74 -25.33
C PRO F 192 -31.98 51.78 -26.84
N SER F 193 -33.24 52.01 -27.22
CA SER F 193 -33.65 51.90 -28.63
C SER F 193 -32.83 52.79 -29.56
N SER F 194 -32.56 54.03 -29.15
CA SER F 194 -31.84 54.93 -30.04
C SER F 194 -30.32 54.73 -29.98
N THR F 195 -29.85 53.65 -29.34
CA THR F 195 -28.43 53.29 -29.36
C THR F 195 -28.10 52.30 -30.47
N TRP F 196 -29.06 51.49 -30.89
CA TRP F 196 -28.93 50.58 -32.02
C TRP F 196 -30.08 50.81 -32.98
N PRO F 197 -29.83 50.85 -34.29
CA PRO F 197 -28.57 50.61 -35.00
C PRO F 197 -27.63 51.80 -35.13
N SER F 198 -27.74 52.85 -34.30
CA SER F 198 -26.89 54.05 -34.41
C SER F 198 -25.46 53.79 -34.85
N GLU F 199 -24.85 52.83 -34.16
CA GLU F 199 -23.46 52.61 -34.40
C GLU F 199 -23.21 51.28 -33.69
N THR F 200 -22.29 50.48 -34.22
CA THR F 200 -21.89 49.13 -33.81
C THR F 200 -22.21 48.56 -32.42
N VAL F 201 -22.92 47.43 -32.38
CA VAL F 201 -22.95 46.52 -31.23
C VAL F 201 -22.45 45.17 -31.74
N THR F 202 -21.34 44.67 -31.19
CA THR F 202 -20.69 43.46 -31.69
C THR F 202 -20.43 42.45 -30.58
N CYS F 203 -20.81 41.18 -30.79
CA CYS F 203 -20.46 40.13 -29.83
C CYS F 203 -19.12 39.54 -30.23
N ASN F 204 -18.23 39.40 -29.25
CA ASN F 204 -16.90 38.85 -29.44
C ASN F 204 -16.89 37.45 -28.83
N VAL F 205 -16.58 36.45 -29.65
CA VAL F 205 -16.59 35.06 -29.23
C VAL F 205 -15.18 34.52 -29.35
N ALA F 206 -14.71 33.86 -28.30
CA ALA F 206 -13.42 33.20 -28.32
C ALA F 206 -13.62 31.74 -27.91
N HIS F 207 -13.07 30.82 -28.70
CA HIS F 207 -13.03 29.40 -28.38
C HIS F 207 -11.56 29.00 -28.46
N PRO F 208 -10.83 29.08 -27.34
CA PRO F 208 -9.37 28.87 -27.39
C PRO F 208 -8.95 27.51 -27.95
N ALA F 209 -9.68 26.43 -27.63
CA ALA F 209 -9.29 25.08 -28.05
C ALA F 209 -9.28 24.91 -29.56
N SER F 210 -10.17 25.60 -30.28
CA SER F 210 -10.20 25.61 -31.74
C SER F 210 -9.32 26.69 -32.34
N SER F 211 -8.63 27.47 -31.52
CA SER F 211 -7.76 28.57 -31.90
C SER F 211 -8.54 29.73 -32.49
N THR F 212 -9.87 29.76 -32.36
CA THR F 212 -10.63 30.80 -33.02
C THR F 212 -11.14 31.86 -32.06
N LYS F 213 -11.21 33.10 -32.56
CA LYS F 213 -11.80 34.22 -31.87
C LYS F 213 -12.44 35.09 -32.93
N VAL F 214 -13.77 35.07 -32.99
CA VAL F 214 -14.50 35.73 -34.06
C VAL F 214 -15.43 36.74 -33.42
N ASP F 215 -15.65 37.85 -34.12
CA ASP F 215 -16.56 38.90 -33.73
C ASP F 215 -17.66 39.04 -34.79
N LYS F 216 -18.94 39.08 -34.38
CA LYS F 216 -20.01 39.36 -35.32
C LYS F 216 -20.79 40.60 -34.92
N LYS F 217 -20.75 41.55 -35.83
CA LYS F 217 -21.54 42.75 -35.74
C LYS F 217 -23.00 42.38 -35.94
N ILE F 218 -23.84 42.86 -35.04
CA ILE F 218 -25.28 42.62 -35.06
C ILE F 218 -25.95 43.67 -35.94
N VAL F 219 -26.56 43.22 -37.04
CA VAL F 219 -27.19 44.08 -38.05
C VAL F 219 -28.70 43.85 -38.07
N PRO F 220 -29.52 44.89 -38.29
CA PRO F 220 -30.98 44.68 -38.35
C PRO F 220 -31.37 43.76 -39.49
N ARG F 221 -32.39 42.95 -39.25
CA ARG F 221 -32.78 41.98 -40.25
C ARG F 221 -33.39 42.67 -41.47
N ASP F 222 -33.13 42.12 -42.65
CA ASP F 222 -33.62 42.72 -43.90
C ASP F 222 -34.21 41.61 -44.78
N CYS F 223 -34.64 42.02 -45.98
CA CYS F 223 -35.14 41.12 -47.01
C CYS F 223 -35.41 41.91 -48.30
N ASP G 1 -12.65 -7.95 -44.94
CA ASP G 1 -12.41 -9.19 -44.21
C ASP G 1 -11.52 -10.17 -44.97
N ILE G 2 -10.64 -10.80 -44.23
CA ILE G 2 -9.73 -11.76 -44.82
C ILE G 2 -10.47 -13.07 -45.04
N VAL G 3 -10.33 -13.67 -46.23
CA VAL G 3 -10.96 -14.95 -46.51
C VAL G 3 -9.90 -16.03 -46.39
N MET G 4 -10.27 -17.12 -45.74
CA MET G 4 -9.43 -18.30 -45.65
C MET G 4 -10.07 -19.37 -46.53
N THR G 5 -9.43 -19.67 -47.64
CA THR G 5 -10.01 -20.57 -48.63
C THR G 5 -9.43 -21.97 -48.43
N GLN G 6 -10.30 -22.90 -48.08
CA GLN G 6 -9.97 -24.33 -48.12
C GLN G 6 -10.59 -24.88 -49.40
N SER G 7 -9.76 -24.99 -50.45
CA SER G 7 -10.31 -25.34 -51.77
C SER G 7 -10.91 -26.75 -51.81
N GLN G 8 -10.55 -27.62 -50.86
CA GLN G 8 -10.95 -29.02 -50.90
C GLN G 8 -11.89 -29.30 -49.72
N LYS G 9 -13.19 -29.40 -50.01
CA LYS G 9 -14.18 -29.62 -48.95
C LYS G 9 -14.21 -31.07 -48.49
N PHE G 10 -13.80 -32.00 -49.34
CA PHE G 10 -13.70 -33.41 -48.98
C PHE G 10 -12.38 -33.98 -49.49
N MET G 11 -11.82 -34.92 -48.72
CA MET G 11 -10.58 -35.58 -49.09
C MET G 11 -10.62 -37.03 -48.63
N SER G 12 -10.50 -37.94 -49.59
CA SER G 12 -10.45 -39.37 -49.28
C SER G 12 -8.99 -39.80 -49.10
N THR G 13 -8.82 -40.81 -48.26
CA THR G 13 -7.50 -41.31 -47.92
C THR G 13 -7.68 -42.73 -47.43
N SER G 14 -6.57 -43.46 -47.31
CA SER G 14 -6.55 -44.78 -46.72
C SER G 14 -5.81 -44.70 -45.39
N VAL G 15 -6.18 -45.58 -44.46
CA VAL G 15 -5.52 -45.60 -43.15
C VAL G 15 -4.03 -45.88 -43.36
N GLY G 16 -3.17 -45.01 -42.83
CA GLY G 16 -1.74 -45.16 -42.97
C GLY G 16 -1.09 -44.30 -44.05
N ASP G 17 -1.88 -43.72 -44.96
CA ASP G 17 -1.33 -42.84 -45.98
C ASP G 17 -1.06 -41.44 -45.39
N ARG G 18 -0.63 -40.53 -46.25
CA ARG G 18 -0.34 -39.15 -45.87
C ARG G 18 -1.34 -38.22 -46.55
N VAL G 19 -1.83 -37.21 -45.81
CA VAL G 19 -2.77 -36.25 -46.37
C VAL G 19 -2.27 -34.83 -46.13
N SER G 20 -2.61 -33.95 -47.07
CA SER G 20 -2.14 -32.57 -47.07
C SER G 20 -3.36 -31.68 -47.28
N ILE G 21 -3.76 -30.96 -46.25
CA ILE G 21 -4.92 -30.09 -46.33
C ILE G 21 -4.44 -28.67 -46.51
N THR G 22 -4.89 -28.01 -47.58
CA THR G 22 -4.41 -26.68 -47.87
C THR G 22 -5.37 -25.62 -47.37
N CYS G 23 -4.85 -24.39 -47.30
CA CYS G 23 -5.58 -23.22 -46.85
C CYS G 23 -4.86 -22.01 -47.41
N LYS G 24 -5.56 -21.19 -48.20
CA LYS G 24 -5.01 -19.97 -48.75
C LYS G 24 -5.71 -18.76 -48.18
N ALA G 25 -4.94 -17.79 -47.66
CA ALA G 25 -5.49 -16.52 -47.21
C ALA G 25 -5.62 -15.54 -48.37
N SER G 26 -6.60 -14.64 -48.26
CA SER G 26 -6.83 -13.61 -49.28
C SER G 26 -5.77 -12.50 -49.29
N GLN G 27 -5.04 -12.29 -48.20
CA GLN G 27 -3.92 -11.35 -48.13
C GLN G 27 -2.87 -11.94 -47.21
N ASN G 28 -1.77 -11.23 -47.05
CA ASN G 28 -0.67 -11.72 -46.22
C ASN G 28 -1.09 -11.75 -44.75
N VAL G 29 -0.97 -12.93 -44.13
CA VAL G 29 -1.29 -13.09 -42.71
C VAL G 29 -0.09 -13.60 -41.92
N ARG G 30 1.12 -13.46 -42.47
CA ARG G 30 2.38 -13.76 -41.78
C ARG G 30 2.35 -15.21 -41.32
N THR G 31 2.45 -15.51 -40.02
CA THR G 31 2.26 -16.87 -39.54
C THR G 31 1.18 -16.97 -38.46
N ALA G 32 0.29 -15.97 -38.37
CA ALA G 32 -0.83 -15.99 -37.42
C ALA G 32 -1.99 -16.83 -37.99
N VAL G 33 -1.73 -18.13 -38.14
CA VAL G 33 -2.66 -19.10 -38.70
C VAL G 33 -2.80 -20.27 -37.73
N ALA G 34 -4.01 -20.80 -37.57
CA ALA G 34 -4.24 -21.91 -36.66
C ALA G 34 -5.03 -23.02 -37.36
N TRP G 35 -4.89 -24.25 -36.85
CA TRP G 35 -5.61 -25.41 -37.36
C TRP G 35 -6.40 -26.10 -36.23
N TYR G 36 -7.63 -26.50 -36.53
CA TYR G 36 -8.49 -27.20 -35.57
C TYR G 36 -9.07 -28.47 -36.18
N GLN G 37 -9.36 -29.44 -35.31
CA GLN G 37 -10.01 -30.67 -35.69
C GLN G 37 -11.37 -30.72 -34.99
N GLN G 38 -12.39 -31.21 -35.69
CA GLN G 38 -13.72 -31.38 -35.10
C GLN G 38 -14.26 -32.76 -35.45
N ARG G 39 -14.37 -33.62 -34.44
CA ARG G 39 -15.06 -34.89 -34.59
C ARG G 39 -16.57 -34.63 -34.48
N PRO G 40 -17.40 -35.44 -35.11
CA PRO G 40 -18.85 -35.14 -35.13
C PRO G 40 -19.42 -35.04 -33.73
N GLY G 41 -20.18 -33.97 -33.50
CA GLY G 41 -20.77 -33.69 -32.21
C GLY G 41 -19.85 -33.14 -31.13
N GLN G 42 -18.68 -32.65 -31.48
CA GLN G 42 -17.75 -32.18 -30.45
C GLN G 42 -17.34 -30.74 -30.70
N SER G 43 -16.78 -30.13 -29.66
CA SER G 43 -16.16 -28.83 -29.85
C SER G 43 -14.91 -28.98 -30.73
N PRO G 44 -14.51 -27.95 -31.44
CA PRO G 44 -13.22 -28.02 -32.12
C PRO G 44 -12.11 -28.25 -31.10
N LYS G 45 -11.03 -28.86 -31.55
CA LYS G 45 -9.86 -29.11 -30.70
C LYS G 45 -8.65 -28.48 -31.39
N ALA G 46 -7.84 -27.76 -30.62
CA ALA G 46 -6.73 -26.99 -31.17
C ALA G 46 -5.57 -27.90 -31.56
N LEU G 47 -5.01 -27.65 -32.75
CA LEU G 47 -3.97 -28.53 -33.27
C LEU G 47 -2.66 -27.79 -33.45
N ILE G 48 -2.62 -26.74 -34.28
CA ILE G 48 -1.41 -26.00 -34.61
C ILE G 48 -1.63 -24.52 -34.30
N TYR G 49 -0.62 -23.86 -33.73
CA TYR G 49 -0.69 -22.41 -33.56
C TYR G 49 0.56 -21.75 -34.16
N LEU G 50 0.43 -20.48 -34.53
CA LEU G 50 1.46 -19.78 -35.30
C LEU G 50 1.96 -20.66 -36.44
N ALA G 51 1.02 -21.18 -37.24
CA ALA G 51 1.31 -21.89 -38.49
C ALA G 51 2.01 -23.22 -38.32
N SER G 52 2.97 -23.35 -37.38
CA SER G 52 3.79 -24.55 -37.40
C SER G 52 4.09 -25.16 -36.03
N ASN G 53 3.49 -24.68 -34.95
CA ASN G 53 3.78 -25.20 -33.62
C ASN G 53 2.66 -26.12 -33.13
N ARG G 54 3.03 -27.32 -32.69
CA ARG G 54 2.04 -28.27 -32.19
C ARG G 54 1.64 -27.92 -30.76
N HIS G 55 0.35 -27.94 -30.47
CA HIS G 55 -0.09 -27.84 -29.09
C HIS G 55 0.28 -29.10 -28.33
N THR G 56 0.37 -28.98 -27.01
CA THR G 56 0.78 -30.13 -26.19
C THR G 56 -0.28 -31.23 -26.29
N GLY G 57 0.17 -32.47 -26.47
CA GLY G 57 -0.72 -33.60 -26.60
C GLY G 57 -1.09 -33.97 -28.02
N VAL G 58 -0.88 -33.07 -28.98
CA VAL G 58 -1.23 -33.38 -30.36
C VAL G 58 -0.22 -34.40 -30.88
N PRO G 59 -0.67 -35.54 -31.42
CA PRO G 59 0.27 -36.58 -31.86
C PRO G 59 1.30 -36.07 -32.87
N ASP G 60 2.39 -36.82 -32.95
CA ASP G 60 3.50 -36.47 -33.83
C ASP G 60 3.14 -36.48 -35.31
N ARG G 61 1.98 -37.04 -35.67
CA ARG G 61 1.55 -37.09 -37.07
C ARG G 61 1.26 -35.71 -37.64
N PHE G 62 0.71 -34.81 -36.82
CA PHE G 62 0.25 -33.52 -37.29
C PHE G 62 1.39 -32.50 -37.35
N THR G 63 1.57 -31.89 -38.52
CA THR G 63 2.58 -30.85 -38.69
C THR G 63 2.00 -29.78 -39.62
N GLY G 64 2.04 -28.53 -39.18
CA GLY G 64 1.60 -27.41 -39.99
C GLY G 64 2.79 -26.65 -40.53
N SER G 65 2.64 -26.14 -41.76
CA SER G 65 3.73 -25.40 -42.39
C SER G 65 3.11 -24.26 -43.18
N GLY G 66 3.94 -23.25 -43.48
CA GLY G 66 3.48 -22.17 -44.33
C GLY G 66 3.69 -20.82 -43.70
N SER G 67 3.68 -19.77 -44.53
CA SER G 67 3.82 -18.39 -44.08
C SER G 67 3.45 -17.48 -45.24
N GLY G 68 2.66 -16.44 -44.97
CA GLY G 68 2.19 -15.55 -46.02
C GLY G 68 0.74 -15.77 -46.43
N THR G 69 0.51 -16.61 -47.43
CA THR G 69 -0.83 -16.85 -47.91
C THR G 69 -1.11 -18.35 -47.93
N ASP G 70 -0.10 -19.15 -48.25
CA ASP G 70 -0.27 -20.60 -48.47
C ASP G 70 0.08 -21.35 -47.19
N PHE G 71 -0.94 -21.94 -46.54
CA PHE G 71 -0.74 -22.73 -45.33
C PHE G 71 -1.15 -24.19 -45.56
N THR G 72 -0.56 -25.10 -44.80
CA THR G 72 -0.74 -26.53 -45.00
C THR G 72 -0.73 -27.25 -43.65
N LEU G 73 -1.68 -28.15 -43.48
CA LEU G 73 -1.71 -29.05 -42.33
C LEU G 73 -1.55 -30.46 -42.86
N THR G 74 -0.46 -31.13 -42.50
CA THR G 74 -0.12 -32.45 -43.02
C THR G 74 -0.24 -33.53 -41.96
N ILE G 75 -0.96 -34.61 -42.28
CA ILE G 75 -1.06 -35.76 -41.39
C ILE G 75 -0.31 -36.91 -42.04
N THR G 76 0.78 -37.33 -41.41
CA THR G 76 1.51 -38.52 -41.83
C THR G 76 0.92 -39.68 -41.06
N ASN G 77 0.89 -40.86 -41.68
CA ASN G 77 0.44 -42.07 -40.98
C ASN G 77 -1.01 -41.92 -40.48
N VAL G 78 -1.92 -41.63 -41.43
CA VAL G 78 -3.30 -41.29 -41.06
C VAL G 78 -3.92 -42.42 -40.27
N GLN G 79 -4.46 -42.08 -39.12
CA GLN G 79 -5.15 -43.04 -38.28
C GLN G 79 -6.66 -42.88 -38.41
N SER G 80 -7.39 -43.85 -37.88
CA SER G 80 -8.84 -43.79 -38.04
C SER G 80 -9.46 -42.63 -37.25
N GLU G 81 -8.93 -42.29 -36.07
CA GLU G 81 -9.50 -41.15 -35.37
C GLU G 81 -9.10 -39.81 -35.99
N ASP G 82 -8.29 -39.80 -37.06
CA ASP G 82 -8.02 -38.57 -37.79
C ASP G 82 -9.07 -38.30 -38.89
N LEU G 83 -10.05 -39.19 -39.05
CA LEU G 83 -11.19 -38.94 -39.95
C LEU G 83 -12.13 -37.99 -39.24
N ALA G 84 -12.18 -36.73 -39.69
CA ALA G 84 -12.80 -35.63 -38.95
C ALA G 84 -12.77 -34.35 -39.77
N ASP G 85 -13.23 -33.24 -39.22
CA ASP G 85 -13.21 -31.94 -39.89
C ASP G 85 -11.98 -31.15 -39.49
N TYR G 86 -11.39 -30.41 -40.45
CA TYR G 86 -10.22 -29.56 -40.18
C TYR G 86 -10.48 -28.12 -40.62
N PHE G 87 -10.26 -27.17 -39.71
CA PHE G 87 -10.49 -25.75 -40.00
C PHE G 87 -9.17 -25.01 -39.81
N CYS G 88 -8.78 -24.18 -40.79
CA CYS G 88 -7.73 -23.19 -40.55
C CYS G 88 -8.37 -21.89 -40.07
N LEU G 89 -7.55 -21.02 -39.49
CA LEU G 89 -8.03 -19.72 -39.02
C LEU G 89 -6.87 -18.74 -39.06
N GLN G 90 -7.18 -17.48 -39.38
CA GLN G 90 -6.18 -16.43 -39.30
C GLN G 90 -6.57 -15.46 -38.18
N HIS G 91 -5.58 -15.04 -37.40
CA HIS G 91 -5.75 -14.05 -36.36
C HIS G 91 -4.78 -12.89 -36.57
N TRP G 92 -4.46 -12.61 -37.83
CA TRP G 92 -3.61 -11.46 -38.14
C TRP G 92 -4.35 -10.14 -37.88
N ASN G 93 -5.62 -10.06 -38.23
CA ASN G 93 -6.37 -8.82 -38.03
C ASN G 93 -7.87 -9.15 -37.89
N TYR G 94 -8.61 -8.24 -37.24
CA TYR G 94 -10.02 -8.47 -36.98
C TYR G 94 -10.86 -8.07 -38.21
N PRO G 95 -11.98 -8.78 -38.47
CA PRO G 95 -12.45 -9.94 -37.66
C PRO G 95 -11.63 -11.22 -37.90
N LEU G 96 -11.50 -12.05 -36.88
CA LEU G 96 -10.92 -13.36 -37.09
C LEU G 96 -11.84 -14.13 -38.04
N THR G 97 -11.25 -14.89 -38.97
CA THR G 97 -12.05 -15.67 -39.89
C THR G 97 -11.46 -17.07 -40.03
N PHE G 98 -12.34 -18.07 -40.15
CA PHE G 98 -12.00 -19.46 -40.39
C PHE G 98 -12.18 -19.82 -41.87
N GLY G 99 -11.47 -20.84 -42.31
CA GLY G 99 -11.79 -21.51 -43.55
C GLY G 99 -13.03 -22.36 -43.41
N SER G 100 -13.60 -22.77 -44.52
CA SER G 100 -14.89 -23.42 -44.46
C SER G 100 -14.83 -24.92 -44.24
N GLY G 101 -13.63 -25.46 -44.07
CA GLY G 101 -13.47 -26.79 -43.53
C GLY G 101 -13.16 -27.84 -44.57
N THR G 102 -12.36 -28.82 -44.17
CA THR G 102 -12.02 -29.96 -45.00
C THR G 102 -12.30 -31.18 -44.16
N LYS G 103 -13.20 -32.04 -44.64
CA LYS G 103 -13.55 -33.28 -43.97
C LYS G 103 -12.79 -34.44 -44.61
N LEU G 104 -12.12 -35.23 -43.77
CA LEU G 104 -11.31 -36.37 -44.19
C LEU G 104 -12.12 -37.66 -44.06
N GLU G 105 -12.15 -38.45 -45.14
CA GLU G 105 -12.96 -39.65 -45.30
C GLU G 105 -12.13 -40.81 -45.86
N ILE G 106 -12.59 -42.03 -45.61
CA ILE G 106 -11.91 -43.23 -46.11
C ILE G 106 -12.31 -43.52 -47.56
N LYS G 107 -11.33 -43.97 -48.33
CA LYS G 107 -11.56 -44.38 -49.70
C LYS G 107 -11.98 -45.85 -49.73
N ARG G 108 -12.70 -46.25 -50.77
CA ARG G 108 -13.26 -47.59 -50.87
C ARG G 108 -13.65 -47.79 -52.33
N ALA G 109 -14.01 -49.02 -52.68
CA ALA G 109 -14.39 -49.29 -54.08
C ALA G 109 -15.71 -48.62 -54.44
N ASP G 110 -15.81 -48.16 -55.69
CA ASP G 110 -17.05 -47.57 -56.20
C ASP G 110 -18.20 -48.57 -56.04
N ALA G 111 -19.37 -48.06 -55.67
CA ALA G 111 -20.55 -48.93 -55.53
C ALA G 111 -21.79 -48.16 -56.01
N ALA G 112 -22.62 -48.80 -56.83
CA ALA G 112 -23.83 -48.14 -57.32
C ALA G 112 -24.95 -48.18 -56.28
N PRO G 113 -25.87 -47.24 -56.36
CA PRO G 113 -26.94 -47.14 -55.35
C PRO G 113 -28.00 -48.24 -55.45
N THR G 114 -28.48 -48.67 -54.29
CA THR G 114 -29.70 -49.47 -54.20
C THR G 114 -30.87 -48.48 -54.07
N VAL G 115 -31.70 -48.39 -55.11
CA VAL G 115 -32.78 -47.41 -55.21
C VAL G 115 -34.12 -48.06 -54.86
N SER G 116 -34.88 -47.43 -53.95
CA SER G 116 -36.23 -47.86 -53.55
C SER G 116 -37.19 -46.67 -53.60
N ILE G 117 -38.33 -46.84 -54.27
CA ILE G 117 -39.38 -45.83 -54.31
C ILE G 117 -40.59 -46.33 -53.52
N PHE G 118 -41.28 -45.41 -52.85
CA PHE G 118 -42.44 -45.74 -52.02
C PHE G 118 -43.61 -44.80 -52.30
N PRO G 119 -44.79 -45.32 -52.59
CA PRO G 119 -45.97 -44.46 -52.68
C PRO G 119 -46.33 -43.94 -51.31
N PRO G 120 -47.08 -42.85 -51.24
CA PRO G 120 -47.51 -42.35 -49.93
C PRO G 120 -48.47 -43.30 -49.23
N SER G 121 -48.41 -43.33 -47.91
CA SER G 121 -49.29 -44.29 -47.27
C SER G 121 -50.73 -43.79 -47.26
N SER G 122 -51.65 -44.74 -47.13
CA SER G 122 -53.05 -44.36 -47.04
C SER G 122 -53.36 -43.57 -45.78
N GLU G 123 -52.63 -43.85 -44.70
CA GLU G 123 -52.70 -43.00 -43.51
C GLU G 123 -52.37 -41.55 -43.83
N GLN G 124 -51.31 -41.32 -44.64
CA GLN G 124 -51.03 -39.92 -44.93
C GLN G 124 -52.04 -39.38 -45.93
N LEU G 125 -52.40 -40.19 -46.92
CA LEU G 125 -53.33 -39.70 -47.94
C LEU G 125 -54.66 -39.27 -47.31
N THR G 126 -55.23 -40.07 -46.38
CA THR G 126 -56.53 -39.70 -45.81
C THR G 126 -56.48 -38.45 -44.95
N SER G 127 -55.29 -37.95 -44.62
CA SER G 127 -55.15 -36.70 -43.88
C SER G 127 -54.81 -35.55 -44.79
N GLY G 128 -54.90 -35.75 -46.11
CA GLY G 128 -54.81 -34.69 -47.08
C GLY G 128 -53.44 -34.40 -47.67
N GLY G 129 -52.39 -35.11 -47.22
CA GLY G 129 -51.04 -34.92 -47.73
C GLY G 129 -50.50 -36.15 -48.45
N ALA G 130 -49.47 -35.96 -49.28
CA ALA G 130 -48.97 -37.07 -50.10
C ALA G 130 -47.47 -36.90 -50.28
N SER G 131 -46.68 -37.68 -49.54
CA SER G 131 -45.23 -37.67 -49.65
C SER G 131 -44.76 -38.94 -50.38
N VAL G 132 -44.15 -38.77 -51.58
CA VAL G 132 -43.52 -39.87 -52.33
C VAL G 132 -42.03 -39.89 -51.97
N VAL G 133 -41.55 -41.04 -51.53
CA VAL G 133 -40.20 -41.15 -50.98
C VAL G 133 -39.37 -42.08 -51.86
N CYS G 134 -38.12 -41.69 -52.09
CA CYS G 134 -37.12 -42.50 -52.79
C CYS G 134 -35.84 -42.57 -51.96
N PHE G 135 -35.40 -43.80 -51.64
CA PHE G 135 -34.13 -44.02 -50.95
C PHE G 135 -33.04 -44.44 -51.94
N LEU G 136 -31.82 -43.92 -51.75
CA LEU G 136 -30.64 -44.30 -52.53
C LEU G 136 -29.50 -44.71 -51.60
N ASN G 137 -29.29 -46.01 -51.44
CA ASN G 137 -28.59 -46.56 -50.29
C ASN G 137 -27.28 -47.23 -50.66
N ASN G 138 -26.25 -46.94 -49.85
CA ASN G 138 -24.97 -47.67 -49.85
C ASN G 138 -24.23 -47.55 -51.18
N PHE G 139 -24.08 -46.33 -51.66
CA PHE G 139 -23.32 -46.01 -52.86
C PHE G 139 -22.02 -45.27 -52.49
N TYR G 140 -21.10 -45.16 -53.47
CA TYR G 140 -19.82 -44.45 -53.28
C TYR G 140 -19.21 -44.19 -54.64
N PRO G 141 -18.62 -43.00 -54.89
CA PRO G 141 -18.47 -41.85 -54.00
C PRO G 141 -19.77 -41.11 -53.78
N LYS G 142 -19.70 -40.01 -53.02
CA LYS G 142 -20.87 -39.32 -52.50
C LYS G 142 -21.70 -38.66 -53.58
N ASP G 143 -21.09 -38.31 -54.71
CA ASP G 143 -21.79 -37.54 -55.71
C ASP G 143 -22.84 -38.39 -56.39
N ILE G 144 -24.02 -37.81 -56.54
CA ILE G 144 -25.15 -38.53 -57.10
C ILE G 144 -26.18 -37.47 -57.46
N ASN G 145 -26.88 -37.68 -58.57
CA ASN G 145 -27.99 -36.83 -58.97
C ASN G 145 -29.28 -37.64 -58.92
N VAL G 146 -30.36 -37.03 -58.41
CA VAL G 146 -31.68 -37.67 -58.37
C VAL G 146 -32.64 -36.80 -59.15
N LYS G 147 -33.51 -37.43 -59.92
CA LYS G 147 -34.47 -36.72 -60.75
C LYS G 147 -35.82 -37.40 -60.58
N TRP G 148 -36.85 -36.60 -60.34
CA TRP G 148 -38.21 -37.09 -60.20
C TRP G 148 -39.00 -36.81 -61.47
N LYS G 149 -39.82 -37.79 -61.89
CA LYS G 149 -40.71 -37.65 -63.06
C LYS G 149 -42.14 -38.03 -62.69
N ILE G 150 -43.09 -37.12 -62.92
CA ILE G 150 -44.51 -37.36 -62.77
C ILE G 150 -45.13 -37.37 -64.16
N ASP G 151 -45.67 -38.52 -64.58
CA ASP G 151 -46.26 -38.71 -65.93
C ASP G 151 -45.31 -38.20 -67.01
N GLY G 152 -44.03 -38.54 -66.86
CA GLY G 152 -43.01 -38.11 -67.79
C GLY G 152 -42.51 -36.68 -67.63
N SER G 153 -43.07 -35.89 -66.72
CA SER G 153 -42.60 -34.51 -66.55
C SER G 153 -41.64 -34.40 -65.37
N GLU G 154 -40.47 -33.82 -65.61
CA GLU G 154 -39.53 -33.54 -64.53
C GLU G 154 -40.15 -32.52 -63.56
N ARG G 155 -40.29 -32.90 -62.29
CA ARG G 155 -40.76 -32.01 -61.23
C ARG G 155 -39.64 -31.72 -60.24
N GLN G 156 -39.28 -30.44 -60.10
CA GLN G 156 -38.15 -30.05 -59.26
C GLN G 156 -38.59 -29.36 -57.97
N ASN G 157 -39.85 -28.93 -57.91
CA ASN G 157 -40.37 -28.14 -56.79
C ASN G 157 -41.18 -29.07 -55.88
N GLY G 158 -40.92 -28.97 -54.58
CA GLY G 158 -41.46 -29.92 -53.64
C GLY G 158 -40.54 -31.06 -53.31
N VAL G 159 -39.27 -31.00 -53.75
CA VAL G 159 -38.31 -32.08 -53.53
C VAL G 159 -37.33 -31.70 -52.44
N LEU G 160 -37.18 -32.55 -51.44
CA LEU G 160 -36.27 -32.35 -50.32
C LEU G 160 -35.31 -33.52 -50.26
N ASN G 161 -34.02 -33.24 -50.29
CA ASN G 161 -33.03 -34.29 -50.21
C ASN G 161 -32.34 -34.26 -48.86
N SER G 162 -31.83 -35.41 -48.46
CA SER G 162 -31.11 -35.49 -47.21
C SER G 162 -30.05 -36.58 -47.36
N TRP G 163 -28.83 -36.27 -46.95
CA TRP G 163 -27.71 -37.19 -47.08
C TRP G 163 -27.17 -37.59 -45.71
N THR G 164 -26.75 -38.84 -45.60
CA THR G 164 -25.98 -39.31 -44.47
C THR G 164 -24.50 -39.02 -44.70
N ASP G 165 -23.74 -39.00 -43.61
CA ASP G 165 -22.30 -38.99 -43.70
C ASP G 165 -21.82 -40.40 -44.00
N GLN G 166 -20.51 -40.55 -44.19
CA GLN G 166 -19.94 -41.84 -44.59
C GLN G 166 -20.16 -42.90 -43.52
N ASP G 167 -20.52 -44.10 -43.95
CA ASP G 167 -20.87 -45.17 -43.04
C ASP G 167 -19.62 -45.61 -42.29
N SER G 168 -19.68 -45.54 -40.96
CA SER G 168 -18.57 -45.99 -40.11
C SER G 168 -18.15 -47.41 -40.46
N LYS G 169 -19.09 -48.26 -40.89
CA LYS G 169 -18.86 -49.69 -40.99
C LYS G 169 -18.53 -50.17 -42.40
N ASP G 170 -19.07 -49.54 -43.46
CA ASP G 170 -18.73 -49.98 -44.80
C ASP G 170 -18.34 -48.84 -45.73
N SER G 171 -18.21 -47.60 -45.21
CA SER G 171 -17.56 -46.52 -45.94
C SER G 171 -18.46 -45.98 -47.06
N THR G 172 -19.72 -46.33 -46.99
CA THR G 172 -20.71 -46.00 -48.00
C THR G 172 -21.46 -44.71 -47.62
N TYR G 173 -22.24 -44.20 -48.57
CA TYR G 173 -23.15 -43.08 -48.34
C TYR G 173 -24.57 -43.51 -48.63
N SER G 174 -25.53 -42.73 -48.13
CA SER G 174 -26.93 -42.98 -48.43
C SER G 174 -27.65 -41.65 -48.54
N MET G 175 -28.84 -41.67 -49.13
CA MET G 175 -29.54 -40.44 -49.45
C MET G 175 -31.03 -40.73 -49.61
N SER G 176 -31.86 -39.85 -49.05
CA SER G 176 -33.29 -39.95 -49.26
C SER G 176 -33.75 -38.72 -50.03
N SER G 177 -34.72 -38.93 -50.91
CA SER G 177 -35.34 -37.84 -51.66
C SER G 177 -36.85 -37.96 -51.48
N THR G 178 -37.48 -36.85 -51.09
CA THR G 178 -38.88 -36.87 -50.68
C THR G 178 -39.62 -35.80 -51.44
N LEU G 179 -40.57 -36.22 -52.27
CA LEU G 179 -41.39 -35.30 -53.05
C LEU G 179 -42.71 -35.14 -52.32
N THR G 180 -43.03 -33.91 -51.92
CA THR G 180 -44.23 -33.69 -51.12
C THR G 180 -45.28 -32.93 -51.90
N LEU G 181 -46.43 -33.55 -52.07
CA LEU G 181 -47.58 -32.96 -52.73
C LEU G 181 -48.80 -33.08 -51.81
N THR G 182 -49.81 -32.25 -52.11
CA THR G 182 -51.15 -32.44 -51.56
C THR G 182 -51.78 -33.71 -52.15
N LYS G 183 -52.71 -34.28 -51.40
CA LYS G 183 -53.46 -35.43 -51.88
C LYS G 183 -54.09 -35.13 -53.24
N ASP G 184 -54.65 -33.93 -53.40
CA ASP G 184 -55.37 -33.59 -54.63
C ASP G 184 -54.43 -33.56 -55.84
N GLU G 185 -53.24 -32.93 -55.67
CA GLU G 185 -52.29 -32.93 -56.77
C GLU G 185 -51.74 -34.33 -57.04
N TYR G 186 -51.58 -35.15 -55.99
CA TYR G 186 -50.99 -36.47 -56.19
C TYR G 186 -51.93 -37.36 -56.96
N GLU G 187 -53.21 -37.30 -56.60
CA GLU G 187 -54.19 -38.18 -57.23
C GLU G 187 -54.57 -37.74 -58.63
N ARG G 188 -53.94 -36.71 -59.17
CA ARG G 188 -54.15 -36.30 -60.55
C ARG G 188 -53.24 -37.00 -61.54
N HIS G 189 -52.28 -37.80 -61.07
CA HIS G 189 -51.32 -38.41 -61.96
C HIS G 189 -51.19 -39.87 -61.61
N ASN G 190 -50.61 -40.63 -62.54
CA ASN G 190 -50.50 -42.07 -62.37
C ASN G 190 -49.07 -42.55 -62.19
N SER G 191 -48.14 -42.13 -63.07
CA SER G 191 -46.77 -42.65 -63.13
C SER G 191 -45.82 -41.77 -62.31
N TYR G 192 -45.14 -42.38 -61.34
CA TYR G 192 -44.15 -41.69 -60.49
C TYR G 192 -42.82 -42.41 -60.60
N THR G 193 -41.79 -41.66 -60.96
CA THR G 193 -40.55 -42.28 -61.35
C THR G 193 -39.46 -41.55 -60.60
N CYS G 194 -38.53 -42.31 -60.01
CA CYS G 194 -37.33 -41.79 -59.34
C CYS G 194 -36.08 -42.30 -60.06
N GLU G 195 -35.22 -41.38 -60.54
CA GLU G 195 -34.11 -41.74 -61.43
C GLU G 195 -32.79 -41.31 -60.80
N ALA G 196 -31.87 -42.25 -60.61
CA ALA G 196 -30.55 -41.96 -60.08
C ALA G 196 -29.45 -42.11 -61.16
N THR G 197 -28.60 -41.10 -61.28
CA THR G 197 -27.43 -41.12 -62.15
C THR G 197 -26.19 -41.01 -61.26
N HIS G 198 -25.33 -42.03 -61.30
CA HIS G 198 -24.14 -42.14 -60.46
C HIS G 198 -22.95 -42.50 -61.35
N LYS G 199 -21.71 -42.21 -60.89
CA LYS G 199 -20.58 -42.37 -61.79
C LYS G 199 -20.34 -43.84 -62.17
N THR G 200 -20.81 -44.78 -61.33
CA THR G 200 -20.63 -46.21 -61.60
C THR G 200 -21.33 -46.70 -62.85
N SER G 201 -22.22 -45.93 -63.44
CA SER G 201 -22.84 -46.42 -64.66
C SER G 201 -23.33 -45.30 -65.55
N THR G 202 -23.18 -45.53 -66.85
CA THR G 202 -23.66 -44.58 -67.84
C THR G 202 -25.18 -44.51 -67.84
N SER G 203 -25.86 -45.60 -67.50
CA SER G 203 -27.29 -45.51 -67.59
C SER G 203 -27.92 -45.34 -66.21
N PRO G 204 -28.90 -44.46 -66.13
CA PRO G 204 -29.55 -44.20 -64.84
C PRO G 204 -30.28 -45.42 -64.28
N ILE G 205 -30.30 -45.54 -62.96
CA ILE G 205 -31.19 -46.48 -62.29
C ILE G 205 -32.58 -45.86 -62.19
N VAL G 206 -33.59 -46.57 -62.66
CA VAL G 206 -34.94 -46.04 -62.80
C VAL G 206 -35.89 -46.89 -61.96
N LYS G 207 -36.58 -46.27 -60.99
CA LYS G 207 -37.57 -46.97 -60.19
C LYS G 207 -38.91 -46.23 -60.20
N SER G 208 -40.01 -46.98 -60.36
CA SER G 208 -41.32 -46.35 -60.58
C SER G 208 -42.45 -47.19 -60.01
N PHE G 209 -43.61 -46.55 -59.87
CA PHE G 209 -44.86 -47.23 -59.58
C PHE G 209 -45.97 -46.48 -60.30
N ASN G 210 -47.05 -47.18 -60.57
CA ASN G 210 -48.26 -46.58 -61.12
C ASN G 210 -49.32 -46.50 -60.01
N ARG G 211 -49.96 -45.34 -59.90
CA ARG G 211 -50.90 -45.17 -58.81
C ARG G 211 -52.08 -46.12 -58.90
N ASN G 212 -52.51 -46.48 -60.10
CA ASN G 212 -53.65 -47.38 -60.17
C ASN G 212 -53.29 -48.83 -59.98
N GLU G 213 -52.04 -49.16 -59.65
CA GLU G 213 -51.71 -50.54 -59.31
C GLU G 213 -51.07 -50.60 -57.93
N CYS G 214 -51.68 -49.96 -56.94
CA CYS G 214 -51.05 -49.73 -55.61
C CYS G 214 -49.87 -48.73 -55.69
N GLN H 1 -5.62 -29.00 -17.20
CA GLN H 1 -6.96 -29.15 -16.64
C GLN H 1 -7.74 -27.86 -16.80
N VAL H 2 -7.47 -27.20 -17.92
CA VAL H 2 -8.20 -26.00 -18.29
C VAL H 2 -9.59 -26.40 -18.74
N GLN H 3 -10.61 -25.67 -18.30
CA GLN H 3 -11.97 -26.10 -18.55
C GLN H 3 -12.90 -24.91 -18.70
N LEU H 4 -13.75 -24.96 -19.72
CA LEU H 4 -14.76 -23.93 -19.98
C LEU H 4 -16.08 -24.67 -20.02
N GLN H 5 -16.95 -24.40 -19.04
CA GLN H 5 -18.25 -25.06 -18.93
C GLN H 5 -19.37 -24.09 -19.31
N GLN H 6 -20.10 -24.42 -20.35
CA GLN H 6 -21.13 -23.50 -20.84
C GLN H 6 -22.49 -23.88 -20.26
N SER H 7 -23.41 -22.91 -20.27
CA SER H 7 -24.79 -23.17 -19.84
C SER H 7 -25.53 -24.05 -20.84
N GLY H 8 -26.75 -24.48 -20.42
CA GLY H 8 -27.54 -25.46 -21.15
C GLY H 8 -28.30 -24.90 -22.34
N ALA H 9 -28.90 -25.81 -23.12
CA ALA H 9 -29.53 -25.45 -24.37
C ALA H 9 -30.67 -24.47 -24.13
N GLU H 10 -31.01 -23.72 -25.15
CA GLU H 10 -31.95 -22.63 -25.01
C GLU H 10 -32.89 -22.61 -26.20
N LEU H 11 -34.19 -22.59 -25.92
CA LEU H 11 -35.26 -22.68 -26.92
C LEU H 11 -36.19 -21.49 -26.68
N VAL H 12 -36.09 -20.47 -27.52
CA VAL H 12 -36.73 -19.19 -27.28
C VAL H 12 -37.38 -18.72 -28.57
N ARG H 13 -38.11 -17.61 -28.45
CA ARG H 13 -38.93 -17.02 -29.49
C ARG H 13 -38.26 -15.80 -30.11
N PRO H 14 -38.63 -15.44 -31.35
CA PRO H 14 -38.00 -14.29 -32.02
C PRO H 14 -38.26 -12.98 -31.28
N GLY H 15 -37.30 -12.05 -31.41
CA GLY H 15 -37.37 -10.78 -30.71
C GLY H 15 -36.89 -10.82 -29.27
N THR H 16 -36.77 -12.00 -28.67
CA THR H 16 -36.35 -12.05 -27.28
C THR H 16 -34.83 -11.90 -27.19
N SER H 17 -34.31 -11.96 -25.98
CA SER H 17 -32.88 -11.88 -25.78
C SER H 17 -32.45 -13.00 -24.86
N VAL H 18 -31.22 -13.47 -25.05
CA VAL H 18 -30.69 -14.59 -24.29
C VAL H 18 -29.27 -14.24 -23.85
N LYS H 19 -28.84 -14.86 -22.75
CA LYS H 19 -27.54 -14.59 -22.12
C LYS H 19 -26.85 -15.93 -21.87
N VAL H 20 -25.78 -16.21 -22.61
CA VAL H 20 -25.10 -17.49 -22.42
C VAL H 20 -23.88 -17.28 -21.54
N SER H 21 -23.64 -18.21 -20.64
CA SER H 21 -22.53 -18.13 -19.72
C SER H 21 -21.47 -19.18 -20.05
N CYS H 22 -20.25 -18.89 -19.61
CA CYS H 22 -19.08 -19.75 -19.85
C CYS H 22 -18.20 -19.65 -18.62
N LYS H 23 -18.13 -20.72 -17.82
CA LYS H 23 -17.47 -20.71 -16.52
C LYS H 23 -16.09 -21.32 -16.69
N ALA H 24 -15.06 -20.52 -16.44
CA ALA H 24 -13.71 -20.99 -16.63
C ALA H 24 -13.17 -21.53 -15.33
N SER H 25 -12.28 -22.51 -15.44
CA SER H 25 -11.58 -23.02 -14.27
C SER H 25 -10.26 -23.61 -14.72
N GLY H 26 -9.32 -23.70 -13.79
CA GLY H 26 -8.05 -24.29 -14.08
C GLY H 26 -6.91 -23.39 -14.46
N TYR H 27 -7.09 -22.09 -14.49
CA TYR H 27 -6.02 -21.15 -14.83
C TYR H 27 -6.34 -19.77 -14.31
N ALA H 28 -5.42 -18.84 -14.46
CA ALA H 28 -5.66 -17.47 -14.04
C ALA H 28 -6.59 -16.81 -15.05
N PHE H 29 -7.80 -16.52 -14.62
CA PHE H 29 -8.89 -16.07 -15.49
C PHE H 29 -8.65 -14.68 -16.09
N THR H 30 -7.94 -13.81 -15.37
CA THR H 30 -8.13 -12.38 -15.53
C THR H 30 -7.72 -11.86 -16.91
N ASN H 31 -6.65 -12.38 -17.49
CA ASN H 31 -6.12 -11.76 -18.69
C ASN H 31 -6.28 -12.60 -19.95
N HIS H 32 -6.70 -13.85 -19.85
CA HIS H 32 -6.84 -14.67 -21.04
C HIS H 32 -8.05 -14.20 -21.83
N LEU H 33 -7.83 -13.82 -23.09
CA LEU H 33 -8.93 -13.36 -23.92
C LEU H 33 -9.92 -14.49 -24.08
N ILE H 34 -11.21 -14.16 -24.11
CA ILE H 34 -12.27 -15.12 -24.38
C ILE H 34 -12.89 -14.77 -25.72
N GLU H 35 -12.78 -15.70 -26.67
CA GLU H 35 -13.45 -15.58 -27.95
C GLU H 35 -14.84 -16.19 -27.83
N TRP H 36 -15.73 -15.79 -28.74
CA TRP H 36 -17.05 -16.41 -28.92
C TRP H 36 -17.26 -16.69 -30.40
N VAL H 37 -17.73 -17.90 -30.72
CA VAL H 37 -17.92 -18.32 -32.10
C VAL H 37 -19.23 -19.09 -32.23
N ASN H 38 -19.90 -18.92 -33.37
CA ASN H 38 -21.07 -19.73 -33.63
C ASN H 38 -20.80 -20.72 -34.75
N GLN H 39 -21.62 -21.77 -34.77
CA GLN H 39 -21.59 -22.77 -35.81
C GLN H 39 -23.05 -23.10 -36.12
N ARG H 40 -23.49 -22.76 -37.32
CA ARG H 40 -24.86 -23.05 -37.69
C ARG H 40 -24.97 -24.50 -38.18
N PRO H 41 -26.17 -25.13 -38.02
CA PRO H 41 -26.28 -26.58 -38.26
C PRO H 41 -25.66 -26.98 -39.59
N GLY H 42 -24.70 -27.89 -39.57
CA GLY H 42 -24.07 -28.31 -40.80
C GLY H 42 -23.15 -27.31 -41.45
N GLN H 43 -23.02 -26.11 -40.89
CA GLN H 43 -22.19 -25.06 -41.47
C GLN H 43 -20.82 -25.00 -40.79
N GLY H 44 -20.03 -24.00 -41.15
CA GLY H 44 -18.73 -23.76 -40.53
C GLY H 44 -18.78 -22.84 -39.33
N LEU H 45 -17.67 -22.14 -39.10
CA LEU H 45 -17.46 -21.35 -37.88
C LEU H 45 -17.35 -19.88 -38.22
N GLU H 46 -18.01 -19.05 -37.43
CA GLU H 46 -18.00 -17.61 -37.61
C GLU H 46 -17.62 -16.95 -36.29
N TRP H 47 -16.71 -15.98 -36.35
CA TRP H 47 -16.23 -15.30 -35.15
C TRP H 47 -17.17 -14.15 -34.76
N ILE H 48 -17.51 -14.09 -33.47
CA ILE H 48 -18.47 -13.13 -32.95
C ILE H 48 -17.79 -11.94 -32.32
N GLY H 49 -16.79 -12.19 -31.50
CA GLY H 49 -16.15 -11.15 -30.73
C GLY H 49 -15.21 -11.76 -29.71
N VAL H 50 -14.45 -10.89 -29.06
CA VAL H 50 -13.48 -11.28 -28.06
C VAL H 50 -13.52 -10.24 -26.96
N ILE H 51 -13.26 -10.69 -25.71
CA ILE H 51 -13.20 -9.81 -24.54
C ILE H 51 -11.96 -10.11 -23.71
N ASN H 52 -11.31 -9.05 -23.22
CA ASN H 52 -10.31 -9.15 -22.16
C ASN H 52 -11.03 -9.07 -20.80
N PRO H 53 -11.18 -10.17 -20.07
CA PRO H 53 -12.04 -10.15 -18.87
C PRO H 53 -11.57 -9.17 -17.80
N GLY H 54 -10.27 -8.99 -17.62
CA GLY H 54 -9.82 -8.09 -16.57
C GLY H 54 -10.07 -6.64 -16.89
N SER H 55 -9.65 -6.22 -18.10
CA SER H 55 -9.83 -4.84 -18.54
C SER H 55 -11.28 -4.53 -18.93
N GLY H 56 -12.09 -5.55 -19.21
CA GLY H 56 -13.43 -5.36 -19.72
C GLY H 56 -13.47 -4.93 -21.17
N GLY H 57 -12.33 -4.79 -21.81
CA GLY H 57 -12.31 -4.41 -23.21
C GLY H 57 -12.85 -5.51 -24.09
N THR H 58 -13.43 -5.09 -25.23
CA THR H 58 -14.05 -5.99 -26.19
C THR H 58 -13.68 -5.59 -27.61
N LYS H 59 -13.79 -6.54 -28.54
CA LYS H 59 -13.75 -6.22 -29.97
C LYS H 59 -14.73 -7.13 -30.69
N TYR H 60 -15.56 -6.55 -31.58
CA TYR H 60 -16.67 -7.26 -32.21
C TYR H 60 -16.48 -7.42 -33.70
N ASN H 61 -16.86 -8.59 -34.20
CA ASN H 61 -17.17 -8.74 -35.61
C ASN H 61 -18.26 -7.74 -35.93
N GLU H 62 -18.05 -6.93 -36.99
CA GLU H 62 -19.02 -5.89 -37.33
C GLU H 62 -20.43 -6.44 -37.51
N LYS H 63 -20.56 -7.67 -38.04
CA LYS H 63 -21.85 -8.29 -38.26
C LYS H 63 -22.65 -8.50 -36.97
N PHE H 64 -22.00 -8.54 -35.80
CA PHE H 64 -22.68 -8.75 -34.54
C PHE H 64 -22.67 -7.50 -33.68
N LYS H 65 -22.07 -6.41 -34.16
CA LYS H 65 -22.05 -5.17 -33.39
C LYS H 65 -23.48 -4.72 -33.10
N GLY H 66 -23.77 -4.46 -31.83
CA GLY H 66 -25.11 -4.08 -31.44
C GLY H 66 -26.08 -5.22 -31.32
N LYS H 67 -25.70 -6.44 -31.74
CA LYS H 67 -26.43 -7.68 -31.56
C LYS H 67 -25.93 -8.49 -30.37
N ALA H 68 -24.61 -8.64 -30.24
CA ALA H 68 -23.99 -9.41 -29.18
C ALA H 68 -23.33 -8.48 -28.17
N THR H 69 -23.44 -8.79 -26.90
CA THR H 69 -22.84 -8.02 -25.83
C THR H 69 -21.98 -8.96 -24.97
N LEU H 70 -20.69 -8.67 -24.84
CA LEU H 70 -19.80 -9.50 -24.04
C LEU H 70 -19.41 -8.90 -22.72
N THR H 71 -19.55 -9.66 -21.65
CA THR H 71 -19.16 -9.23 -20.34
C THR H 71 -18.45 -10.36 -19.57
N ALA H 72 -17.85 -10.01 -18.45
CA ALA H 72 -17.16 -10.99 -17.64
C ALA H 72 -17.30 -10.59 -16.18
N ASP H 73 -17.36 -11.59 -15.32
CA ASP H 73 -17.46 -11.41 -13.87
C ASP H 73 -16.22 -12.07 -13.29
N LYS H 74 -15.26 -11.25 -12.85
CA LYS H 74 -13.97 -11.80 -12.41
C LYS H 74 -14.10 -12.59 -11.12
N SER H 75 -15.01 -12.17 -10.23
CA SER H 75 -15.29 -12.92 -9.01
C SER H 75 -15.61 -14.39 -9.31
N SER H 76 -16.54 -14.64 -10.23
CA SER H 76 -16.99 -15.99 -10.55
C SER H 76 -16.19 -16.70 -11.66
N SER H 77 -15.24 -16.02 -12.32
CA SER H 77 -14.43 -16.62 -13.41
C SER H 77 -15.32 -16.97 -14.61
N THR H 78 -16.30 -16.13 -14.89
CA THR H 78 -17.36 -16.42 -15.85
C THR H 78 -17.43 -15.32 -16.89
N ALA H 79 -17.47 -15.73 -18.16
CA ALA H 79 -17.73 -14.82 -19.29
C ALA H 79 -19.18 -14.97 -19.75
N TYR H 80 -19.77 -13.88 -20.22
CA TYR H 80 -21.15 -13.91 -20.68
C TYR H 80 -21.26 -13.32 -22.08
N MET H 81 -22.18 -13.91 -22.87
CA MET H 81 -22.56 -13.34 -24.15
C MET H 81 -24.07 -13.14 -24.18
N GLN H 82 -24.49 -11.90 -24.36
CA GLN H 82 -25.89 -11.58 -24.52
C GLN H 82 -26.17 -11.39 -26.00
N LEU H 83 -27.21 -12.05 -26.51
CA LEU H 83 -27.61 -11.94 -27.90
C LEU H 83 -29.03 -11.39 -27.89
N SER H 84 -29.22 -10.24 -28.51
CA SER H 84 -30.51 -9.57 -28.46
C SER H 84 -31.25 -9.72 -29.78
N ARG H 85 -32.54 -9.37 -29.77
CA ARG H 85 -33.34 -9.23 -30.99
C ARG H 85 -33.22 -10.44 -31.93
N LEU H 86 -33.45 -11.62 -31.35
CA LEU H 86 -33.16 -12.88 -32.02
C LEU H 86 -34.11 -13.15 -33.19
N THR H 87 -33.56 -13.73 -34.25
CA THR H 87 -34.28 -14.24 -35.39
C THR H 87 -33.95 -15.73 -35.52
N SER H 88 -34.65 -16.43 -36.43
CA SER H 88 -34.36 -17.85 -36.61
C SER H 88 -33.00 -18.08 -37.24
N ASP H 89 -32.44 -17.06 -37.90
CA ASP H 89 -31.09 -17.15 -38.43
C ASP H 89 -30.03 -17.24 -37.33
N ASP H 90 -30.38 -16.92 -36.09
CA ASP H 90 -29.46 -17.01 -34.96
C ASP H 90 -29.37 -18.40 -34.35
N SER H 91 -30.18 -19.35 -34.83
CA SER H 91 -30.08 -20.71 -34.32
C SER H 91 -28.76 -21.30 -34.75
N ALA H 92 -28.07 -21.90 -33.80
CA ALA H 92 -26.67 -22.29 -33.94
C ALA H 92 -26.19 -22.85 -32.61
N VAL H 93 -24.97 -23.37 -32.63
CA VAL H 93 -24.22 -23.71 -31.44
C VAL H 93 -23.24 -22.58 -31.18
N TYR H 94 -23.22 -22.06 -29.95
CA TYR H 94 -22.32 -20.98 -29.59
C TYR H 94 -21.23 -21.54 -28.69
N PHE H 95 -19.98 -21.28 -29.03
CA PHE H 95 -18.82 -21.77 -28.31
C PHE H 95 -18.10 -20.60 -27.67
N CYS H 96 -17.59 -20.78 -26.46
CA CYS H 96 -16.59 -19.85 -25.96
C CYS H 96 -15.23 -20.52 -26.05
N ALA H 97 -14.20 -19.71 -26.21
CA ALA H 97 -12.87 -20.29 -26.31
C ALA H 97 -11.87 -19.33 -25.70
N ARG H 98 -10.83 -19.90 -25.09
CA ARG H 98 -9.78 -19.13 -24.43
C ARG H 98 -8.68 -18.89 -25.44
N SER H 99 -8.15 -17.68 -25.44
CA SER H 99 -6.96 -17.38 -26.23
C SER H 99 -5.87 -16.88 -25.28
N SER H 100 -4.76 -16.42 -25.86
CA SER H 100 -3.60 -15.99 -25.09
C SER H 100 -3.93 -14.69 -24.37
N GLU H 101 -2.95 -14.11 -23.67
CA GLU H 101 -3.20 -13.00 -22.75
C GLU H 101 -3.07 -11.67 -23.47
N PHE H 102 -4.03 -10.77 -23.21
CA PHE H 102 -4.03 -9.39 -23.71
C PHE H 102 -4.15 -9.25 -25.23
N ILE H 103 -3.45 -10.10 -25.98
CA ILE H 103 -3.44 -10.03 -27.44
C ILE H 103 -3.43 -11.46 -27.97
N THR H 104 -3.98 -11.66 -29.18
CA THR H 104 -4.17 -13.02 -29.69
C THR H 104 -2.92 -13.43 -30.47
N THR H 105 -1.94 -14.01 -29.76
CA THR H 105 -0.84 -14.69 -30.44
C THR H 105 -1.08 -16.19 -30.60
N VAL H 106 -1.90 -16.78 -29.73
CA VAL H 106 -2.43 -18.13 -29.89
C VAL H 106 -3.94 -18.01 -29.72
N ALA H 107 -4.69 -18.61 -30.65
CA ALA H 107 -6.13 -18.41 -30.72
C ALA H 107 -6.85 -19.68 -30.31
N ALA H 108 -7.80 -19.55 -29.37
CA ALA H 108 -8.77 -20.61 -29.06
C ALA H 108 -8.06 -21.94 -28.79
N ASP H 109 -7.17 -21.93 -27.79
CA ASP H 109 -6.44 -23.16 -27.50
C ASP H 109 -7.26 -24.15 -26.68
N TYR H 110 -8.29 -23.69 -25.96
CA TYR H 110 -9.25 -24.56 -25.34
C TYR H 110 -10.68 -24.09 -25.64
N TRP H 111 -11.56 -25.03 -25.97
CA TRP H 111 -12.94 -24.69 -26.30
C TRP H 111 -13.89 -25.22 -25.25
N GLY H 112 -14.89 -24.43 -24.88
CA GLY H 112 -15.99 -24.96 -24.10
C GLY H 112 -16.81 -25.94 -24.92
N GLN H 113 -17.83 -26.52 -24.28
CA GLN H 113 -18.56 -27.58 -24.95
C GLN H 113 -19.67 -27.09 -25.86
N GLY H 114 -20.04 -25.82 -25.80
CA GLY H 114 -21.09 -25.35 -26.68
C GLY H 114 -22.47 -25.33 -26.02
N THR H 115 -23.31 -24.40 -26.48
CA THR H 115 -24.69 -24.21 -26.04
C THR H 115 -25.56 -24.15 -27.27
N THR H 116 -26.51 -25.09 -27.42
CA THR H 116 -27.41 -25.04 -28.58
C THR H 116 -28.46 -23.97 -28.38
N LEU H 117 -28.61 -23.08 -29.36
CA LEU H 117 -29.66 -22.07 -29.30
C LEU H 117 -30.62 -22.26 -30.47
N THR H 118 -31.91 -22.39 -30.17
CA THR H 118 -32.96 -22.51 -31.17
C THR H 118 -33.92 -21.34 -31.01
N VAL H 119 -34.13 -20.58 -32.09
CA VAL H 119 -35.05 -19.45 -32.10
C VAL H 119 -36.15 -19.83 -33.04
N SER H 120 -37.37 -19.91 -32.54
CA SER H 120 -38.45 -20.42 -33.37
C SER H 120 -39.78 -19.90 -32.85
N SER H 121 -40.70 -19.71 -33.77
CA SER H 121 -42.07 -19.42 -33.38
C SER H 121 -42.91 -20.68 -33.19
N ALA H 122 -42.38 -21.85 -33.54
CA ALA H 122 -43.17 -23.07 -33.49
C ALA H 122 -43.43 -23.51 -32.06
N LYS H 123 -44.55 -24.21 -31.87
CA LYS H 123 -44.89 -24.79 -30.59
C LYS H 123 -44.60 -26.28 -30.64
N THR H 124 -44.45 -26.88 -29.47
CA THR H 124 -44.19 -28.31 -29.39
C THR H 124 -45.25 -29.08 -30.14
N THR H 125 -44.83 -29.83 -31.16
CA THR H 125 -45.73 -30.61 -31.99
C THR H 125 -45.22 -32.03 -32.12
N PRO H 126 -46.06 -33.04 -31.88
CA PRO H 126 -45.63 -34.41 -32.04
C PRO H 126 -45.52 -34.75 -33.52
N PRO H 127 -44.75 -35.79 -33.86
CA PRO H 127 -44.64 -36.20 -35.25
C PRO H 127 -45.84 -37.00 -35.69
N SER H 128 -46.18 -36.85 -36.97
CA SER H 128 -46.96 -37.88 -37.66
C SER H 128 -45.99 -38.93 -38.18
N VAL H 129 -46.30 -40.19 -37.96
CA VAL H 129 -45.41 -41.29 -38.35
C VAL H 129 -46.13 -42.10 -39.43
N TYR H 130 -45.55 -42.14 -40.63
CA TYR H 130 -46.25 -42.86 -41.68
C TYR H 130 -45.47 -44.09 -42.10
N PRO H 131 -46.15 -45.22 -42.32
CA PRO H 131 -45.46 -46.43 -42.78
C PRO H 131 -45.21 -46.33 -44.27
N LEU H 132 -44.06 -46.84 -44.69
CA LEU H 132 -43.62 -46.80 -46.08
C LEU H 132 -43.40 -48.23 -46.54
N ALA H 133 -44.38 -48.78 -47.28
CA ALA H 133 -44.34 -50.14 -47.78
C ALA H 133 -44.19 -50.16 -49.29
N PRO H 134 -43.52 -51.16 -49.86
CA PRO H 134 -43.34 -51.19 -51.32
C PRO H 134 -44.67 -51.39 -52.04
N GLY H 135 -44.84 -50.66 -53.14
CA GLY H 135 -46.09 -50.64 -53.87
C GLY H 135 -46.17 -51.77 -54.87
N SER H 136 -45.54 -52.90 -54.51
CA SER H 136 -45.56 -54.11 -55.33
C SER H 136 -44.79 -53.95 -56.62
N ASN H 141 -37.78 -60.77 -53.49
CA ASN H 141 -36.41 -60.68 -53.95
C ASN H 141 -35.40 -60.78 -52.81
N SER H 142 -35.50 -61.83 -51.98
CA SER H 142 -34.54 -62.11 -50.90
C SER H 142 -34.49 -60.95 -49.91
N MET H 143 -34.17 -59.75 -50.38
CA MET H 143 -34.07 -58.55 -49.54
C MET H 143 -35.12 -57.53 -50.01
N VAL H 144 -35.99 -57.12 -49.09
CA VAL H 144 -36.97 -56.07 -49.32
C VAL H 144 -36.60 -54.88 -48.44
N THR H 145 -36.77 -53.67 -48.96
CA THR H 145 -36.52 -52.44 -48.20
C THR H 145 -37.84 -51.84 -47.77
N LEU H 146 -37.92 -51.48 -46.49
CA LEU H 146 -39.07 -50.80 -45.92
C LEU H 146 -38.64 -49.43 -45.46
N GLY H 147 -39.60 -48.60 -45.10
CA GLY H 147 -39.29 -47.25 -44.69
C GLY H 147 -40.31 -46.72 -43.72
N CYS H 148 -39.94 -45.61 -43.08
CA CYS H 148 -40.73 -44.92 -42.05
C CYS H 148 -40.56 -43.41 -42.26
N LEU H 149 -41.66 -42.70 -42.44
CA LEU H 149 -41.63 -41.24 -42.61
C LEU H 149 -42.07 -40.59 -41.32
N VAL H 150 -41.24 -39.68 -40.77
CA VAL H 150 -41.47 -39.06 -39.46
C VAL H 150 -41.59 -37.56 -39.72
N LYS H 151 -42.81 -37.05 -39.72
CA LYS H 151 -43.14 -35.81 -40.37
C LYS H 151 -43.81 -34.81 -39.42
N GLY H 152 -43.39 -33.56 -39.51
CA GLY H 152 -44.00 -32.38 -38.89
C GLY H 152 -43.82 -32.18 -37.40
N TYR H 153 -42.64 -32.47 -36.85
CA TYR H 153 -42.45 -32.33 -35.42
C TYR H 153 -41.54 -31.16 -35.09
N PHE H 154 -41.67 -30.72 -33.83
CA PHE H 154 -40.90 -29.64 -33.24
C PHE H 154 -40.88 -29.82 -31.75
N PRO H 155 -39.72 -29.65 -31.09
CA PRO H 155 -38.42 -29.47 -31.77
C PRO H 155 -37.63 -30.77 -31.95
N GLU H 156 -36.40 -30.68 -32.46
CA GLU H 156 -35.50 -31.83 -32.39
C GLU H 156 -35.22 -32.16 -30.92
N PRO H 157 -34.92 -33.42 -30.61
CA PRO H 157 -34.79 -34.54 -31.52
C PRO H 157 -35.94 -35.55 -31.50
N VAL H 158 -35.88 -36.48 -32.46
CA VAL H 158 -36.62 -37.73 -32.41
C VAL H 158 -35.58 -38.84 -32.41
N THR H 159 -35.98 -40.01 -31.92
CA THR H 159 -35.19 -41.22 -32.08
C THR H 159 -36.03 -42.24 -32.83
N VAL H 160 -35.42 -42.88 -33.81
CA VAL H 160 -36.05 -43.92 -34.59
C VAL H 160 -35.32 -45.23 -34.34
N THR H 161 -36.05 -46.25 -33.93
CA THR H 161 -35.54 -47.61 -33.88
C THR H 161 -36.46 -48.51 -34.69
N TRP H 162 -35.95 -49.69 -35.03
CA TRP H 162 -36.70 -50.69 -35.76
C TRP H 162 -36.75 -51.95 -34.90
N ASN H 163 -37.97 -52.43 -34.63
CA ASN H 163 -38.18 -53.56 -33.71
C ASN H 163 -37.41 -53.29 -32.40
N SER H 164 -37.64 -52.08 -31.89
CA SER H 164 -37.02 -51.53 -30.67
C SER H 164 -35.55 -51.89 -30.52
N GLY H 165 -34.76 -51.60 -31.56
CA GLY H 165 -33.34 -51.85 -31.58
C GLY H 165 -32.89 -53.18 -32.17
N SER H 166 -33.77 -54.18 -32.18
CA SER H 166 -33.37 -55.50 -32.66
C SER H 166 -32.86 -55.45 -34.09
N LEU H 167 -33.37 -54.53 -34.92
CA LEU H 167 -32.86 -54.36 -36.27
C LEU H 167 -32.01 -53.11 -36.34
N SER H 168 -30.86 -53.22 -36.99
CA SER H 168 -29.81 -52.23 -36.82
C SER H 168 -28.91 -52.14 -38.04
N SER H 169 -28.53 -53.28 -38.58
CA SER H 169 -27.43 -53.30 -39.53
C SER H 169 -27.86 -52.66 -40.85
N GLY H 170 -29.02 -53.05 -41.38
CA GLY H 170 -29.47 -52.50 -42.65
C GLY H 170 -30.40 -51.32 -42.45
N VAL H 171 -30.01 -50.40 -41.56
CA VAL H 171 -30.83 -49.26 -41.20
C VAL H 171 -30.12 -47.98 -41.61
N HIS H 172 -30.87 -47.09 -42.25
CA HIS H 172 -30.41 -45.75 -42.53
C HIS H 172 -31.47 -44.79 -42.00
N THR H 173 -31.10 -43.99 -41.01
CA THR H 173 -31.93 -42.88 -40.55
C THR H 173 -31.27 -41.59 -41.02
N PHE H 174 -31.97 -40.83 -41.85
CA PHE H 174 -31.43 -39.63 -42.48
C PHE H 174 -31.65 -38.42 -41.61
N PRO H 175 -30.84 -37.37 -41.80
CA PRO H 175 -30.98 -36.13 -41.01
C PRO H 175 -32.31 -35.43 -41.26
N ALA H 176 -32.79 -34.74 -40.22
CA ALA H 176 -34.02 -33.99 -40.36
C ALA H 176 -33.79 -32.73 -41.16
N VAL H 177 -34.84 -32.28 -41.88
CA VAL H 177 -34.82 -31.02 -42.60
C VAL H 177 -35.98 -30.17 -42.09
N LEU H 178 -35.78 -28.86 -42.09
CA LEU H 178 -36.76 -27.91 -41.60
C LEU H 178 -37.65 -27.47 -42.77
N GLN H 179 -38.91 -27.89 -42.75
CA GLN H 179 -39.87 -27.36 -43.71
C GLN H 179 -41.02 -26.71 -42.92
N SER H 180 -41.06 -25.37 -42.93
CA SER H 180 -42.16 -24.55 -42.40
C SER H 180 -42.13 -24.51 -40.89
N ASP H 181 -40.95 -24.33 -40.30
CA ASP H 181 -40.75 -24.35 -38.86
C ASP H 181 -40.92 -25.74 -38.30
N LEU H 182 -41.22 -26.74 -39.12
CA LEU H 182 -41.33 -28.09 -38.61
C LEU H 182 -40.31 -28.98 -39.27
N TYR H 183 -39.88 -30.00 -38.53
CA TYR H 183 -38.85 -30.93 -38.96
C TYR H 183 -39.47 -32.21 -39.52
N THR H 184 -38.75 -32.81 -40.46
CA THR H 184 -39.13 -34.06 -41.08
C THR H 184 -37.89 -34.91 -41.27
N LEU H 185 -38.01 -36.22 -41.07
CA LEU H 185 -36.93 -37.12 -41.44
C LEU H 185 -37.54 -38.43 -41.85
N SER H 186 -36.73 -39.29 -42.47
CA SER H 186 -37.15 -40.61 -42.91
C SER H 186 -36.13 -41.65 -42.49
N SER H 187 -36.57 -42.90 -42.36
CA SER H 187 -35.68 -44.00 -42.01
C SER H 187 -35.96 -45.23 -42.89
N SER H 188 -34.92 -45.78 -43.49
CA SER H 188 -35.07 -47.00 -44.28
C SER H 188 -34.55 -48.19 -43.51
N VAL H 189 -35.08 -49.37 -43.83
CA VAL H 189 -34.58 -50.61 -43.25
C VAL H 189 -34.68 -51.72 -44.27
N THR H 190 -33.69 -52.61 -44.28
CA THR H 190 -33.63 -53.72 -45.22
C THR H 190 -33.62 -55.06 -44.48
N VAL H 191 -34.69 -55.84 -44.66
CA VAL H 191 -34.82 -57.12 -43.98
C VAL H 191 -35.04 -58.19 -45.04
N PRO H 192 -34.81 -59.46 -44.70
CA PRO H 192 -35.04 -60.54 -45.67
C PRO H 192 -36.50 -60.65 -46.09
N SER H 193 -36.70 -60.98 -47.37
CA SER H 193 -38.04 -61.17 -47.89
C SER H 193 -38.80 -62.19 -47.08
N SER H 194 -38.09 -63.16 -46.53
CA SER H 194 -38.70 -64.26 -45.82
C SER H 194 -39.09 -63.94 -44.38
N THR H 195 -38.84 -62.71 -43.89
CA THR H 195 -39.35 -62.28 -42.58
C THR H 195 -40.49 -61.29 -42.64
N TRP H 196 -40.58 -60.47 -43.68
CA TRP H 196 -41.69 -59.55 -43.79
C TRP H 196 -42.40 -59.80 -45.12
N PRO H 197 -43.74 -59.87 -45.13
CA PRO H 197 -44.54 -59.61 -43.92
C PRO H 197 -44.80 -60.77 -42.96
N SER H 198 -44.23 -61.95 -43.21
CA SER H 198 -44.38 -63.10 -42.32
C SER H 198 -44.22 -62.75 -40.82
N GLU H 199 -43.23 -61.92 -40.50
CA GLU H 199 -43.02 -61.52 -39.11
C GLU H 199 -43.23 -60.02 -39.02
N THR H 200 -42.83 -59.42 -37.91
CA THR H 200 -43.22 -58.03 -37.67
C THR H 200 -42.03 -57.09 -37.78
N VAL H 201 -42.19 -56.07 -38.62
CA VAL H 201 -41.28 -54.94 -38.74
C VAL H 201 -42.03 -53.71 -38.22
N THR H 202 -41.53 -53.13 -37.15
CA THR H 202 -42.22 -52.03 -36.49
C THR H 202 -41.25 -50.86 -36.31
N CYS H 203 -41.69 -49.69 -36.73
CA CYS H 203 -40.89 -48.48 -36.58
C CYS H 203 -41.25 -47.80 -35.26
N ASN H 204 -40.25 -47.54 -34.43
CA ASN H 204 -40.47 -46.91 -33.14
C ASN H 204 -39.97 -45.50 -33.23
N VAL H 205 -40.84 -44.57 -32.91
CA VAL H 205 -40.51 -43.15 -32.92
C VAL H 205 -40.76 -42.61 -31.54
N ALA H 206 -39.79 -41.89 -31.00
CA ALA H 206 -39.92 -41.26 -29.70
C ALA H 206 -39.63 -39.78 -29.90
N HIS H 207 -40.51 -38.95 -29.36
CA HIS H 207 -40.31 -37.51 -29.39
C HIS H 207 -40.45 -37.00 -27.96
N PRO H 208 -39.37 -37.00 -27.20
CA PRO H 208 -39.48 -36.66 -25.77
C PRO H 208 -40.13 -35.31 -25.48
N ALA H 209 -39.87 -34.28 -26.29
CA ALA H 209 -40.41 -32.96 -26.00
C ALA H 209 -41.93 -32.96 -25.99
N SER H 210 -42.54 -33.80 -26.82
CA SER H 210 -43.99 -33.99 -26.82
C SER H 210 -44.44 -35.13 -25.91
N SER H 211 -43.52 -35.84 -25.27
CA SER H 211 -43.84 -36.98 -24.41
C SER H 211 -44.50 -38.10 -25.19
N THR H 212 -44.31 -38.09 -26.51
CA THR H 212 -44.96 -38.99 -27.43
C THR H 212 -44.06 -40.18 -27.68
N LYS H 213 -44.66 -41.34 -27.89
CA LYS H 213 -43.93 -42.58 -28.15
C LYS H 213 -44.86 -43.38 -29.04
N VAL H 214 -44.51 -43.56 -30.30
CA VAL H 214 -45.40 -44.23 -31.25
C VAL H 214 -44.68 -45.41 -31.86
N ASP H 215 -45.39 -46.52 -32.02
CA ASP H 215 -44.87 -47.66 -32.77
C ASP H 215 -45.77 -47.82 -33.97
N LYS H 216 -45.17 -47.85 -35.16
CA LYS H 216 -45.91 -47.97 -36.40
C LYS H 216 -45.48 -49.25 -37.09
N LYS H 217 -46.40 -50.22 -37.13
CA LYS H 217 -46.15 -51.49 -37.79
C LYS H 217 -46.27 -51.33 -39.30
N ILE H 218 -45.24 -51.72 -40.05
CA ILE H 218 -45.23 -51.56 -41.51
C ILE H 218 -45.97 -52.75 -42.09
N VAL H 219 -47.14 -52.49 -42.68
CA VAL H 219 -48.02 -53.53 -43.21
C VAL H 219 -48.12 -53.34 -44.72
N PRO H 220 -48.24 -54.43 -45.49
CA PRO H 220 -48.39 -54.29 -46.95
C PRO H 220 -49.63 -53.48 -47.32
N ARG H 221 -49.54 -52.67 -48.37
CA ARG H 221 -50.61 -51.72 -48.64
C ARG H 221 -51.86 -52.43 -49.13
N ASP H 222 -53.00 -52.02 -48.57
CA ASP H 222 -54.30 -52.64 -48.78
C ASP H 222 -54.92 -52.13 -50.09
N CYS H 223 -55.86 -52.91 -50.61
CA CYS H 223 -56.44 -52.58 -51.90
C CYS H 223 -57.91 -52.99 -51.97
N CYS I 6 24.72 -11.40 -24.71
CA CYS I 6 24.18 -11.80 -23.42
C CYS I 6 23.62 -13.21 -23.49
N CYS I 7 23.94 -13.91 -24.58
CA CYS I 7 23.44 -15.26 -24.78
C CYS I 7 24.51 -16.32 -24.80
N THR I 8 25.70 -16.02 -25.25
CA THR I 8 26.75 -16.98 -24.97
C THR I 8 27.48 -16.60 -23.69
N SER I 9 27.68 -15.31 -23.47
CA SER I 9 28.28 -14.78 -22.25
C SER I 9 27.19 -14.35 -21.28
N ILE I 10 27.49 -14.49 -19.99
CA ILE I 10 26.56 -14.12 -18.93
C ILE I 10 26.54 -12.61 -18.80
N CYS I 11 25.36 -12.02 -18.96
CA CYS I 11 25.07 -10.62 -18.73
C CYS I 11 24.36 -10.44 -17.41
N SER I 12 24.18 -9.19 -17.04
CA SER I 12 23.52 -8.83 -15.80
C SER I 12 22.44 -7.83 -16.15
N LEU I 13 21.31 -7.90 -15.43
CA LEU I 13 20.23 -6.95 -15.68
C LEU I 13 20.73 -5.50 -15.62
N TYR I 14 21.75 -5.25 -14.80
CA TYR I 14 22.37 -3.94 -14.74
C TYR I 14 23.02 -3.58 -16.08
N GLN I 15 23.77 -4.52 -16.65
CA GLN I 15 24.38 -4.31 -17.97
C GLN I 15 23.35 -4.03 -19.06
N LEU I 16 22.09 -4.42 -18.85
CA LEU I 16 21.08 -4.19 -19.87
C LEU I 16 20.55 -2.76 -19.85
N GLU I 17 20.78 -2.03 -18.76
CA GLU I 17 20.28 -0.66 -18.69
C GLU I 17 20.79 0.22 -19.82
N ASN I 18 21.92 -0.16 -20.42
CA ASN I 18 22.53 0.59 -21.50
C ASN I 18 21.78 0.43 -22.81
N TYR I 19 20.57 -0.14 -22.77
CA TYR I 19 19.76 -0.26 -23.96
C TYR I 19 18.41 0.43 -23.82
N CYS I 20 18.16 1.12 -22.72
CA CYS I 20 16.83 1.69 -22.52
C CYS I 20 16.65 3.02 -23.25
N ASN I 21 15.93 3.94 -22.63
CA ASN I 21 15.66 5.27 -23.18
C ASN I 21 15.98 6.34 -22.12
N HIS J 5 12.44 -21.66 -26.86
CA HIS J 5 13.09 -20.56 -27.56
C HIS J 5 14.62 -20.44 -27.64
N LEU J 6 15.00 -19.71 -28.69
CA LEU J 6 16.34 -19.24 -28.98
C LEU J 6 16.71 -18.17 -27.95
N CYS J 7 17.44 -17.18 -28.39
CA CYS J 7 18.02 -16.23 -27.45
C CYS J 7 17.17 -14.97 -27.32
N GLY J 8 16.62 -14.51 -28.44
CA GLY J 8 16.06 -13.17 -28.50
C GLY J 8 14.79 -12.95 -27.69
N SER J 9 13.91 -13.94 -27.63
CA SER J 9 12.71 -13.79 -26.82
C SER J 9 13.07 -13.64 -25.35
N HIS J 10 14.06 -14.41 -24.89
CA HIS J 10 14.44 -14.27 -23.50
C HIS J 10 15.14 -12.94 -23.25
N LEU J 11 15.95 -12.48 -24.24
CA LEU J 11 16.63 -11.19 -24.09
C LEU J 11 15.63 -10.04 -24.05
N VAL J 12 14.64 -10.07 -24.94
CA VAL J 12 13.65 -8.99 -25.02
C VAL J 12 12.78 -8.96 -23.77
N GLU J 13 12.48 -10.12 -23.17
CA GLU J 13 11.77 -10.10 -21.90
C GLU J 13 12.62 -9.45 -20.81
N ALA J 14 13.92 -9.76 -20.78
CA ALA J 14 14.79 -9.15 -19.78
C ALA J 14 14.88 -7.65 -19.99
N LEU J 15 15.01 -7.19 -21.24
CA LEU J 15 14.97 -5.77 -21.51
C LEU J 15 13.69 -5.14 -20.99
N TYR J 16 12.56 -5.82 -21.15
CA TYR J 16 11.30 -5.24 -20.67
C TYR J 16 11.27 -5.12 -19.16
N LEU J 17 11.90 -6.06 -18.45
CA LEU J 17 11.94 -5.99 -17.00
C LEU J 17 12.83 -4.85 -16.55
N VAL J 18 14.00 -4.71 -17.17
CA VAL J 18 15.02 -3.77 -16.70
C VAL J 18 14.64 -2.33 -17.04
N CYS J 19 14.02 -2.10 -18.19
CA CYS J 19 13.77 -0.74 -18.67
C CYS J 19 12.42 -0.17 -18.28
N GLY J 20 11.64 -0.89 -17.50
CA GLY J 20 10.37 -0.42 -16.97
C GLY J 20 9.53 0.46 -17.87
N GLU J 21 9.04 1.57 -17.31
CA GLU J 21 8.14 2.39 -18.08
C GLU J 21 8.88 3.41 -18.91
N ARG J 22 10.17 3.25 -19.08
CA ARG J 22 10.87 4.17 -19.94
C ARG J 22 11.12 3.53 -21.29
N GLY J 23 10.65 2.30 -21.48
CA GLY J 23 10.71 1.64 -22.76
C GLY J 23 12.09 1.37 -23.31
N PHE J 24 12.15 0.72 -24.47
CA PHE J 24 13.40 0.39 -25.12
C PHE J 24 13.15 0.23 -26.61
N PHE J 25 14.23 0.28 -27.38
CA PHE J 25 14.22 -0.09 -28.78
C PHE J 25 15.04 -1.37 -28.92
N TYR J 26 14.71 -2.18 -29.92
CA TYR J 26 15.45 -3.43 -30.13
C TYR J 26 15.48 -3.80 -31.61
N THR J 27 16.68 -3.84 -32.19
CA THR J 27 16.86 -4.32 -33.57
C THR J 27 17.90 -5.43 -33.54
N PRO J 28 17.55 -6.66 -33.97
CA PRO J 28 18.49 -7.80 -34.00
C PRO J 28 19.59 -7.68 -35.06
N GLY K 1 -13.63 5.53 41.30
CA GLY K 1 -13.54 5.63 39.86
C GLY K 1 -12.57 6.69 39.35
N ILE K 2 -12.12 6.52 38.11
CA ILE K 2 -11.15 7.46 37.55
C ILE K 2 -11.79 8.83 37.30
N VAL K 3 -13.07 8.86 36.89
CA VAL K 3 -13.73 10.11 36.53
C VAL K 3 -13.73 11.14 37.65
N GLU K 4 -13.36 10.76 38.87
CA GLU K 4 -13.41 11.70 39.97
C GLU K 4 -12.08 11.78 40.69
N GLN K 5 -11.34 10.69 40.75
CA GLN K 5 -9.99 10.72 41.31
C GLN K 5 -9.04 11.60 40.48
N CYS K 6 -9.31 11.79 39.19
CA CYS K 6 -8.31 12.41 38.34
C CYS K 6 -8.85 13.56 37.52
N CYS K 7 -9.93 14.18 37.96
CA CYS K 7 -10.58 15.16 37.09
C CYS K 7 -11.03 16.43 37.79
N THR K 8 -11.58 16.30 38.98
CA THR K 8 -11.67 17.42 39.88
C THR K 8 -10.44 17.48 40.76
N SER K 9 -9.92 16.34 41.13
CA SER K 9 -8.66 16.28 41.83
C SER K 9 -7.59 15.91 40.82
N ILE K 10 -6.34 15.95 41.26
CA ILE K 10 -5.19 15.77 40.41
C ILE K 10 -4.62 14.39 40.68
N CYS K 11 -4.42 13.63 39.63
CA CYS K 11 -3.83 12.32 39.67
C CYS K 11 -2.42 12.40 39.11
N SER K 12 -1.59 11.46 39.53
CA SER K 12 -0.29 11.29 38.89
C SER K 12 -0.40 10.22 37.81
N LEU K 13 0.55 10.26 36.87
CA LEU K 13 0.63 9.19 35.87
C LEU K 13 0.78 7.82 36.53
N TYR K 14 1.49 7.76 37.68
CA TYR K 14 1.67 6.48 38.35
C TYR K 14 0.39 6.01 39.02
N GLN K 15 -0.45 6.93 39.50
CA GLN K 15 -1.73 6.51 40.04
C GLN K 15 -2.63 5.90 38.99
N LEU K 16 -2.38 6.19 37.72
CA LEU K 16 -3.27 5.69 36.68
C LEU K 16 -3.10 4.20 36.44
N GLU K 17 -1.99 3.62 36.89
CA GLU K 17 -1.76 2.20 36.65
C GLU K 17 -2.78 1.31 37.36
N ASN K 18 -3.50 1.84 38.35
CA ASN K 18 -4.59 1.10 38.99
C ASN K 18 -5.75 0.79 38.05
N TYR K 19 -5.78 1.35 36.85
CA TYR K 19 -6.91 1.14 35.96
C TYR K 19 -6.52 0.27 34.77
N CYS K 20 -5.33 -0.31 34.79
CA CYS K 20 -4.88 -1.16 33.70
C CYS K 20 -5.50 -2.55 33.87
N ASN K 21 -5.26 -3.41 32.89
CA ASN K 21 -6.09 -4.62 32.75
C ASN K 21 -5.65 -5.73 33.69
N HIS L 5 -13.00 20.76 25.53
CA HIS L 5 -12.25 19.53 25.70
C HIS L 5 -13.01 18.95 26.87
N LEU L 6 -13.51 17.74 26.74
CA LEU L 6 -14.05 17.18 27.95
C LEU L 6 -12.95 16.48 28.76
N CYS L 7 -13.33 16.06 29.96
CA CYS L 7 -12.35 15.48 30.85
C CYS L 7 -11.95 14.08 30.38
N GLY L 8 -12.92 13.32 29.86
CA GLY L 8 -12.69 11.92 29.53
C GLY L 8 -11.67 11.74 28.43
N SER L 9 -11.64 12.67 27.47
CA SER L 9 -10.66 12.59 26.39
C SER L 9 -9.23 12.62 26.93
N HIS L 10 -8.98 13.47 27.91
CA HIS L 10 -7.63 13.54 28.46
C HIS L 10 -7.31 12.32 29.31
N LEU L 11 -8.31 11.77 30.00
CA LEU L 11 -8.03 10.59 30.79
C LEU L 11 -7.65 9.39 29.91
N VAL L 12 -8.40 9.16 28.83
CA VAL L 12 -8.07 7.97 28.04
C VAL L 12 -6.74 8.15 27.33
N GLU L 13 -6.38 9.38 26.97
CA GLU L 13 -5.06 9.59 26.38
C GLU L 13 -3.95 9.24 27.38
N ALA L 14 -4.11 9.66 28.64
CA ALA L 14 -3.11 9.33 29.65
C ALA L 14 -3.10 7.84 29.94
N LEU L 15 -4.29 7.23 30.09
CA LEU L 15 -4.38 5.78 30.23
C LEU L 15 -3.68 5.04 29.09
N TYR L 16 -3.77 5.56 27.86
CA TYR L 16 -3.10 4.88 26.75
C TYR L 16 -1.58 4.99 26.85
N LEU L 17 -1.05 6.13 27.34
CA LEU L 17 0.39 6.28 27.50
C LEU L 17 0.89 5.44 28.67
N VAL L 18 0.15 5.43 29.77
CA VAL L 18 0.60 4.80 31.00
C VAL L 18 0.51 3.27 30.92
N CYS L 19 -0.50 2.72 30.23
CA CYS L 19 -0.74 1.29 30.20
C CYS L 19 -0.13 0.57 28.99
N GLY L 20 0.52 1.29 28.07
CA GLY L 20 1.17 0.73 26.89
C GLY L 20 0.39 -0.38 26.19
N GLU L 21 1.07 -1.49 25.92
CA GLU L 21 0.45 -2.65 25.26
C GLU L 21 -0.18 -3.45 26.36
N ARG L 22 -1.03 -2.86 27.12
CA ARG L 22 -1.47 -3.84 28.08
C ARG L 22 -2.92 -3.54 28.27
N GLY L 23 -3.31 -2.54 27.50
CA GLY L 23 -4.68 -2.11 27.41
C GLY L 23 -5.19 -1.64 28.73
N PHE L 24 -6.42 -1.17 28.67
CA PHE L 24 -7.09 -0.66 29.84
C PHE L 24 -8.59 -0.80 29.61
N PHE L 25 -9.31 -0.68 30.71
CA PHE L 25 -10.75 -0.53 30.72
C PHE L 25 -11.03 0.93 31.04
N TYR L 26 -12.17 1.42 30.56
CA TYR L 26 -12.54 2.81 30.81
C TYR L 26 -14.01 2.79 31.18
N THR L 27 -14.29 3.22 32.41
CA THR L 27 -15.63 3.20 32.99
C THR L 27 -16.04 4.62 33.35
N PRO L 28 -17.07 5.19 32.73
CA PRO L 28 -17.48 6.57 33.06
C PRO L 28 -18.07 6.67 34.46
N GLY M 1 -7.63 -8.91 15.65
CA GLY M 1 -7.32 -7.79 16.52
C GLY M 1 -7.70 -6.40 16.01
N ILE M 2 -7.81 -5.45 16.94
CA ILE M 2 -8.19 -4.08 16.59
C ILE M 2 -7.04 -3.38 15.86
N VAL M 3 -5.80 -3.65 16.26
CA VAL M 3 -4.63 -3.09 15.59
C VAL M 3 -4.56 -3.54 14.14
N GLU M 4 -5.43 -4.44 13.75
CA GLU M 4 -5.43 -4.97 12.40
C GLU M 4 -6.79 -4.83 11.73
N GLN M 5 -7.88 -4.84 12.48
CA GLN M 5 -9.14 -4.41 11.90
C GLN M 5 -9.09 -2.92 11.52
N CYS M 6 -8.31 -2.09 12.27
CA CYS M 6 -8.35 -0.65 12.05
C CYS M 6 -7.01 0.06 12.00
N CYS M 7 -5.89 -0.62 11.74
CA CYS M 7 -4.59 0.07 11.70
C CYS M 7 -3.85 -0.39 10.46
N THR M 8 -4.07 -1.65 10.08
CA THR M 8 -3.71 -2.14 8.77
C THR M 8 -4.79 -1.83 7.74
N SER M 9 -6.05 -1.88 8.13
CA SER M 9 -7.16 -1.46 7.28
C SER M 9 -7.87 -0.28 7.90
N ILE M 10 -8.93 0.15 7.22
CA ILE M 10 -9.72 1.31 7.60
C ILE M 10 -11.04 0.80 8.15
N CYS M 11 -11.44 1.31 9.31
CA CYS M 11 -12.68 0.97 9.98
C CYS M 11 -13.66 2.14 9.88
N SER M 12 -14.94 1.83 10.02
CA SER M 12 -15.90 2.89 10.25
C SER M 12 -16.11 3.04 11.75
N LEU M 13 -16.63 4.20 12.14
CA LEU M 13 -16.99 4.42 13.52
C LEU M 13 -17.98 3.37 14.01
N TYR M 14 -18.83 2.85 13.12
CA TYR M 14 -19.80 1.85 13.54
C TYR M 14 -19.17 0.48 13.82
N GLN M 15 -18.13 0.10 13.08
CA GLN M 15 -17.44 -1.14 13.40
C GLN M 15 -16.80 -1.12 14.79
N LEU M 16 -16.59 0.06 15.36
CA LEU M 16 -15.93 0.16 16.65
C LEU M 16 -16.80 -0.28 17.80
N GLU M 17 -18.11 -0.35 17.63
CA GLU M 17 -18.96 -0.74 18.74
C GLU M 17 -18.74 -2.19 19.14
N ASN M 18 -18.14 -3.00 18.25
CA ASN M 18 -17.72 -4.34 18.61
C ASN M 18 -16.65 -4.33 19.71
N TYR M 19 -16.13 -3.16 20.06
CA TYR M 19 -15.15 -3.04 21.10
C TYR M 19 -15.70 -2.30 22.30
N CYS M 20 -17.01 -2.05 22.35
CA CYS M 20 -17.55 -1.37 23.50
C CYS M 20 -17.94 -2.39 24.59
N ASN M 21 -18.30 -1.86 25.76
CA ASN M 21 -18.34 -2.66 26.99
C ASN M 21 -19.66 -3.41 27.09
N HIS N 5 1.85 10.48 14.94
CA HIS N 5 1.58 9.73 16.16
C HIS N 5 1.46 8.24 15.88
N LEU N 6 1.34 7.42 16.93
CA LEU N 6 1.05 6.01 16.73
C LEU N 6 -0.45 5.75 16.57
N CYS N 7 -0.78 4.52 16.17
CA CYS N 7 -2.15 4.21 15.77
C CYS N 7 -3.10 4.12 16.96
N GLY N 8 -2.62 3.60 18.08
CA GLY N 8 -3.49 3.35 19.22
C GLY N 8 -4.10 4.59 19.84
N SER N 9 -3.34 5.69 19.87
CA SER N 9 -3.86 6.90 20.48
C SER N 9 -5.08 7.41 19.72
N HIS N 10 -5.05 7.32 18.38
CA HIS N 10 -6.19 7.78 17.59
C HIS N 10 -7.38 6.84 17.70
N LEU N 11 -7.14 5.53 17.82
CA LEU N 11 -8.23 4.59 18.05
C LEU N 11 -8.91 4.82 19.39
N VAL N 12 -8.12 5.11 20.43
CA VAL N 12 -8.63 5.30 21.79
C VAL N 12 -9.46 6.59 21.90
N GLU N 13 -9.09 7.64 21.15
CA GLU N 13 -9.95 8.82 21.04
C GLU N 13 -11.28 8.50 20.36
N ALA N 14 -11.23 7.73 19.27
CA ALA N 14 -12.44 7.36 18.56
C ALA N 14 -13.29 6.44 19.40
N LEU N 15 -12.68 5.42 20.02
CA LEU N 15 -13.42 4.54 20.92
C LEU N 15 -14.15 5.34 21.99
N TYR N 16 -13.55 6.41 22.47
CA TYR N 16 -14.17 7.24 23.50
C TYR N 16 -15.37 8.01 22.97
N LEU N 17 -15.31 8.49 21.73
CA LEU N 17 -16.48 9.16 21.17
C LEU N 17 -17.56 8.16 20.77
N VAL N 18 -17.16 7.06 20.14
CA VAL N 18 -18.11 6.11 19.55
C VAL N 18 -18.84 5.32 20.64
N CYS N 19 -18.15 5.00 21.75
CA CYS N 19 -18.77 4.25 22.82
C CYS N 19 -19.42 5.19 23.82
N GLY N 20 -19.35 6.51 23.57
CA GLY N 20 -19.95 7.56 24.40
C GLY N 20 -19.83 7.23 25.88
N GLU N 21 -20.88 7.37 26.67
CA GLU N 21 -20.73 6.89 28.04
C GLU N 21 -21.27 5.47 28.26
N ARG N 22 -20.60 4.47 27.67
CA ARG N 22 -20.68 3.14 28.24
C ARG N 22 -19.33 2.48 28.33
N GLY N 23 -18.27 3.24 28.07
CA GLY N 23 -16.89 2.77 28.20
C GLY N 23 -16.49 1.72 27.20
N PHE N 24 -15.23 1.28 27.26
CA PHE N 24 -14.75 0.31 26.30
C PHE N 24 -13.60 -0.47 26.91
N PHE N 25 -13.29 -1.60 26.31
CA PHE N 25 -12.06 -2.30 26.62
C PHE N 25 -11.11 -2.10 25.45
N TYR N 26 -9.80 -2.04 25.71
CA TYR N 26 -8.88 -1.76 24.63
C TYR N 26 -7.68 -2.68 24.79
N THR N 27 -7.56 -3.66 23.90
CA THR N 27 -6.40 -4.58 23.86
C THR N 27 -5.68 -4.65 22.52
N PRO N 28 -4.52 -4.04 22.41
CA PRO N 28 -3.71 -4.18 21.21
C PRO N 28 -3.01 -5.53 21.16
N LYS N 29 -2.57 -5.90 19.96
CA LYS N 29 -1.86 -7.14 19.66
C LYS N 29 -2.70 -8.39 19.87
N THR N 30 -3.54 -8.41 20.91
CA THR N 30 -4.51 -9.49 21.06
C THR N 30 -5.59 -9.38 19.98
N GLY O 1 -0.66 5.40 -27.84
CA GLY O 1 0.41 4.61 -27.26
C GLY O 1 0.08 3.13 -27.26
N ILE O 2 1.10 2.28 -27.14
CA ILE O 2 0.87 0.84 -27.17
C ILE O 2 0.13 0.39 -25.91
N VAL O 3 0.43 1.01 -24.76
CA VAL O 3 -0.22 0.71 -23.48
C VAL O 3 -1.71 0.95 -23.53
N GLU O 4 -2.19 1.46 -24.59
CA GLU O 4 -3.44 2.16 -24.43
C GLU O 4 -4.42 1.69 -25.48
N GLN O 5 -3.96 1.56 -26.75
CA GLN O 5 -4.62 0.91 -27.88
C GLN O 5 -4.69 -0.61 -27.78
N CYS O 6 -3.81 -1.27 -27.00
CA CYS O 6 -3.77 -2.73 -26.91
C CYS O 6 -3.74 -3.21 -25.48
N CYS O 7 -4.16 -2.39 -24.52
CA CYS O 7 -3.98 -2.83 -23.16
C CYS O 7 -5.21 -2.57 -22.28
N THR O 8 -5.86 -1.42 -22.45
CA THR O 8 -7.24 -1.28 -22.00
C THR O 8 -8.21 -1.67 -23.10
N SER O 9 -7.82 -1.47 -24.36
CA SER O 9 -8.58 -1.98 -25.48
C SER O 9 -7.82 -3.15 -26.08
N ILE O 10 -8.40 -3.77 -27.11
CA ILE O 10 -7.84 -4.98 -27.72
C ILE O 10 -7.21 -4.63 -29.06
N CYS O 11 -6.00 -5.11 -29.27
CA CYS O 11 -5.23 -4.91 -30.48
C CYS O 11 -5.19 -6.18 -31.31
N SER O 12 -4.99 -6.00 -32.61
CA SER O 12 -4.62 -7.12 -33.47
C SER O 12 -3.10 -7.18 -33.62
N LEU O 13 -2.62 -8.35 -34.02
CA LEU O 13 -1.21 -8.47 -34.35
C LEU O 13 -0.81 -7.50 -35.47
N TYR O 14 -1.71 -7.20 -36.42
CA TYR O 14 -1.41 -6.28 -37.52
C TYR O 14 -1.39 -4.83 -37.06
N GLN O 15 -2.20 -4.48 -36.06
CA GLN O 15 -2.10 -3.15 -35.48
C GLN O 15 -0.75 -2.96 -34.81
N LEU O 16 -0.06 -4.04 -34.45
CA LEU O 16 1.21 -3.93 -33.77
C LEU O 16 2.31 -3.44 -34.68
N GLU O 17 2.12 -3.51 -36.00
CA GLU O 17 3.16 -3.05 -36.93
C GLU O 17 3.37 -1.54 -36.88
N ASN O 18 2.41 -0.78 -36.34
CA ASN O 18 2.63 0.65 -36.10
C ASN O 18 3.78 0.92 -35.15
N TYR O 19 4.29 -0.10 -34.47
CA TYR O 19 5.37 0.03 -33.51
C TYR O 19 6.62 -0.69 -33.97
N CYS O 20 6.66 -1.17 -35.21
CA CYS O 20 7.89 -1.80 -35.67
C CYS O 20 8.84 -0.71 -36.20
N ASN O 21 10.07 -1.10 -36.47
CA ASN O 21 11.10 -0.09 -36.63
C ASN O 21 10.98 0.53 -38.00
N GLN P 4 2.17 -15.09 -12.99
CA GLN P 4 1.27 -14.28 -13.81
C GLN P 4 1.98 -12.99 -14.25
N HIS P 5 1.41 -12.29 -15.24
CA HIS P 5 2.13 -11.21 -15.90
C HIS P 5 1.25 -9.99 -16.08
N LEU P 6 1.91 -8.86 -16.29
CA LEU P 6 1.26 -7.64 -16.75
C LEU P 6 1.25 -7.56 -18.27
N CYS P 7 0.54 -6.57 -18.78
CA CYS P 7 0.24 -6.54 -20.20
C CYS P 7 1.48 -6.26 -21.04
N GLY P 8 2.37 -5.40 -20.56
CA GLY P 8 3.50 -5.00 -21.36
C GLY P 8 4.40 -6.18 -21.68
N SER P 9 4.46 -7.14 -20.76
CA SER P 9 5.26 -8.34 -21.00
C SER P 9 4.77 -9.10 -22.23
N HIS P 10 3.45 -9.23 -22.40
CA HIS P 10 2.90 -9.94 -23.55
C HIS P 10 3.02 -9.12 -24.85
N LEU P 11 2.93 -7.79 -24.76
CA LEU P 11 3.06 -6.94 -25.94
C LEU P 11 4.47 -7.00 -26.55
N VAL P 12 5.53 -6.98 -25.73
CA VAL P 12 6.85 -7.04 -26.34
C VAL P 12 7.09 -8.44 -26.91
N GLU P 13 6.48 -9.47 -26.33
CA GLU P 13 6.54 -10.80 -26.95
C GLU P 13 5.87 -10.80 -28.32
N ALA P 14 4.73 -10.12 -28.45
CA ALA P 14 4.04 -10.03 -29.73
C ALA P 14 4.82 -9.20 -30.74
N LEU P 15 5.28 -8.00 -30.34
CA LEU P 15 6.13 -7.19 -31.21
C LEU P 15 7.35 -7.96 -31.68
N TYR P 16 7.91 -8.81 -30.83
CA TYR P 16 9.08 -9.59 -31.21
C TYR P 16 8.75 -10.64 -32.27
N LEU P 17 7.55 -11.22 -32.24
CA LEU P 17 7.17 -12.14 -33.31
C LEU P 17 6.77 -11.36 -34.58
N VAL P 18 6.00 -10.27 -34.41
CA VAL P 18 5.39 -9.57 -35.53
C VAL P 18 6.39 -8.77 -36.37
N CYS P 19 7.43 -8.19 -35.75
CA CYS P 19 8.35 -7.37 -36.53
C CYS P 19 9.59 -8.12 -37.01
N GLY P 20 9.70 -9.41 -36.71
CA GLY P 20 10.80 -10.22 -37.19
C GLY P 20 12.17 -9.57 -37.17
N GLU P 21 12.80 -9.56 -38.33
CA GLU P 21 14.17 -9.11 -38.48
C GLU P 21 14.26 -7.59 -38.55
N ARG P 22 13.12 -6.90 -38.49
CA ARG P 22 13.10 -5.45 -38.60
C ARG P 22 13.09 -4.78 -37.24
N GLY P 23 13.09 -5.56 -36.17
CA GLY P 23 13.12 -4.97 -34.85
C GLY P 23 11.90 -4.14 -34.55
N PHE P 24 11.83 -3.62 -33.32
CA PHE P 24 10.68 -2.85 -32.90
C PHE P 24 11.14 -1.83 -31.89
N PHE P 25 10.33 -0.79 -31.72
CA PHE P 25 10.49 0.13 -30.62
C PHE P 25 9.31 -0.04 -29.69
N TYR P 26 9.54 0.15 -28.40
CA TYR P 26 8.49 -0.04 -27.40
C TYR P 26 8.60 1.10 -26.38
N THR P 27 7.73 2.09 -26.52
CA THR P 27 7.71 3.25 -25.61
C THR P 27 6.30 3.40 -25.08
N PRO P 28 6.05 3.09 -23.81
CA PRO P 28 4.70 3.28 -23.25
C PRO P 28 4.26 4.74 -23.12
N LYS P 29 4.77 5.62 -23.99
CA LYS P 29 4.41 7.06 -24.06
C LYS P 29 4.84 7.88 -22.83
#